data_5UID
#
_entry.id   5UID
#
_cell.length_a   139.601
_cell.length_b   198.093
_cell.length_c   60.561
_cell.angle_alpha   90.00
_cell.angle_beta   90.00
_cell.angle_gamma   90.00
#
_symmetry.space_group_name_H-M   'P 21 21 2'
#
loop_
_entity.id
_entity.type
_entity.pdbx_description
1 polymer 'Aminotransferase TlmJ'
2 non-polymer 'SULFATE ION'
3 non-polymer "PYRIDOXAL-5'-PHOSPHATE"
4 water water
#
_entity_poly.entity_id   1
_entity_poly.type   'polypeptide(L)'
_entity_poly.pdbx_seq_one_letter_code
;SNA(MSE)G(MSE)INVFQPTLGEAELAAVREVFASGWLGRGPRTKVFEADFAEHLGVGAEQVVSVSCCTEGLFLS
(MSE)ELLGVGPGDEVVLPSISFVGAANAIAARGARPVFCDVDPATLNPTADHVAEKLGPRTKAVVVLHYGGYPGDLVAI
AELCRERGVPLVEDSACAVASQVDGRACGTLGDVGVWSFDA(MSE)(LLP)ILVTGDGG(MSE)LCFRDPELAERARKLA
SLG(MSE)AQSSGFANATADAEARWWEFEVTAFGRRSISNDVAASIGSVQLRRLPEFVRRRREIAERYDQGLSTVDGLRC
PPPLPAGHTSSYYFYWVR(MSE)DASVRDA(MSE)ARRLYDRGVYTTFRYAPLHLVSAYGHEGSLPGAERAAEETLCLPL
HQALSDSDVETVIGEVRAGLAALTAPSGSSVPTVSSFPASRP
;
_entity_poly.pdbx_strand_id   A,B,C,D
#
# COMPACT_ATOMS: atom_id res chain seq x y z
N GLY A 5 -3.39 16.71 -28.89
CA GLY A 5 -4.47 16.05 -28.18
C GLY A 5 -5.56 15.53 -29.10
N ILE A 7 -9.73 14.81 -29.62
CA ILE A 7 -11.12 15.08 -29.21
C ILE A 7 -11.96 13.86 -29.56
N ASN A 8 -12.51 13.21 -28.54
CA ASN A 8 -13.21 11.95 -28.72
C ASN A 8 -14.67 12.17 -29.09
N VAL A 9 -15.26 11.15 -29.73
CA VAL A 9 -16.68 11.19 -30.09
C VAL A 9 -17.55 10.93 -28.87
N PHE A 10 -17.16 9.96 -28.04
CA PHE A 10 -17.87 9.64 -26.81
C PHE A 10 -16.91 9.82 -25.64
N GLN A 11 -17.44 10.33 -24.52
CA GLN A 11 -16.63 10.47 -23.32
C GLN A 11 -17.51 10.62 -22.10
N PRO A 12 -17.30 9.82 -21.06
CA PRO A 12 -18.08 9.99 -19.82
C PRO A 12 -17.44 11.02 -18.91
N THR A 13 -18.23 11.47 -17.93
CA THR A 13 -17.77 12.41 -16.91
C THR A 13 -18.11 11.84 -15.54
N LEU A 14 -17.12 11.21 -14.90
CA LEU A 14 -17.26 10.71 -13.54
C LEU A 14 -16.15 11.32 -12.69
N GLY A 15 -16.52 11.81 -11.50
CA GLY A 15 -15.57 12.52 -10.67
C GLY A 15 -15.71 12.28 -9.18
N GLU A 16 -15.61 13.34 -8.39
CA GLU A 16 -15.56 13.19 -6.93
C GLU A 16 -16.86 12.63 -6.37
N ALA A 17 -18.00 13.06 -6.90
CA ALA A 17 -19.28 12.59 -6.37
C ALA A 17 -19.45 11.09 -6.63
N GLU A 18 -19.04 10.62 -7.81
CA GLU A 18 -19.08 9.18 -8.09
C GLU A 18 -18.06 8.44 -7.25
N LEU A 19 -16.90 9.04 -7.00
CA LEU A 19 -15.90 8.40 -6.16
C LEU A 19 -16.38 8.25 -4.73
N ALA A 20 -17.05 9.28 -4.21
CA ALA A 20 -17.56 9.22 -2.84
C ALA A 20 -18.58 8.10 -2.68
N ALA A 21 -19.40 7.88 -3.71
CA ALA A 21 -20.34 6.75 -3.67
C ALA A 21 -19.60 5.43 -3.63
N VAL A 22 -18.58 5.28 -4.48
CA VAL A 22 -17.78 4.06 -4.46
C VAL A 22 -17.10 3.87 -3.11
N ARG A 23 -16.62 4.97 -2.52
CA ARG A 23 -15.92 4.90 -1.24
C ARG A 23 -16.81 4.29 -0.17
N GLU A 24 -18.05 4.78 -0.04
CA GLU A 24 -18.91 4.28 1.03
C GLU A 24 -19.41 2.88 0.74
N VAL A 25 -19.53 2.49 -0.53
CA VAL A 25 -19.83 1.10 -0.86
C VAL A 25 -18.66 0.20 -0.44
N PHE A 26 -17.43 0.62 -0.73
CA PHE A 26 -16.26 -0.14 -0.29
C PHE A 26 -16.25 -0.29 1.23
N ALA A 27 -16.54 0.79 1.95
CA ALA A 27 -16.52 0.73 3.42
C ALA A 27 -17.62 -0.15 3.97
N SER A 28 -18.77 -0.23 3.30
CA SER A 28 -19.88 -1.05 3.79
C SER A 28 -19.57 -2.55 3.72
N GLY A 29 -18.63 -2.94 2.85
CA GLY A 29 -18.31 -4.34 2.69
C GLY A 29 -19.32 -5.15 1.90
N TRP A 30 -20.41 -4.52 1.42
CA TRP A 30 -21.41 -5.19 0.61
C TRP A 30 -21.33 -4.62 -0.80
N LEU A 31 -20.60 -5.30 -1.68
CA LEU A 31 -20.38 -4.81 -3.03
C LEU A 31 -21.30 -5.45 -4.07
N GLY A 32 -21.85 -6.63 -3.79
CA GLY A 32 -22.76 -7.27 -4.71
C GLY A 32 -24.13 -6.61 -4.71
N ARG A 33 -25.06 -7.25 -5.43
CA ARG A 33 -26.42 -6.74 -5.49
C ARG A 33 -27.02 -6.61 -4.10
N GLY A 34 -27.41 -5.40 -3.73
CA GLY A 34 -27.96 -5.13 -2.42
C GLY A 34 -28.85 -3.91 -2.39
N PRO A 35 -28.80 -3.17 -1.27
CA PRO A 35 -29.69 -2.00 -1.15
C PRO A 35 -29.42 -0.90 -2.17
N ARG A 36 -28.19 -0.76 -2.64
CA ARG A 36 -27.90 0.29 -3.63
C ARG A 36 -28.51 -0.04 -4.98
N THR A 37 -28.56 -1.32 -5.36
CA THR A 37 -29.24 -1.71 -6.58
C THR A 37 -30.74 -1.42 -6.49
N LYS A 38 -31.33 -1.66 -5.33
CA LYS A 38 -32.75 -1.38 -5.15
C LYS A 38 -33.02 0.12 -5.25
N VAL A 39 -32.12 0.95 -4.70
CA VAL A 39 -32.29 2.40 -4.78
C VAL A 39 -32.17 2.88 -6.22
N PHE A 40 -31.17 2.39 -6.95
CA PHE A 40 -30.97 2.83 -8.33
C PHE A 40 -32.15 2.41 -9.21
N GLU A 41 -32.66 1.19 -9.01
CA GLU A 41 -33.86 0.78 -9.74
C GLU A 41 -35.02 1.71 -9.45
N ALA A 42 -35.24 2.01 -8.17
CA ALA A 42 -36.33 2.93 -7.81
C ALA A 42 -36.08 4.32 -8.39
N ASP A 43 -34.83 4.78 -8.38
CA ASP A 43 -34.51 6.07 -8.96
C ASP A 43 -34.77 6.08 -10.46
N PHE A 44 -34.29 5.05 -11.17
CA PHE A 44 -34.46 5.00 -12.61
C PHE A 44 -35.93 4.85 -12.99
N ALA A 45 -36.68 4.05 -12.24
CA ALA A 45 -38.11 3.89 -12.51
C ALA A 45 -38.85 5.22 -12.40
N GLU A 46 -38.51 6.02 -11.39
CA GLU A 46 -39.10 7.36 -11.28
C GLU A 46 -38.69 8.23 -12.46
N HIS A 47 -37.45 8.12 -12.90
CA HIS A 47 -36.99 8.85 -14.08
C HIS A 47 -37.81 8.48 -15.31
N LEU A 48 -38.17 7.20 -15.44
CA LEU A 48 -38.99 6.75 -16.57
C LEU A 48 -40.46 7.02 -16.37
N GLY A 49 -40.88 7.32 -15.15
CA GLY A 49 -42.30 7.47 -14.87
C GLY A 49 -43.06 6.16 -14.80
N VAL A 50 -42.41 5.09 -14.34
CA VAL A 50 -43.02 3.78 -14.23
C VAL A 50 -42.84 3.27 -12.80
N GLY A 51 -43.45 2.12 -12.52
CA GLY A 51 -43.31 1.51 -11.21
C GLY A 51 -41.98 0.81 -11.04
N ALA A 52 -41.51 0.77 -9.79
CA ALA A 52 -40.25 0.09 -9.50
C ALA A 52 -40.33 -1.40 -9.82
N GLU A 53 -41.52 -1.99 -9.72
CA GLU A 53 -41.68 -3.41 -9.97
C GLU A 53 -41.43 -3.79 -11.43
N GLN A 54 -41.55 -2.84 -12.35
CA GLN A 54 -41.38 -3.11 -13.77
C GLN A 54 -39.92 -3.12 -14.22
N VAL A 55 -39.01 -2.68 -13.36
CA VAL A 55 -37.65 -2.38 -13.77
C VAL A 55 -36.71 -3.40 -13.13
N VAL A 56 -35.75 -3.89 -13.92
CA VAL A 56 -34.82 -4.93 -13.50
C VAL A 56 -33.41 -4.54 -13.94
N SER A 57 -32.50 -4.42 -12.98
CA SER A 57 -31.11 -4.13 -13.28
C SER A 57 -30.42 -5.36 -13.85
N VAL A 58 -29.58 -5.15 -14.87
CA VAL A 58 -28.82 -6.22 -15.50
C VAL A 58 -27.39 -5.77 -15.73
N SER A 59 -26.55 -6.70 -16.21
CA SER A 59 -25.13 -6.44 -16.32
C SER A 59 -24.81 -5.44 -17.42
N CYS A 60 -25.56 -5.49 -18.52
CA CYS A 60 -25.33 -4.59 -19.66
C CYS A 60 -26.55 -4.65 -20.57
N CYS A 61 -26.55 -3.77 -21.57
CA CYS A 61 -27.70 -3.70 -22.47
C CYS A 61 -27.75 -4.92 -23.39
N THR A 62 -26.60 -5.36 -23.89
CA THR A 62 -26.58 -6.55 -24.73
C THR A 62 -27.20 -7.74 -23.99
N GLU A 63 -26.83 -7.92 -22.74
CA GLU A 63 -27.41 -9.00 -21.94
C GLU A 63 -28.91 -8.79 -21.77
N GLY A 64 -29.33 -7.54 -21.59
CA GLY A 64 -30.76 -7.25 -21.54
C GLY A 64 -31.46 -7.57 -22.84
N LEU A 65 -30.78 -7.38 -23.97
CA LEU A 65 -31.37 -7.71 -25.26
C LEU A 65 -31.47 -9.23 -25.43
N PHE A 66 -30.42 -9.96 -25.07
CA PHE A 66 -30.46 -11.41 -25.13
C PHE A 66 -31.56 -11.97 -24.23
N LEU A 67 -31.70 -11.41 -23.02
CA LEU A 67 -32.72 -11.90 -22.10
C LEU A 67 -34.12 -11.68 -22.67
N SER A 68 -34.36 -10.52 -23.29
CA SER A 68 -35.70 -10.24 -23.80
C SER A 68 -36.09 -11.22 -24.89
N GLU A 70 -35.03 -14.22 -25.07
CA GLU A 70 -35.30 -15.46 -24.35
C GLU A 70 -36.68 -15.44 -23.70
N LEU A 71 -37.00 -14.35 -23.01
CA LEU A 71 -38.28 -14.27 -22.30
C LEU A 71 -39.44 -14.30 -23.29
N LEU A 72 -39.28 -13.68 -24.46
CA LEU A 72 -40.34 -13.67 -25.46
C LEU A 72 -40.49 -15.01 -26.16
N GLY A 73 -39.50 -15.89 -26.04
CA GLY A 73 -39.62 -17.22 -26.60
C GLY A 73 -39.36 -17.34 -28.07
N VAL A 74 -38.54 -16.46 -28.65
CA VAL A 74 -38.21 -16.58 -30.06
C VAL A 74 -37.26 -17.76 -30.26
N GLY A 75 -37.34 -18.38 -31.43
CA GLY A 75 -36.54 -19.54 -31.73
C GLY A 75 -36.52 -19.88 -33.20
N PRO A 76 -36.15 -21.12 -33.53
CA PRO A 76 -36.12 -21.53 -34.94
C PRO A 76 -37.47 -21.38 -35.60
N GLY A 77 -37.46 -20.85 -36.82
CA GLY A 77 -38.67 -20.57 -37.56
C GLY A 77 -39.28 -19.22 -37.29
N ASP A 78 -38.84 -18.53 -36.24
CA ASP A 78 -39.34 -17.19 -35.92
C ASP A 78 -38.50 -16.13 -36.61
N GLU A 79 -39.08 -14.94 -36.73
CA GLU A 79 -38.41 -13.78 -37.31
C GLU A 79 -38.59 -12.59 -36.41
N VAL A 80 -37.56 -11.74 -36.34
CA VAL A 80 -37.62 -10.50 -35.57
C VAL A 80 -37.18 -9.36 -36.48
N VAL A 81 -38.03 -8.35 -36.60
CA VAL A 81 -37.76 -7.20 -37.44
C VAL A 81 -37.00 -6.15 -36.64
N LEU A 82 -35.94 -5.60 -37.23
CA LEU A 82 -35.17 -4.53 -36.64
C LEU A 82 -34.52 -3.75 -37.78
N PRO A 83 -34.30 -2.44 -37.61
CA PRO A 83 -33.65 -1.68 -38.68
C PRO A 83 -32.23 -2.17 -38.91
N SER A 84 -31.78 -2.05 -40.17
CA SER A 84 -30.39 -2.36 -40.49
C SER A 84 -29.43 -1.52 -39.64
N ILE A 85 -29.85 -0.31 -39.28
CA ILE A 85 -29.05 0.55 -38.40
C ILE A 85 -29.45 0.17 -36.98
N SER A 86 -28.90 -0.95 -36.52
CA SER A 86 -29.10 -1.41 -35.15
C SER A 86 -27.76 -1.87 -34.58
N PHE A 87 -27.71 -1.93 -33.25
CA PHE A 87 -26.51 -2.42 -32.59
C PHE A 87 -26.35 -3.91 -32.86
N VAL A 88 -25.08 -4.33 -33.03
CA VAL A 88 -24.81 -5.72 -33.42
C VAL A 88 -25.33 -6.70 -32.38
N GLY A 89 -25.33 -6.31 -31.11
CA GLY A 89 -25.82 -7.18 -30.07
C GLY A 89 -27.30 -7.48 -30.17
N ALA A 90 -28.07 -6.56 -30.75
CA ALA A 90 -29.50 -6.79 -30.93
C ALA A 90 -29.73 -7.90 -31.96
N ALA A 91 -28.98 -7.89 -33.06
CA ALA A 91 -29.13 -8.95 -34.06
C ALA A 91 -28.58 -10.27 -33.54
N ASN A 92 -27.47 -10.22 -32.79
CA ASN A 92 -26.92 -11.44 -32.20
C ASN A 92 -27.90 -12.05 -31.21
N ALA A 93 -28.63 -11.22 -30.46
CA ALA A 93 -29.61 -11.74 -29.52
C ALA A 93 -30.70 -12.52 -30.24
N ILE A 94 -31.00 -12.17 -31.50
CA ILE A 94 -32.01 -12.88 -32.26
C ILE A 94 -31.46 -14.17 -32.82
N ALA A 95 -30.33 -14.09 -33.53
CA ALA A 95 -29.79 -15.26 -34.21
C ALA A 95 -29.25 -16.32 -33.25
N ALA A 96 -28.88 -15.95 -32.02
CA ALA A 96 -28.36 -16.93 -31.08
C ALA A 96 -29.46 -17.89 -30.61
N ARG A 97 -30.71 -17.45 -30.62
CA ARG A 97 -31.84 -18.30 -30.27
C ARG A 97 -32.29 -19.19 -31.42
N GLY A 98 -31.69 -19.07 -32.59
CA GLY A 98 -32.14 -19.77 -33.76
C GLY A 98 -33.12 -19.01 -34.63
N ALA A 99 -33.48 -17.80 -34.25
CA ALA A 99 -34.41 -16.97 -35.02
C ALA A 99 -33.66 -16.20 -36.11
N ARG A 100 -34.43 -15.71 -37.08
CA ARG A 100 -33.87 -15.01 -38.22
C ARG A 100 -34.07 -13.51 -38.07
N PRO A 101 -33.00 -12.73 -37.94
CA PRO A 101 -33.16 -11.26 -37.92
C PRO A 101 -33.54 -10.76 -39.30
N VAL A 102 -34.68 -10.06 -39.37
CA VAL A 102 -35.20 -9.53 -40.63
C VAL A 102 -35.01 -8.03 -40.61
N PHE A 103 -34.06 -7.53 -41.39
CA PHE A 103 -33.69 -6.13 -41.34
C PHE A 103 -34.63 -5.27 -42.19
N CYS A 104 -35.01 -4.12 -41.65
CA CYS A 104 -35.82 -3.15 -42.37
C CYS A 104 -35.01 -1.88 -42.63
N ASP A 105 -35.51 -1.08 -43.58
CA ASP A 105 -34.81 0.12 -44.00
C ASP A 105 -35.00 1.24 -42.99
N VAL A 106 -34.32 2.37 -43.24
CA VAL A 106 -34.40 3.55 -42.38
C VAL A 106 -34.50 4.80 -43.24
N ASP A 107 -35.01 5.85 -42.63
CA ASP A 107 -34.96 7.19 -43.22
C ASP A 107 -33.51 7.65 -43.24
N PRO A 108 -32.92 7.94 -44.41
CA PRO A 108 -31.50 8.32 -44.43
C PRO A 108 -31.21 9.64 -43.72
N ALA A 109 -32.19 10.53 -43.62
CA ALA A 109 -31.96 11.81 -42.93
C ALA A 109 -31.82 11.62 -41.43
N THR A 110 -32.54 10.65 -40.85
CA THR A 110 -32.55 10.44 -39.41
C THR A 110 -31.93 9.12 -38.98
N LEU A 111 -31.69 8.20 -39.92
CA LEU A 111 -31.18 6.86 -39.63
C LEU A 111 -32.11 6.08 -38.70
N ASN A 112 -33.39 6.46 -38.64
CA ASN A 112 -34.44 5.76 -37.92
C ASN A 112 -35.44 5.17 -38.92
N PRO A 113 -36.04 4.03 -38.59
CA PRO A 113 -37.07 3.46 -39.46
C PRO A 113 -38.43 4.10 -39.20
N THR A 114 -39.21 4.19 -40.26
CA THR A 114 -40.59 4.60 -40.14
C THR A 114 -41.47 3.38 -39.83
N ALA A 115 -42.73 3.64 -39.48
CA ALA A 115 -43.67 2.55 -39.31
C ALA A 115 -43.88 1.79 -40.62
N ASP A 116 -43.79 2.48 -41.75
CA ASP A 116 -43.93 1.82 -43.04
C ASP A 116 -42.75 0.89 -43.32
N HIS A 117 -41.55 1.28 -42.89
CA HIS A 117 -40.38 0.42 -43.07
C HIS A 117 -40.52 -0.88 -42.27
N VAL A 118 -40.99 -0.78 -41.03
CA VAL A 118 -41.20 -1.96 -40.20
C VAL A 118 -42.30 -2.83 -40.79
N ALA A 119 -43.41 -2.21 -41.22
CA ALA A 119 -44.54 -2.97 -41.72
C ALA A 119 -44.17 -3.79 -42.96
N GLU A 120 -43.26 -3.27 -43.80
CA GLU A 120 -42.90 -3.97 -45.02
C GLU A 120 -42.16 -5.28 -44.73
N LYS A 121 -41.62 -5.45 -43.53
CA LYS A 121 -40.92 -6.66 -43.15
C LYS A 121 -41.71 -7.54 -42.20
N LEU A 122 -42.89 -7.10 -41.77
CA LEU A 122 -43.73 -7.93 -40.91
C LEU A 122 -44.31 -9.09 -41.71
N GLY A 123 -44.40 -10.26 -41.07
CA GLY A 123 -44.92 -11.44 -41.72
C GLY A 123 -45.50 -12.44 -40.74
N PRO A 124 -45.86 -13.62 -41.24
CA PRO A 124 -46.42 -14.67 -40.36
C PRO A 124 -45.47 -15.12 -39.28
N ARG A 125 -44.16 -15.07 -39.52
CA ARG A 125 -43.18 -15.56 -38.56
C ARG A 125 -42.71 -14.50 -37.57
N THR A 126 -43.12 -13.25 -37.73
CA THR A 126 -42.61 -12.16 -36.91
C THR A 126 -43.07 -12.34 -35.46
N LYS A 127 -42.11 -12.47 -34.54
CA LYS A 127 -42.42 -12.64 -33.13
C LYS A 127 -42.03 -11.44 -32.28
N ALA A 128 -41.28 -10.49 -32.83
CA ALA A 128 -40.89 -9.30 -32.09
C ALA A 128 -40.38 -8.25 -33.05
N VAL A 129 -40.37 -7.01 -32.60
CA VAL A 129 -39.77 -5.89 -33.32
C VAL A 129 -38.83 -5.17 -32.36
N VAL A 130 -37.61 -4.90 -32.81
CA VAL A 130 -36.62 -4.18 -32.02
C VAL A 130 -36.30 -2.88 -32.75
N VAL A 131 -36.34 -1.78 -32.02
CA VAL A 131 -36.04 -0.47 -32.58
C VAL A 131 -35.17 0.30 -31.58
N LEU A 132 -34.36 1.21 -32.10
CA LEU A 132 -33.63 2.16 -31.27
C LEU A 132 -34.10 3.57 -31.61
N HIS A 133 -33.50 4.54 -30.92
CA HIS A 133 -33.85 5.95 -31.07
C HIS A 133 -32.58 6.67 -31.49
N TYR A 134 -32.32 6.70 -32.80
CA TYR A 134 -31.00 7.06 -33.29
C TYR A 134 -30.57 8.44 -32.79
N GLY A 135 -29.40 8.47 -32.13
CA GLY A 135 -28.84 9.70 -31.63
C GLY A 135 -29.59 10.33 -30.48
N GLY A 136 -30.66 9.69 -29.99
CA GLY A 136 -31.53 10.28 -29.00
C GLY A 136 -32.87 10.72 -29.57
N TYR A 137 -32.96 10.89 -30.89
CA TYR A 137 -34.22 11.20 -31.54
C TYR A 137 -35.16 10.02 -31.42
N PRO A 138 -36.36 10.18 -30.84
CA PRO A 138 -37.29 9.04 -30.77
C PRO A 138 -37.76 8.56 -32.13
N GLY A 139 -37.86 9.44 -33.12
CA GLY A 139 -38.25 9.01 -34.44
C GLY A 139 -39.74 8.72 -34.54
N ASP A 140 -40.07 7.73 -35.35
CA ASP A 140 -41.46 7.30 -35.56
C ASP A 140 -41.92 6.30 -34.50
N LEU A 141 -41.45 6.47 -33.26
CA LEU A 141 -41.68 5.47 -32.22
C LEU A 141 -43.16 5.25 -31.95
N VAL A 142 -43.96 6.32 -31.95
CA VAL A 142 -45.37 6.18 -31.59
C VAL A 142 -46.11 5.36 -32.65
N ALA A 143 -45.90 5.68 -33.93
CA ALA A 143 -46.56 4.92 -34.98
C ALA A 143 -46.04 3.48 -35.04
N ILE A 144 -44.75 3.28 -34.77
CA ILE A 144 -44.19 1.93 -34.74
C ILE A 144 -44.85 1.12 -33.63
N ALA A 145 -44.96 1.73 -32.43
CA ALA A 145 -45.59 1.03 -31.32
C ALA A 145 -47.06 0.73 -31.62
N GLU A 146 -47.76 1.67 -32.26
CA GLU A 146 -49.16 1.43 -32.62
C GLU A 146 -49.29 0.31 -33.63
N LEU A 147 -48.37 0.25 -34.60
CA LEU A 147 -48.39 -0.83 -35.59
C LEU A 147 -48.20 -2.19 -34.93
N CYS A 148 -47.19 -2.30 -34.05
CA CYS A 148 -46.97 -3.56 -33.34
C CYS A 148 -48.15 -3.90 -32.44
N ARG A 149 -48.79 -2.89 -31.84
CA ARG A 149 -49.97 -3.13 -31.04
C ARG A 149 -51.12 -3.68 -31.88
N GLU A 150 -51.32 -3.14 -33.09
CA GLU A 150 -52.37 -3.62 -33.96
C GLU A 150 -52.06 -5.03 -34.49
N ARG A 151 -50.78 -5.30 -34.76
CA ARG A 151 -50.37 -6.61 -35.26
C ARG A 151 -50.17 -7.65 -34.17
N GLY A 152 -50.27 -7.26 -32.90
CA GLY A 152 -50.04 -8.19 -31.82
C GLY A 152 -48.60 -8.64 -31.66
N VAL A 153 -47.65 -7.83 -32.13
CA VAL A 153 -46.24 -8.16 -32.11
C VAL A 153 -45.57 -7.42 -30.95
N PRO A 154 -44.85 -8.11 -30.07
CA PRO A 154 -44.15 -7.40 -28.99
C PRO A 154 -43.08 -6.46 -29.55
N LEU A 155 -42.98 -5.28 -28.95
CA LEU A 155 -42.02 -4.26 -29.36
C LEU A 155 -40.96 -4.11 -28.27
N VAL A 156 -39.70 -4.27 -28.65
CA VAL A 156 -38.56 -4.08 -27.75
C VAL A 156 -37.84 -2.80 -28.15
N GLU A 157 -37.61 -1.93 -27.18
CA GLU A 157 -36.94 -0.65 -27.42
C GLU A 157 -35.51 -0.73 -26.90
N ASP A 158 -34.55 -0.74 -27.82
CA ASP A 158 -33.15 -0.54 -27.46
C ASP A 158 -32.99 0.96 -27.23
N SER A 159 -33.12 1.38 -25.97
CA SER A 159 -33.08 2.78 -25.60
C SER A 159 -31.69 3.26 -25.19
N ALA A 160 -30.63 2.59 -25.65
CA ALA A 160 -29.28 2.96 -25.23
C ALA A 160 -28.90 4.36 -25.72
N CYS A 161 -29.50 4.81 -26.82
CA CYS A 161 -29.23 6.16 -27.31
C CYS A 161 -30.10 7.22 -26.64
N ALA A 162 -31.12 6.83 -25.88
CA ALA A 162 -32.18 7.76 -25.47
C ALA A 162 -32.49 7.60 -23.98
N VAL A 163 -31.47 7.75 -23.14
CA VAL A 163 -31.66 7.59 -21.71
C VAL A 163 -32.53 8.70 -21.12
N ALA A 164 -32.62 9.85 -21.78
CA ALA A 164 -33.43 10.97 -21.29
C ALA A 164 -34.43 11.48 -22.33
N SER A 165 -34.60 10.77 -23.45
CA SER A 165 -35.47 11.22 -24.51
C SER A 165 -36.93 10.92 -24.19
N GLN A 166 -37.82 11.78 -24.66
CA GLN A 166 -39.24 11.66 -24.38
C GLN A 166 -40.06 12.02 -25.60
N VAL A 167 -41.27 11.47 -25.66
CA VAL A 167 -42.29 11.86 -26.62
C VAL A 167 -43.54 12.23 -25.84
N ASP A 168 -43.94 13.50 -25.92
CA ASP A 168 -45.13 14.00 -25.23
C ASP A 168 -45.09 13.65 -23.75
N GLY A 169 -43.92 13.82 -23.14
CA GLY A 169 -43.76 13.56 -21.72
C GLY A 169 -43.60 12.10 -21.33
N ARG A 170 -43.52 11.19 -22.29
CA ARG A 170 -43.35 9.77 -22.01
C ARG A 170 -41.95 9.33 -22.41
N ALA A 171 -41.26 8.66 -21.50
CA ALA A 171 -39.86 8.30 -21.72
C ALA A 171 -39.73 7.22 -22.78
N CYS A 172 -38.74 7.38 -23.65
CA CYS A 172 -38.39 6.33 -24.59
C CYS A 172 -38.01 5.07 -23.81
N GLY A 173 -38.42 3.91 -24.33
CA GLY A 173 -38.27 2.67 -23.62
C GLY A 173 -39.48 2.26 -22.80
N THR A 174 -40.53 3.08 -22.76
CA THR A 174 -41.75 2.76 -22.03
C THR A 174 -42.97 2.71 -22.94
N LEU A 175 -42.80 2.87 -24.26
CA LEU A 175 -43.93 2.83 -25.17
C LEU A 175 -44.19 1.43 -25.73
N GLY A 176 -43.16 0.61 -25.83
CA GLY A 176 -43.30 -0.76 -26.27
C GLY A 176 -43.55 -1.69 -25.11
N ASP A 177 -43.25 -2.97 -25.33
CA ASP A 177 -43.43 -3.98 -24.29
C ASP A 177 -42.20 -4.12 -23.41
N VAL A 178 -41.00 -3.98 -23.98
CA VAL A 178 -39.76 -4.09 -23.23
C VAL A 178 -38.85 -2.92 -23.62
N GLY A 179 -38.18 -2.35 -22.63
CA GLY A 179 -37.15 -1.35 -22.87
C GLY A 179 -35.83 -1.79 -22.26
N VAL A 180 -34.73 -1.50 -22.96
CA VAL A 180 -33.39 -1.84 -22.50
C VAL A 180 -32.51 -0.60 -22.60
N TRP A 181 -31.70 -0.37 -21.58
CA TRP A 181 -30.78 0.76 -21.53
C TRP A 181 -29.35 0.26 -21.32
N SER A 182 -28.39 1.09 -21.74
CA SER A 182 -26.98 0.82 -21.55
C SER A 182 -26.34 1.89 -20.70
N PHE A 183 -25.48 1.47 -19.78
CA PHE A 183 -24.69 2.39 -18.97
C PHE A 183 -23.20 2.13 -19.17
N ASP A 184 -22.81 1.68 -20.36
CA ASP A 184 -21.41 1.35 -20.60
C ASP A 184 -20.60 2.64 -20.77
N ALA A 185 -19.30 2.48 -20.98
CA ALA A 185 -18.37 3.60 -20.94
C ALA A 185 -18.61 4.63 -22.03
N ILE A 188 -24.33 7.99 -21.90
CA ILE A 188 -24.47 9.29 -21.23
C ILE A 188 -24.47 9.11 -19.72
N LEU A 189 -25.41 8.31 -19.21
CA LEU A 189 -25.36 7.85 -17.83
C LEU A 189 -24.44 6.63 -17.79
N VAL A 190 -23.28 6.77 -17.15
CA VAL A 190 -22.22 5.78 -17.24
C VAL A 190 -21.90 5.23 -15.85
N THR A 191 -21.91 3.90 -15.74
CA THR A 191 -21.50 3.20 -14.53
C THR A 191 -20.36 2.23 -14.82
N GLY A 192 -19.56 2.52 -15.85
CA GLY A 192 -18.55 1.60 -16.32
C GLY A 192 -19.18 0.54 -17.21
N ASP A 193 -19.85 -0.41 -16.59
CA ASP A 193 -20.75 -1.33 -17.29
C ASP A 193 -22.04 -1.41 -16.50
N GLY A 194 -23.15 -1.59 -17.22
CA GLY A 194 -24.44 -1.63 -16.57
C GLY A 194 -25.60 -1.60 -17.55
N GLY A 195 -26.68 -2.30 -17.20
CA GLY A 195 -27.87 -2.32 -18.03
C GLY A 195 -29.13 -2.17 -17.19
N LEU A 197 -33.57 -3.11 -17.57
CA LEU A 197 -34.74 -3.60 -18.29
C LEU A 197 -36.00 -2.95 -17.73
N CYS A 198 -36.95 -2.67 -18.61
CA CYS A 198 -38.27 -2.19 -18.19
C CYS A 198 -39.33 -2.98 -18.94
N PHE A 199 -40.24 -3.59 -18.20
CA PHE A 199 -41.29 -4.43 -18.77
C PHE A 199 -42.64 -3.79 -18.52
N ARG A 200 -43.48 -3.80 -19.57
CA ARG A 200 -44.86 -3.38 -19.39
C ARG A 200 -45.61 -4.37 -18.50
N ASP A 201 -45.29 -5.66 -18.62
CA ASP A 201 -45.91 -6.70 -17.82
C ASP A 201 -45.09 -6.94 -16.57
N PRO A 202 -45.64 -6.71 -15.37
CA PRO A 202 -44.86 -6.96 -14.15
C PRO A 202 -44.52 -8.42 -13.95
N GLU A 203 -45.38 -9.35 -14.38
CA GLU A 203 -45.06 -10.76 -14.25
C GLU A 203 -43.87 -11.15 -15.12
N LEU A 204 -43.71 -10.51 -16.28
CA LEU A 204 -42.54 -10.78 -17.10
C LEU A 204 -41.27 -10.22 -16.46
N ALA A 205 -41.39 -9.12 -15.71
CA ALA A 205 -40.26 -8.62 -14.95
C ALA A 205 -39.85 -9.59 -13.85
N GLU A 206 -40.83 -10.26 -13.23
CA GLU A 206 -40.51 -11.25 -12.21
C GLU A 206 -39.74 -12.42 -12.81
N ARG A 207 -40.12 -12.83 -14.03
CA ARG A 207 -39.36 -13.88 -14.72
C ARG A 207 -37.95 -13.42 -15.03
N ALA A 208 -37.79 -12.15 -15.43
CA ALA A 208 -36.47 -11.65 -15.78
C ALA A 208 -35.53 -11.65 -14.58
N ARG A 209 -36.05 -11.30 -13.41
CA ARG A 209 -35.21 -11.29 -12.21
C ARG A 209 -34.68 -12.68 -11.90
N LYS A 210 -35.51 -13.71 -12.05
CA LYS A 210 -35.07 -15.08 -11.80
C LYS A 210 -34.10 -15.53 -12.88
N LEU A 211 -34.44 -15.30 -14.14
CA LEU A 211 -33.57 -15.71 -15.24
C LEU A 211 -32.21 -15.03 -15.15
N ALA A 212 -32.18 -13.74 -14.80
CA ALA A 212 -30.92 -13.05 -14.63
C ALA A 212 -30.10 -13.59 -13.47
N SER A 213 -30.75 -14.21 -12.49
CA SER A 213 -30.06 -14.81 -11.35
C SER A 213 -29.94 -16.33 -11.51
N LEU A 214 -29.39 -16.76 -12.65
CA LEU A 214 -29.09 -18.16 -12.92
C LEU A 214 -30.32 -19.05 -12.97
N GLY A 215 -31.50 -18.46 -13.15
CA GLY A 215 -32.73 -19.23 -13.15
C GLY A 215 -33.11 -19.81 -11.81
N ALA A 217 -34.67 -20.22 -7.94
CA ALA A 217 -35.86 -19.83 -7.21
C ALA A 217 -35.89 -20.56 -5.88
N GLN A 218 -36.67 -20.04 -4.95
CA GLN A 218 -36.79 -20.64 -3.62
C GLN A 218 -37.68 -21.87 -3.65
N ARG A 232 -31.21 -25.76 4.35
CA ARG A 232 -32.14 -24.71 4.77
C ARG A 232 -32.18 -23.56 3.77
N TRP A 233 -31.57 -22.43 4.12
CA TRP A 233 -31.64 -21.25 3.28
C TRP A 233 -30.66 -21.26 2.12
N TRP A 234 -29.78 -22.26 2.04
CA TRP A 234 -28.82 -22.33 0.94
C TRP A 234 -29.30 -23.21 -0.21
N GLU A 235 -30.41 -23.92 -0.05
CA GLU A 235 -30.91 -24.81 -1.08
C GLU A 235 -31.83 -24.04 -2.03
N PHE A 236 -31.87 -24.49 -3.29
CA PHE A 236 -32.58 -23.77 -4.33
C PHE A 236 -33.07 -24.74 -5.39
N GLU A 237 -33.95 -24.24 -6.26
CA GLU A 237 -34.41 -24.96 -7.44
C GLU A 237 -34.07 -24.15 -8.68
N VAL A 238 -33.97 -24.83 -9.81
CA VAL A 238 -33.59 -24.23 -11.08
C VAL A 238 -34.77 -24.32 -12.03
N THR A 239 -35.28 -23.17 -12.46
CA THR A 239 -36.39 -23.09 -13.39
C THR A 239 -35.97 -22.74 -14.81
N ALA A 240 -34.71 -22.37 -15.01
CA ALA A 240 -34.18 -22.05 -16.31
C ALA A 240 -32.65 -22.09 -16.23
N PHE A 241 -32.02 -22.55 -17.31
CA PHE A 241 -30.56 -22.66 -17.37
C PHE A 241 -29.94 -21.29 -17.64
N GLY A 242 -30.19 -20.36 -16.71
CA GLY A 242 -29.81 -18.99 -16.93
C GLY A 242 -28.35 -18.70 -16.61
N ARG A 243 -27.84 -17.64 -17.23
CA ARG A 243 -26.52 -17.11 -16.92
C ARG A 243 -26.62 -16.25 -15.68
N ARG A 244 -25.51 -15.60 -15.31
CA ARG A 244 -25.50 -14.62 -14.23
C ARG A 244 -25.47 -13.24 -14.89
N SER A 245 -26.61 -12.57 -14.87
CA SER A 245 -26.83 -11.37 -15.67
C SER A 245 -27.13 -10.14 -14.82
N ILE A 246 -26.64 -10.13 -13.58
CA ILE A 246 -26.96 -9.08 -12.63
C ILE A 246 -25.82 -8.07 -12.61
N SER A 247 -26.11 -6.90 -12.04
CA SER A 247 -25.12 -5.88 -11.77
C SER A 247 -24.75 -5.94 -10.29
N ASN A 248 -24.05 -4.92 -9.79
CA ASN A 248 -23.61 -4.89 -8.40
C ASN A 248 -23.85 -3.52 -7.80
N ASP A 249 -23.72 -3.43 -6.48
CA ASP A 249 -24.01 -2.18 -5.78
C ASP A 249 -22.96 -1.12 -6.02
N VAL A 250 -21.75 -1.49 -6.45
CA VAL A 250 -20.76 -0.48 -6.80
C VAL A 250 -21.21 0.28 -8.04
N ALA A 251 -21.59 -0.44 -9.09
CA ALA A 251 -22.11 0.21 -10.28
C ALA A 251 -23.42 0.92 -10.01
N ALA A 252 -24.29 0.32 -9.19
CA ALA A 252 -25.58 0.94 -8.91
C ALA A 252 -25.41 2.26 -8.16
N SER A 253 -24.47 2.33 -7.22
CA SER A 253 -24.27 3.57 -6.49
C SER A 253 -23.74 4.67 -7.41
N ILE A 254 -22.90 4.31 -8.37
CA ILE A 254 -22.50 5.26 -9.39
C ILE A 254 -23.70 5.70 -10.22
N GLY A 255 -24.61 4.76 -10.52
CA GLY A 255 -25.76 5.09 -11.34
C GLY A 255 -26.67 6.14 -10.73
N SER A 256 -26.90 6.04 -9.42
CA SER A 256 -27.74 7.03 -8.75
C SER A 256 -27.11 8.41 -8.84
N VAL A 257 -25.78 8.49 -8.75
CA VAL A 257 -25.11 9.78 -8.87
C VAL A 257 -25.21 10.30 -10.30
N GLN A 258 -24.94 9.43 -11.27
CA GLN A 258 -25.03 9.84 -12.68
C GLN A 258 -26.45 10.24 -13.06
N LEU A 259 -27.45 9.55 -12.49
CA LEU A 259 -28.83 9.90 -12.80
C LEU A 259 -29.18 11.29 -12.33
N ARG A 260 -28.72 11.68 -11.13
CA ARG A 260 -28.97 13.02 -10.64
C ARG A 260 -28.28 14.08 -11.51
N ARG A 261 -27.15 13.73 -12.10
CA ARG A 261 -26.42 14.63 -12.98
C ARG A 261 -26.90 14.58 -14.43
N LEU A 262 -27.73 13.60 -14.78
CA LEU A 262 -28.16 13.42 -16.17
C LEU A 262 -28.78 14.66 -16.77
N PRO A 263 -29.72 15.36 -16.12
CA PRO A 263 -30.26 16.58 -16.74
C PRO A 263 -29.19 17.59 -17.11
N GLU A 264 -28.18 17.76 -16.26
CA GLU A 264 -27.11 18.70 -16.58
C GLU A 264 -26.27 18.21 -17.75
N PHE A 265 -26.05 16.89 -17.84
CA PHE A 265 -25.35 16.33 -18.99
C PHE A 265 -26.08 16.63 -20.28
N VAL A 266 -27.41 16.40 -20.30
CA VAL A 266 -28.19 16.59 -21.52
C VAL A 266 -28.24 18.06 -21.90
N ARG A 267 -28.41 18.95 -20.92
CA ARG A 267 -28.43 20.38 -21.22
C ARG A 267 -27.12 20.83 -21.85
N ARG A 268 -26.00 20.32 -21.33
CA ARG A 268 -24.71 20.67 -21.93
C ARG A 268 -24.59 20.12 -23.34
N ARG A 269 -25.01 18.86 -23.54
CA ARG A 269 -24.99 18.29 -24.88
C ARG A 269 -25.92 19.04 -25.83
N ARG A 270 -27.05 19.54 -25.32
CA ARG A 270 -27.98 20.26 -26.17
C ARG A 270 -27.40 21.60 -26.64
N GLU A 271 -26.74 22.32 -25.73
CA GLU A 271 -26.16 23.61 -26.13
C GLU A 271 -24.97 23.42 -27.06
N ILE A 272 -24.29 22.27 -26.98
CA ILE A 272 -23.24 21.97 -27.95
C ILE A 272 -23.85 21.76 -29.33
N ALA A 273 -24.88 20.91 -29.41
CA ALA A 273 -25.51 20.66 -30.70
C ALA A 273 -26.11 21.93 -31.30
N GLU A 274 -26.61 22.83 -30.46
CA GLU A 274 -27.15 24.08 -30.97
C GLU A 274 -26.03 24.97 -31.49
N ARG A 275 -24.88 25.00 -30.80
CA ARG A 275 -23.72 25.70 -31.33
C ARG A 275 -23.25 25.07 -32.63
N TYR A 276 -23.29 23.73 -32.71
CA TYR A 276 -23.01 23.06 -33.98
C TYR A 276 -23.97 23.51 -35.07
N ASP A 277 -25.27 23.54 -34.75
CA ASP A 277 -26.26 24.00 -35.71
C ASP A 277 -25.94 25.41 -36.20
N GLN A 278 -25.54 26.29 -35.28
CA GLN A 278 -25.24 27.68 -35.66
C GLN A 278 -24.06 27.77 -36.61
N GLY A 279 -22.99 27.00 -36.33
CA GLY A 279 -21.78 27.12 -37.11
C GLY A 279 -21.74 26.32 -38.40
N LEU A 280 -22.67 25.39 -38.60
CA LEU A 280 -22.62 24.49 -39.74
C LEU A 280 -23.87 24.49 -40.60
N SER A 281 -24.87 25.32 -40.28
CA SER A 281 -26.14 25.26 -41.01
C SER A 281 -25.99 25.75 -42.45
N THR A 282 -25.41 26.93 -42.63
CA THR A 282 -25.28 27.53 -43.96
C THR A 282 -24.06 27.03 -44.72
N VAL A 283 -23.56 25.83 -44.40
CA VAL A 283 -22.39 25.28 -45.05
C VAL A 283 -22.86 24.38 -46.19
N ASP A 284 -22.53 24.77 -47.42
CA ASP A 284 -22.91 23.98 -48.59
C ASP A 284 -22.14 22.66 -48.61
N GLY A 285 -22.83 21.59 -49.01
CA GLY A 285 -22.26 20.27 -49.01
C GLY A 285 -22.39 19.53 -47.70
N LEU A 286 -23.05 20.11 -46.71
CA LEU A 286 -23.21 19.49 -45.40
C LEU A 286 -24.67 19.64 -44.96
N ARG A 287 -25.18 18.61 -44.29
CA ARG A 287 -26.54 18.61 -43.77
C ARG A 287 -26.50 18.28 -42.29
N CYS A 288 -26.90 19.23 -41.45
CA CYS A 288 -26.99 19.01 -40.02
C CYS A 288 -28.20 18.13 -39.73
N PRO A 289 -28.33 17.62 -38.51
CA PRO A 289 -29.50 16.81 -38.16
C PRO A 289 -30.78 17.57 -38.38
N PRO A 290 -31.84 16.91 -38.85
CA PRO A 290 -33.14 17.59 -38.97
C PRO A 290 -33.66 17.95 -37.59
N PRO A 291 -34.51 18.98 -37.49
CA PRO A 291 -34.99 19.40 -36.17
C PRO A 291 -35.86 18.33 -35.52
N LEU A 292 -35.89 18.38 -34.19
CA LEU A 292 -36.76 17.48 -33.45
C LEU A 292 -38.22 17.79 -33.76
N PRO A 293 -39.05 16.77 -33.97
CA PRO A 293 -40.49 17.02 -34.12
C PRO A 293 -41.07 17.60 -32.84
N ALA A 294 -42.20 18.29 -32.98
CA ALA A 294 -42.86 18.91 -31.84
C ALA A 294 -43.25 17.87 -30.81
N GLY A 295 -42.89 18.11 -29.56
CA GLY A 295 -43.16 17.18 -28.49
C GLY A 295 -42.06 16.17 -28.22
N HIS A 296 -41.06 16.09 -29.09
CA HIS A 296 -39.94 15.18 -28.91
C HIS A 296 -38.78 15.89 -28.22
N THR A 297 -38.15 15.20 -27.28
CA THR A 297 -36.92 15.66 -26.65
C THR A 297 -35.85 14.61 -26.87
N SER A 298 -34.61 15.07 -27.07
CA SER A 298 -33.49 14.19 -27.37
C SER A 298 -32.54 14.12 -26.18
N SER A 299 -31.81 13.01 -26.10
CA SER A 299 -30.70 12.88 -25.18
C SER A 299 -29.42 13.46 -25.75
N TYR A 300 -29.39 13.77 -27.05
CA TYR A 300 -28.23 14.31 -27.74
C TYR A 300 -27.01 13.38 -27.58
N TYR A 301 -27.19 12.15 -28.07
CA TYR A 301 -26.15 11.14 -28.03
C TYR A 301 -25.25 11.20 -29.25
N PHE A 302 -25.81 11.40 -30.43
CA PHE A 302 -25.06 11.60 -31.66
C PHE A 302 -25.34 12.99 -32.21
N TYR A 303 -24.32 13.59 -32.82
CA TYR A 303 -24.50 14.71 -33.73
C TYR A 303 -23.99 14.26 -35.09
N TRP A 304 -24.90 13.80 -35.94
CA TRP A 304 -24.54 13.23 -37.24
C TRP A 304 -24.73 14.26 -38.33
N VAL A 305 -23.73 14.41 -39.18
CA VAL A 305 -23.81 15.29 -40.34
C VAL A 305 -23.74 14.41 -41.59
N ARG A 306 -24.37 14.89 -42.66
CA ARG A 306 -24.45 14.15 -43.92
C ARG A 306 -23.73 14.92 -45.01
N ASP A 308 -21.59 14.20 -49.24
CA ASP A 308 -21.45 13.29 -50.37
C ASP A 308 -20.51 12.13 -50.02
N ALA A 309 -20.87 10.94 -50.50
CA ALA A 309 -20.13 9.74 -50.12
C ALA A 309 -18.67 9.80 -50.57
N SER A 310 -18.39 10.54 -51.66
CA SER A 310 -17.02 10.64 -52.15
C SER A 310 -16.11 11.43 -51.23
N VAL A 311 -16.65 12.16 -50.27
CA VAL A 311 -15.85 12.95 -49.34
C VAL A 311 -16.02 12.52 -47.89
N ARG A 312 -16.94 11.60 -47.58
CA ARG A 312 -17.17 11.20 -46.20
C ARG A 312 -15.92 10.57 -45.60
N ASP A 313 -15.34 9.59 -46.29
CA ASP A 313 -14.16 8.92 -45.76
C ASP A 313 -12.96 9.86 -45.70
N ALA A 314 -12.78 10.67 -46.75
CA ALA A 314 -11.69 11.64 -46.75
C ALA A 314 -11.86 12.68 -45.64
N ALA A 316 -13.25 12.07 -42.61
CA ALA A 316 -12.86 11.44 -41.36
C ALA A 316 -11.34 11.31 -41.27
N ARG A 317 -10.68 11.02 -42.39
CA ARG A 317 -9.22 10.94 -42.39
C ARG A 317 -8.60 12.30 -42.10
N ARG A 318 -9.16 13.36 -42.70
CA ARG A 318 -8.63 14.71 -42.47
C ARG A 318 -8.85 15.14 -41.03
N LEU A 319 -10.07 14.94 -40.51
CA LEU A 319 -10.36 15.31 -39.12
C LEU A 319 -9.48 14.54 -38.15
N TYR A 320 -9.22 13.26 -38.42
CA TYR A 320 -8.34 12.48 -37.56
C TYR A 320 -6.95 13.11 -37.50
N ASP A 321 -6.40 13.48 -38.66
CA ASP A 321 -5.08 14.10 -38.69
C ASP A 321 -5.04 15.43 -37.96
N ARG A 322 -6.18 16.09 -37.80
CA ARG A 322 -6.26 17.37 -37.12
C ARG A 322 -6.60 17.24 -35.64
N GLY A 323 -6.68 16.01 -35.13
CA GLY A 323 -7.01 15.80 -33.73
C GLY A 323 -8.49 15.78 -33.42
N VAL A 324 -9.34 15.45 -34.39
CA VAL A 324 -10.79 15.39 -34.18
C VAL A 324 -11.24 13.99 -34.57
N TYR A 325 -11.54 13.16 -33.58
N TYR A 325 -11.52 13.16 -33.57
CA TYR A 325 -12.01 11.81 -33.88
CA TYR A 325 -12.06 11.82 -33.82
C TYR A 325 -13.45 11.84 -34.36
C TYR A 325 -13.45 11.91 -34.41
N THR A 326 -13.74 11.03 -35.37
CA THR A 326 -15.09 10.84 -35.90
C THR A 326 -15.30 9.36 -36.15
N THR A 327 -16.56 8.97 -36.29
CA THR A 327 -16.91 7.58 -36.56
C THR A 327 -18.31 7.53 -37.15
N PHE A 328 -18.77 6.32 -37.47
CA PHE A 328 -20.13 6.11 -37.92
C PHE A 328 -20.78 5.01 -37.08
N ARG A 329 -22.00 5.28 -36.63
CA ARG A 329 -22.88 4.30 -36.00
C ARG A 329 -24.24 4.41 -36.68
N TYR A 330 -24.91 3.28 -36.90
CA TYR A 330 -24.37 1.95 -36.64
C TYR A 330 -24.19 1.25 -37.98
N ALA A 331 -23.09 0.53 -38.14
CA ALA A 331 -22.81 -0.14 -39.39
C ALA A 331 -24.01 -0.96 -39.84
N PRO A 332 -24.39 -0.89 -41.13
CA PRO A 332 -25.61 -1.58 -41.57
C PRO A 332 -25.46 -3.09 -41.45
N LEU A 333 -26.28 -3.68 -40.58
CA LEU A 333 -26.18 -5.11 -40.31
C LEU A 333 -26.68 -5.97 -41.46
N HIS A 334 -27.53 -5.42 -42.33
CA HIS A 334 -28.00 -6.21 -43.47
C HIS A 334 -26.90 -6.47 -44.49
N LEU A 335 -25.73 -5.86 -44.33
CA LEU A 335 -24.57 -6.14 -45.16
C LEU A 335 -23.58 -7.07 -44.48
N VAL A 336 -23.87 -7.52 -43.26
CA VAL A 336 -23.03 -8.50 -42.57
C VAL A 336 -23.49 -9.90 -42.96
N SER A 337 -22.60 -10.66 -43.60
CA SER A 337 -22.99 -11.93 -44.20
C SER A 337 -23.41 -12.98 -43.18
N ALA A 338 -23.12 -12.77 -41.89
CA ALA A 338 -23.43 -13.81 -40.90
C ALA A 338 -24.94 -13.98 -40.71
N TYR A 339 -25.73 -12.93 -40.96
CA TYR A 339 -27.17 -12.97 -40.69
C TYR A 339 -27.97 -13.47 -41.89
N GLY A 340 -27.36 -14.27 -42.77
CA GLY A 340 -28.08 -14.84 -43.89
C GLY A 340 -28.27 -13.88 -45.03
N HIS A 341 -28.95 -14.36 -46.06
CA HIS A 341 -29.16 -13.58 -47.27
C HIS A 341 -30.17 -12.47 -47.01
N GLU A 342 -29.75 -11.23 -47.18
CA GLU A 342 -30.62 -10.07 -47.09
C GLU A 342 -30.74 -9.40 -48.46
N GLY A 343 -31.75 -8.56 -48.60
CA GLY A 343 -31.98 -7.83 -49.82
C GLY A 343 -31.33 -6.46 -49.81
N SER A 344 -31.87 -5.57 -50.64
CA SER A 344 -31.40 -4.20 -50.69
C SER A 344 -32.22 -3.32 -49.77
N LEU A 345 -31.54 -2.42 -49.06
CA LEU A 345 -32.18 -1.41 -48.22
C LEU A 345 -31.52 -0.08 -48.57
N PRO A 346 -32.07 0.64 -49.55
CA PRO A 346 -31.38 1.85 -50.03
C PRO A 346 -31.16 2.90 -48.97
N GLY A 347 -32.10 3.06 -48.04
CA GLY A 347 -31.95 4.10 -47.02
C GLY A 347 -30.75 3.85 -46.13
N ALA A 348 -30.63 2.63 -45.60
CA ALA A 348 -29.52 2.31 -44.72
C ALA A 348 -28.20 2.29 -45.47
N GLU A 349 -28.22 1.82 -46.72
CA GLU A 349 -27.00 1.79 -47.53
C GLU A 349 -26.50 3.20 -47.80
N ARG A 350 -27.40 4.11 -48.20
CA ARG A 350 -27.02 5.50 -48.42
C ARG A 350 -26.53 6.15 -47.13
N ALA A 351 -27.21 5.88 -46.02
CA ALA A 351 -26.83 6.48 -44.75
C ALA A 351 -25.43 6.02 -44.32
N ALA A 352 -25.09 4.76 -44.60
CA ALA A 352 -23.78 4.24 -44.23
C ALA A 352 -22.65 4.88 -45.03
N GLU A 353 -22.94 5.42 -46.21
CA GLU A 353 -21.91 6.03 -47.03
C GLU A 353 -21.84 7.55 -46.89
N GLU A 354 -22.87 8.18 -46.33
CA GLU A 354 -22.96 9.63 -46.32
C GLU A 354 -22.94 10.26 -44.94
N THR A 355 -23.01 9.46 -43.87
CA THR A 355 -23.16 9.99 -42.52
C THR A 355 -21.83 9.93 -41.78
N LEU A 356 -21.56 10.98 -41.00
CA LEU A 356 -20.40 11.02 -40.13
C LEU A 356 -20.84 11.63 -38.79
N CYS A 357 -20.43 11.00 -37.70
CA CYS A 357 -20.80 11.42 -36.35
C CYS A 357 -19.67 12.25 -35.75
N LEU A 358 -20.00 13.46 -35.30
CA LEU A 358 -19.05 14.39 -34.72
C LEU A 358 -19.03 14.27 -33.19
N PRO A 359 -17.92 14.65 -32.56
CA PRO A 359 -17.85 14.58 -31.09
C PRO A 359 -19.01 15.29 -30.42
N LEU A 360 -19.66 14.58 -29.50
CA LEU A 360 -20.79 15.14 -28.76
C LEU A 360 -20.85 14.46 -27.40
N HIS A 361 -20.41 15.16 -26.36
CA HIS A 361 -20.48 14.68 -24.98
C HIS A 361 -20.25 15.86 -24.06
N GLN A 362 -20.66 15.70 -22.80
CA GLN A 362 -20.61 16.80 -21.85
C GLN A 362 -19.20 17.11 -21.36
N ALA A 363 -18.18 16.36 -21.80
CA ALA A 363 -16.80 16.69 -21.46
C ALA A 363 -16.17 17.64 -22.45
N LEU A 364 -16.84 17.93 -23.56
CA LEU A 364 -16.30 18.86 -24.54
C LEU A 364 -16.28 20.27 -23.98
N SER A 365 -15.13 20.93 -24.07
CA SER A 365 -15.06 22.34 -23.70
C SER A 365 -15.51 23.19 -24.88
N ASP A 366 -15.76 24.49 -24.61
CA ASP A 366 -16.09 25.40 -25.69
C ASP A 366 -14.98 25.46 -26.72
N SER A 367 -13.72 25.34 -26.29
CA SER A 367 -12.60 25.31 -27.23
C SER A 367 -12.68 24.08 -28.13
N ASP A 368 -13.04 22.92 -27.56
CA ASP A 368 -13.21 21.71 -28.37
C ASP A 368 -14.31 21.89 -29.41
N VAL A 369 -15.43 22.49 -29.00
CA VAL A 369 -16.56 22.67 -29.91
C VAL A 369 -16.18 23.57 -31.07
N GLU A 370 -15.46 24.65 -30.79
CA GLU A 370 -15.02 25.55 -31.86
C GLU A 370 -13.96 24.88 -32.73
N THR A 371 -13.13 24.01 -32.16
CA THR A 371 -12.18 23.26 -32.97
C THR A 371 -12.89 22.33 -33.95
N VAL A 372 -13.95 21.68 -33.51
CA VAL A 372 -14.70 20.78 -34.39
C VAL A 372 -15.37 21.57 -35.51
N ILE A 373 -16.07 22.65 -35.16
CA ILE A 373 -16.73 23.46 -36.17
C ILE A 373 -15.73 24.01 -37.18
N GLY A 374 -14.59 24.50 -36.70
CA GLY A 374 -13.59 25.06 -37.59
C GLY A 374 -13.00 24.02 -38.53
N GLU A 375 -12.67 22.85 -38.00
CA GLU A 375 -12.10 21.80 -38.84
C GLU A 375 -13.12 21.26 -39.83
N VAL A 376 -14.40 21.18 -39.44
CA VAL A 376 -15.44 20.72 -40.35
C VAL A 376 -15.60 21.70 -41.50
N ARG A 377 -15.69 23.00 -41.19
CA ARG A 377 -15.85 24.00 -42.23
C ARG A 377 -14.63 24.04 -43.15
N ALA A 378 -13.43 23.96 -42.57
CA ALA A 378 -12.22 23.97 -43.40
C ALA A 378 -12.10 22.70 -44.22
N GLY A 379 -12.43 21.55 -43.62
CA GLY A 379 -12.33 20.30 -44.35
C GLY A 379 -13.25 20.24 -45.54
N LEU A 380 -14.51 20.67 -45.37
CA LEU A 380 -15.43 20.65 -46.49
C LEU A 380 -15.07 21.66 -47.56
N ALA A 381 -14.47 22.80 -47.16
CA ALA A 381 -14.01 23.77 -48.16
C ALA A 381 -12.88 23.19 -49.00
N ALA A 382 -11.97 22.44 -48.38
CA ALA A 382 -10.85 21.88 -49.10
C ALA A 382 -11.25 20.69 -49.97
N LEU A 383 -12.25 19.92 -49.54
CA LEU A 383 -12.68 18.74 -50.29
C LEU A 383 -13.76 19.06 -51.32
N THR A 384 -14.16 20.32 -51.46
CA THR A 384 -15.15 20.70 -52.45
C THR A 384 -14.59 21.77 -53.37
N GLY B 5 -24.50 -7.65 16.56
CA GLY B 5 -24.16 -7.48 15.16
C GLY B 5 -24.30 -8.76 14.36
N ILE B 7 -21.61 -11.44 12.00
CA ILE B 7 -20.34 -11.81 11.39
C ILE B 7 -20.64 -12.60 10.12
N ASN B 8 -20.11 -12.13 8.98
CA ASN B 8 -20.44 -12.67 7.69
C ASN B 8 -19.51 -13.81 7.30
N VAL B 9 -20.02 -14.70 6.45
CA VAL B 9 -19.20 -15.82 5.96
C VAL B 9 -18.18 -15.32 4.94
N PHE B 10 -18.61 -14.44 4.04
CA PHE B 10 -17.75 -13.85 3.02
C PHE B 10 -17.75 -12.34 3.18
N GLN B 11 -16.62 -11.72 2.82
CA GLN B 11 -16.51 -10.27 2.89
C GLN B 11 -15.25 -9.81 2.15
N PRO B 12 -15.38 -8.84 1.25
CA PRO B 12 -14.20 -8.28 0.58
C PRO B 12 -13.62 -7.12 1.35
N THR B 13 -12.35 -6.82 1.06
CA THR B 13 -11.65 -5.69 1.68
C THR B 13 -11.09 -4.80 0.56
N LEU B 14 -11.86 -3.77 0.22
CA LEU B 14 -11.41 -2.74 -0.72
C LEU B 14 -11.42 -1.40 -0.01
N GLY B 15 -10.45 -0.55 -0.31
CA GLY B 15 -10.27 0.72 0.38
C GLY B 15 -9.62 1.78 -0.47
N GLU B 16 -8.78 2.60 0.14
CA GLU B 16 -8.24 3.78 -0.53
C GLU B 16 -7.33 3.41 -1.69
N ALA B 17 -6.59 2.32 -1.61
CA ALA B 17 -5.74 1.89 -2.72
C ALA B 17 -6.59 1.59 -3.96
N GLU B 18 -7.67 0.82 -3.78
CA GLU B 18 -8.55 0.54 -4.90
C GLU B 18 -9.27 1.81 -5.37
N LEU B 19 -9.66 2.68 -4.43
CA LEU B 19 -10.31 3.92 -4.81
C LEU B 19 -9.37 4.81 -5.63
N ALA B 20 -8.09 4.84 -5.26
CA ALA B 20 -7.13 5.64 -6.02
C ALA B 20 -6.97 5.12 -7.44
N ALA B 21 -7.06 3.79 -7.62
CA ALA B 21 -7.03 3.24 -8.97
C ALA B 21 -8.26 3.66 -9.77
N VAL B 22 -9.44 3.61 -9.13
CA VAL B 22 -10.66 4.08 -9.79
C VAL B 22 -10.53 5.55 -10.18
N ARG B 23 -9.94 6.35 -9.29
CA ARG B 23 -9.78 7.79 -9.57
C ARG B 23 -9.02 8.01 -10.86
N GLU B 24 -7.93 7.28 -11.07
CA GLU B 24 -7.14 7.46 -12.30
C GLU B 24 -7.96 7.07 -13.52
N VAL B 25 -8.78 6.02 -13.41
CA VAL B 25 -9.57 5.61 -14.56
C VAL B 25 -10.64 6.66 -14.89
N PHE B 26 -11.33 7.16 -13.87
CA PHE B 26 -12.29 8.25 -14.09
C PHE B 26 -11.62 9.45 -14.75
N ALA B 27 -10.47 9.86 -14.23
CA ALA B 27 -9.78 11.04 -14.76
C ALA B 27 -9.28 10.80 -16.18
N SER B 28 -8.99 9.55 -16.54
CA SER B 28 -8.50 9.27 -17.89
C SER B 28 -9.59 9.44 -18.94
N GLY B 29 -10.85 9.27 -18.54
CA GLY B 29 -11.95 9.34 -19.49
C GLY B 29 -12.21 8.06 -20.26
N TRP B 30 -11.37 7.03 -20.09
CA TRP B 30 -11.54 5.75 -20.78
C TRP B 30 -11.89 4.70 -19.74
N LEU B 31 -13.20 4.42 -19.61
CA LEU B 31 -13.68 3.50 -18.60
C LEU B 31 -13.94 2.09 -19.14
N GLY B 32 -14.00 1.92 -20.45
CA GLY B 32 -14.24 0.62 -21.04
C GLY B 32 -12.98 -0.23 -21.08
N ARG B 33 -13.10 -1.39 -21.73
CA ARG B 33 -11.97 -2.30 -21.88
C ARG B 33 -10.83 -1.59 -22.61
N GLY B 34 -9.70 -1.39 -21.94
CA GLY B 34 -8.59 -0.68 -22.51
C GLY B 34 -7.24 -1.06 -21.92
N PRO B 35 -6.38 -0.06 -21.72
CA PRO B 35 -5.02 -0.36 -21.24
C PRO B 35 -4.99 -0.98 -19.85
N ARG B 36 -5.92 -0.63 -18.97
CA ARG B 36 -5.94 -1.24 -17.64
C ARG B 36 -6.26 -2.73 -17.73
N THR B 37 -7.13 -3.12 -18.66
CA THR B 37 -7.47 -4.53 -18.83
C THR B 37 -6.25 -5.32 -19.33
N LYS B 38 -5.49 -4.76 -20.27
CA LYS B 38 -4.27 -5.41 -20.72
C LYS B 38 -3.30 -5.61 -19.55
N VAL B 39 -3.14 -4.58 -18.71
CA VAL B 39 -2.22 -4.67 -17.58
C VAL B 39 -2.69 -5.74 -16.60
N PHE B 40 -3.99 -5.72 -16.26
CA PHE B 40 -4.49 -6.72 -15.31
C PHE B 40 -4.35 -8.13 -15.87
N GLU B 41 -4.60 -8.31 -17.17
CA GLU B 41 -4.43 -9.63 -17.77
C GLU B 41 -2.97 -10.08 -17.70
N ALA B 42 -2.04 -9.19 -18.02
CA ALA B 42 -0.62 -9.54 -17.92
C ALA B 42 -0.23 -9.81 -16.48
N ASP B 43 -0.76 -9.00 -15.55
CA ASP B 43 -0.48 -9.23 -14.13
C ASP B 43 -0.98 -10.60 -13.68
N PHE B 44 -2.19 -10.97 -14.10
CA PHE B 44 -2.76 -12.24 -13.67
C PHE B 44 -2.04 -13.42 -14.32
N ALA B 45 -1.66 -13.27 -15.60
CA ALA B 45 -0.91 -14.32 -16.27
C ALA B 45 0.41 -14.60 -15.57
N GLU B 46 1.11 -13.53 -15.15
CA GLU B 46 2.32 -13.71 -14.36
C GLU B 46 2.02 -14.43 -13.05
N HIS B 47 0.90 -14.11 -12.42
CA HIS B 47 0.48 -14.81 -11.21
C HIS B 47 0.27 -16.28 -11.46
N LEU B 48 -0.20 -16.65 -12.65
CA LEU B 48 -0.46 -18.03 -13.00
C LEU B 48 0.75 -18.77 -13.54
N GLY B 49 1.72 -18.06 -14.07
CA GLY B 49 2.81 -18.71 -14.77
C GLY B 49 2.50 -19.07 -16.20
N VAL B 50 1.70 -18.25 -16.89
CA VAL B 50 1.35 -18.46 -18.29
C VAL B 50 1.64 -17.18 -19.06
N GLY B 51 1.56 -17.29 -20.38
CA GLY B 51 1.71 -16.11 -21.22
C GLY B 51 0.48 -15.22 -21.18
N ALA B 52 0.69 -13.94 -21.46
CA ALA B 52 -0.43 -13.00 -21.43
C ALA B 52 -1.44 -13.29 -22.52
N GLU B 53 -1.01 -13.86 -23.64
CA GLU B 53 -1.94 -14.17 -24.72
C GLU B 53 -2.89 -15.31 -24.36
N GLN B 54 -2.65 -16.02 -23.26
CA GLN B 54 -3.50 -17.13 -22.87
C GLN B 54 -4.66 -16.72 -21.98
N VAL B 55 -4.65 -15.52 -21.42
CA VAL B 55 -5.65 -15.09 -20.46
C VAL B 55 -6.58 -14.07 -21.11
N VAL B 56 -7.88 -14.18 -20.80
CA VAL B 56 -8.90 -13.32 -21.36
C VAL B 56 -9.81 -12.85 -20.24
N SER B 57 -9.90 -11.53 -20.06
CA SER B 57 -10.77 -10.95 -19.04
C SER B 57 -12.22 -11.01 -19.50
N VAL B 58 -13.12 -11.41 -18.60
CA VAL B 58 -14.53 -11.52 -18.89
C VAL B 58 -15.34 -10.87 -17.77
N SER B 59 -16.66 -10.77 -18.01
CA SER B 59 -17.52 -10.03 -17.10
C SER B 59 -17.73 -10.75 -15.77
N CYS B 60 -17.74 -12.09 -15.78
CA CYS B 60 -17.87 -12.86 -14.56
C CYS B 60 -17.47 -14.29 -14.84
N CYS B 61 -17.34 -15.08 -13.76
CA CYS B 61 -16.93 -16.47 -13.91
C CYS B 61 -18.03 -17.31 -14.55
N THR B 62 -19.29 -17.01 -14.24
CA THR B 62 -20.40 -17.71 -14.89
C THR B 62 -20.33 -17.53 -16.41
N GLU B 63 -20.09 -16.30 -16.86
CA GLU B 63 -19.95 -16.05 -18.29
C GLU B 63 -18.76 -16.80 -18.86
N GLY B 64 -17.64 -16.83 -18.13
CA GLY B 64 -16.51 -17.64 -18.56
C GLY B 64 -16.87 -19.11 -18.69
N LEU B 65 -17.65 -19.64 -17.75
CA LEU B 65 -18.06 -21.04 -17.84
C LEU B 65 -18.97 -21.27 -19.05
N PHE B 66 -19.89 -20.34 -19.31
CA PHE B 66 -20.75 -20.46 -20.48
C PHE B 66 -19.94 -20.40 -21.76
N LEU B 67 -18.98 -19.47 -21.85
CA LEU B 67 -18.18 -19.33 -23.05
C LEU B 67 -17.36 -20.59 -23.32
N SER B 68 -16.86 -21.24 -22.27
CA SER B 68 -16.00 -22.39 -22.47
C SER B 68 -16.78 -23.57 -23.05
N GLU B 70 -19.38 -23.22 -24.94
CA GLU B 70 -19.60 -22.80 -26.33
C GLU B 70 -18.35 -23.04 -27.17
N LEU B 71 -17.19 -22.63 -26.67
CA LEU B 71 -15.95 -22.79 -27.42
C LEU B 71 -15.60 -24.26 -27.62
N LEU B 72 -15.89 -25.11 -26.62
CA LEU B 72 -15.60 -26.53 -26.74
C LEU B 72 -16.59 -27.26 -27.65
N GLY B 73 -17.70 -26.63 -28.01
CA GLY B 73 -18.62 -27.21 -28.96
C GLY B 73 -19.59 -28.23 -28.40
N VAL B 74 -19.80 -28.25 -27.08
CA VAL B 74 -20.71 -29.21 -26.49
C VAL B 74 -22.14 -28.87 -26.93
N GLY B 75 -22.98 -29.91 -27.03
CA GLY B 75 -24.33 -29.74 -27.48
C GLY B 75 -25.16 -31.00 -27.29
N PRO B 76 -26.28 -31.08 -28.02
CA PRO B 76 -27.19 -32.23 -27.84
C PRO B 76 -26.47 -33.55 -28.08
N GLY B 77 -26.74 -34.52 -27.20
CA GLY B 77 -26.10 -35.81 -27.26
C GLY B 77 -24.78 -35.91 -26.54
N ASP B 78 -24.17 -34.77 -26.18
CA ASP B 78 -22.91 -34.77 -25.45
C ASP B 78 -23.16 -34.79 -23.94
N GLU B 79 -22.12 -35.19 -23.21
CA GLU B 79 -22.15 -35.20 -21.76
C GLU B 79 -20.92 -34.45 -21.23
N VAL B 80 -21.11 -33.76 -20.10
CA VAL B 80 -20.02 -33.09 -19.41
C VAL B 80 -20.07 -33.51 -17.95
N VAL B 81 -18.97 -34.08 -17.46
CA VAL B 81 -18.89 -34.60 -16.10
C VAL B 81 -18.41 -33.49 -15.17
N LEU B 82 -19.11 -33.31 -14.06
CA LEU B 82 -18.74 -32.35 -13.02
C LEU B 82 -19.28 -32.87 -11.70
N PRO B 83 -18.60 -32.62 -10.59
CA PRO B 83 -19.11 -33.11 -9.29
C PRO B 83 -20.43 -32.46 -8.93
N SER B 84 -21.27 -33.23 -8.25
CA SER B 84 -22.53 -32.70 -7.74
C SER B 84 -22.29 -31.46 -6.91
N ILE B 85 -21.18 -31.41 -6.17
CA ILE B 85 -20.77 -30.22 -5.45
C ILE B 85 -20.09 -29.28 -6.43
N SER B 86 -20.90 -28.53 -7.19
CA SER B 86 -20.41 -27.57 -8.16
C SER B 86 -21.29 -26.33 -8.10
N PHE B 87 -20.78 -25.24 -8.66
CA PHE B 87 -21.58 -24.04 -8.79
C PHE B 87 -22.66 -24.24 -9.83
N VAL B 88 -23.87 -23.76 -9.51
CA VAL B 88 -25.02 -23.96 -10.40
C VAL B 88 -24.76 -23.39 -11.79
N GLY B 89 -23.97 -22.31 -11.88
CA GLY B 89 -23.63 -21.76 -13.18
C GLY B 89 -22.88 -22.72 -14.08
N ALA B 90 -22.08 -23.62 -13.48
CA ALA B 90 -21.37 -24.62 -14.29
C ALA B 90 -22.36 -25.55 -14.98
N ALA B 91 -23.31 -26.12 -14.21
CA ALA B 91 -24.28 -27.01 -14.80
C ALA B 91 -25.17 -26.29 -15.82
N ASN B 92 -25.55 -25.05 -15.52
CA ASN B 92 -26.36 -24.28 -16.47
C ASN B 92 -25.60 -24.07 -17.79
N ALA B 93 -24.30 -23.78 -17.71
CA ALA B 93 -23.51 -23.59 -18.92
C ALA B 93 -23.52 -24.84 -19.80
N ILE B 94 -23.58 -26.02 -19.18
CA ILE B 94 -23.67 -27.26 -19.94
C ILE B 94 -25.07 -27.45 -20.49
N ALA B 95 -26.08 -27.31 -19.63
CA ALA B 95 -27.46 -27.62 -20.03
C ALA B 95 -27.99 -26.63 -21.05
N ALA B 96 -27.59 -25.36 -20.97
CA ALA B 96 -28.10 -24.36 -21.92
C ALA B 96 -27.68 -24.69 -23.35
N ARG B 97 -26.57 -25.39 -23.52
CA ARG B 97 -26.13 -25.83 -24.85
C ARG B 97 -26.90 -27.04 -25.35
N GLY B 98 -27.76 -27.65 -24.52
CA GLY B 98 -28.38 -28.91 -24.87
C GLY B 98 -27.60 -30.13 -24.45
N ALA B 99 -26.42 -29.97 -23.88
CA ALA B 99 -25.64 -31.10 -23.39
C ALA B 99 -26.14 -31.52 -22.01
N ARG B 100 -25.79 -32.75 -21.64
CA ARG B 100 -26.29 -33.34 -20.40
C ARG B 100 -25.22 -33.27 -19.33
N PRO B 101 -25.43 -32.54 -18.24
CA PRO B 101 -24.47 -32.58 -17.13
C PRO B 101 -24.60 -33.91 -16.40
N VAL B 102 -23.47 -34.59 -16.23
CA VAL B 102 -23.39 -35.88 -15.55
C VAL B 102 -22.63 -35.65 -14.25
N PHE B 103 -23.31 -35.80 -13.13
CA PHE B 103 -22.73 -35.47 -11.83
C PHE B 103 -21.99 -36.68 -11.26
N CYS B 104 -20.76 -36.44 -10.82
CA CYS B 104 -19.97 -37.45 -10.13
C CYS B 104 -19.96 -37.17 -8.63
N ASP B 105 -19.44 -38.14 -7.87
CA ASP B 105 -19.45 -38.04 -6.42
C ASP B 105 -18.22 -37.28 -5.93
N VAL B 106 -18.19 -37.04 -4.61
CA VAL B 106 -17.06 -36.38 -3.96
C VAL B 106 -16.71 -37.14 -2.69
N ASP B 107 -15.48 -36.93 -2.24
CA ASP B 107 -15.08 -37.32 -0.90
C ASP B 107 -15.82 -36.44 0.10
N PRO B 108 -16.66 -36.99 0.97
CA PRO B 108 -17.43 -36.14 1.90
C PRO B 108 -16.57 -35.38 2.89
N ALA B 109 -15.31 -35.79 3.10
CA ALA B 109 -14.44 -35.10 4.04
C ALA B 109 -13.83 -33.84 3.44
N THR B 110 -13.68 -33.80 2.11
CA THR B 110 -13.11 -32.66 1.42
C THR B 110 -14.08 -31.97 0.47
N LEU B 111 -15.16 -32.64 0.06
CA LEU B 111 -16.12 -32.14 -0.91
C LEU B 111 -15.49 -31.91 -2.29
N ASN B 112 -14.34 -32.57 -2.54
CA ASN B 112 -13.69 -32.62 -3.84
C ASN B 112 -13.80 -34.02 -4.42
N PRO B 113 -13.95 -34.15 -5.74
CA PRO B 113 -13.97 -35.48 -6.33
C PRO B 113 -12.57 -36.06 -6.47
N THR B 114 -12.49 -37.38 -6.34
CA THR B 114 -11.27 -38.07 -6.69
C THR B 114 -11.25 -38.36 -8.19
N ALA B 115 -10.09 -38.79 -8.68
CA ALA B 115 -9.99 -39.19 -10.08
C ALA B 115 -10.90 -40.37 -10.38
N ASP B 116 -11.05 -41.29 -9.44
CA ASP B 116 -11.96 -42.42 -9.64
C ASP B 116 -13.40 -41.95 -9.75
N HIS B 117 -13.81 -40.99 -8.92
CA HIS B 117 -15.15 -40.44 -9.02
C HIS B 117 -15.41 -39.87 -10.42
N VAL B 118 -14.44 -39.15 -10.96
CA VAL B 118 -14.57 -38.62 -12.32
C VAL B 118 -14.61 -39.75 -13.34
N ALA B 119 -13.72 -40.73 -13.20
CA ALA B 119 -13.63 -41.80 -14.18
C ALA B 119 -14.90 -42.64 -14.23
N GLU B 120 -15.60 -42.78 -13.10
CA GLU B 120 -16.80 -43.60 -13.06
C GLU B 120 -17.92 -43.04 -13.93
N LYS B 121 -17.84 -41.78 -14.36
CA LYS B 121 -18.87 -41.16 -15.18
C LYS B 121 -18.42 -40.86 -16.59
N LEU B 122 -17.15 -41.09 -16.93
CA LEU B 122 -16.68 -40.85 -18.28
C LEU B 122 -17.22 -41.90 -19.23
N GLY B 123 -17.48 -41.49 -20.46
CA GLY B 123 -17.99 -42.38 -21.47
C GLY B 123 -17.80 -41.82 -22.87
N PRO B 124 -18.28 -42.55 -23.88
CA PRO B 124 -18.12 -42.09 -25.27
C PRO B 124 -18.80 -40.77 -25.56
N ARG B 125 -19.72 -40.32 -24.71
CA ARG B 125 -20.40 -39.05 -24.90
C ARG B 125 -19.70 -37.89 -24.19
N THR B 126 -18.70 -38.16 -23.36
CA THR B 126 -18.10 -37.11 -22.54
C THR B 126 -17.26 -36.18 -23.41
N LYS B 127 -17.64 -34.90 -23.45
CA LYS B 127 -16.90 -33.91 -24.21
C LYS B 127 -16.12 -32.92 -23.35
N ALA B 128 -16.29 -32.96 -22.03
CA ALA B 128 -15.55 -32.08 -21.13
C ALA B 128 -15.74 -32.56 -19.70
N VAL B 129 -14.82 -32.13 -18.84
CA VAL B 129 -14.94 -32.31 -17.39
C VAL B 129 -14.78 -30.93 -16.74
N VAL B 130 -15.61 -30.65 -15.76
CA VAL B 130 -15.53 -29.40 -14.99
C VAL B 130 -15.31 -29.77 -13.52
N VAL B 131 -14.36 -29.09 -12.89
CA VAL B 131 -13.97 -29.38 -11.51
C VAL B 131 -13.67 -28.05 -10.81
N LEU B 132 -13.99 -27.98 -9.52
CA LEU B 132 -13.56 -26.88 -8.68
C LEU B 132 -12.57 -27.39 -7.63
N HIS B 133 -12.06 -26.46 -6.82
CA HIS B 133 -11.09 -26.76 -5.78
C HIS B 133 -11.72 -26.34 -4.46
N TYR B 134 -12.49 -27.25 -3.86
CA TYR B 134 -13.39 -26.88 -2.77
C TYR B 134 -12.65 -26.16 -1.64
N GLY B 135 -13.09 -24.94 -1.36
CA GLY B 135 -12.54 -24.15 -0.27
C GLY B 135 -11.13 -23.64 -0.49
N GLY B 136 -10.56 -23.84 -1.68
CA GLY B 136 -9.18 -23.53 -1.94
C GLY B 136 -8.26 -24.74 -1.98
N TYR B 137 -8.74 -25.89 -1.52
CA TYR B 137 -7.94 -27.11 -1.58
C TYR B 137 -7.91 -27.62 -3.01
N PRO B 138 -6.72 -27.83 -3.59
CA PRO B 138 -6.66 -28.41 -4.95
C PRO B 138 -7.28 -29.78 -5.06
N GLY B 139 -7.26 -30.58 -3.99
CA GLY B 139 -7.85 -31.90 -4.06
C GLY B 139 -7.00 -32.84 -4.92
N ASP B 140 -7.68 -33.73 -5.64
CA ASP B 140 -7.03 -34.68 -6.54
C ASP B 140 -6.83 -34.10 -7.93
N LEU B 141 -6.46 -32.82 -8.01
CA LEU B 141 -6.44 -32.12 -9.29
C LEU B 141 -5.44 -32.73 -10.27
N VAL B 142 -4.27 -33.14 -9.77
CA VAL B 142 -3.23 -33.65 -10.66
C VAL B 142 -3.65 -34.97 -11.28
N ALA B 143 -4.21 -35.87 -10.49
CA ALA B 143 -4.67 -37.15 -11.04
C ALA B 143 -5.88 -36.97 -11.94
N ILE B 144 -6.72 -35.98 -11.66
CA ILE B 144 -7.86 -35.70 -12.53
C ILE B 144 -7.38 -35.16 -13.86
N ALA B 145 -6.43 -34.22 -13.84
CA ALA B 145 -5.90 -33.66 -15.08
C ALA B 145 -5.20 -34.74 -15.91
N GLU B 146 -4.46 -35.64 -15.24
CA GLU B 146 -3.81 -36.73 -15.95
C GLU B 146 -4.84 -37.69 -16.55
N LEU B 147 -5.94 -37.93 -15.84
CA LEU B 147 -7.00 -38.79 -16.37
C LEU B 147 -7.62 -38.19 -17.62
N CYS B 148 -8.02 -36.92 -17.56
CA CYS B 148 -8.65 -36.29 -18.71
C CYS B 148 -7.71 -36.21 -19.90
N ARG B 149 -6.40 -36.05 -19.64
CA ARG B 149 -5.43 -36.05 -20.73
C ARG B 149 -5.37 -37.41 -21.41
N GLU B 150 -5.35 -38.49 -20.63
CA GLU B 150 -5.29 -39.84 -21.19
C GLU B 150 -6.55 -40.18 -21.97
N ARG B 151 -7.70 -39.69 -21.52
CA ARG B 151 -8.96 -39.95 -22.20
C ARG B 151 -9.23 -38.97 -23.34
N GLY B 152 -8.34 -38.01 -23.57
CA GLY B 152 -8.58 -37.00 -24.59
C GLY B 152 -9.79 -36.13 -24.31
N VAL B 153 -10.06 -35.86 -23.05
CA VAL B 153 -11.25 -35.10 -22.64
C VAL B 153 -10.78 -33.73 -22.12
N PRO B 154 -11.29 -32.63 -22.66
CA PRO B 154 -10.90 -31.31 -22.14
C PRO B 154 -11.32 -31.14 -20.69
N LEU B 155 -10.43 -30.55 -19.90
CA LEU B 155 -10.67 -30.30 -18.48
C LEU B 155 -10.81 -28.80 -18.26
N VAL B 156 -11.95 -28.40 -17.70
CA VAL B 156 -12.21 -27.01 -17.34
C VAL B 156 -12.14 -26.88 -15.83
N GLU B 157 -11.28 -25.98 -15.36
CA GLU B 157 -11.08 -25.75 -13.93
C GLU B 157 -11.87 -24.51 -13.51
N ASP B 158 -12.95 -24.72 -12.76
CA ASP B 158 -13.64 -23.61 -12.10
C ASP B 158 -12.82 -23.26 -10.87
N SER B 159 -11.93 -22.30 -11.02
CA SER B 159 -10.94 -21.95 -10.00
C SER B 159 -11.40 -20.83 -9.09
N ALA B 160 -12.71 -20.59 -9.00
CA ALA B 160 -13.21 -19.45 -8.22
C ALA B 160 -12.89 -19.56 -6.74
N CYS B 161 -12.69 -20.77 -6.23
CA CYS B 161 -12.31 -20.96 -4.83
C CYS B 161 -10.81 -20.86 -4.60
N ALA B 162 -10.00 -20.86 -5.65
CA ALA B 162 -8.57 -21.13 -5.53
C ALA B 162 -7.75 -20.13 -6.32
N VAL B 163 -8.02 -18.85 -6.12
CA VAL B 163 -7.31 -17.82 -6.87
C VAL B 163 -5.82 -17.79 -6.55
N ALA B 164 -5.41 -18.33 -5.40
CA ALA B 164 -4.00 -18.35 -5.02
C ALA B 164 -3.49 -19.74 -4.70
N SER B 165 -4.26 -20.79 -5.01
CA SER B 165 -3.87 -22.15 -4.67
C SER B 165 -2.90 -22.71 -5.70
N GLN B 166 -2.05 -23.62 -5.24
CA GLN B 166 -1.04 -24.24 -6.09
C GLN B 166 -0.84 -25.70 -5.69
N VAL B 167 -0.40 -26.50 -6.66
CA VAL B 167 0.06 -27.87 -6.43
C VAL B 167 1.50 -27.92 -6.93
N ASP B 168 2.44 -28.07 -6.00
CA ASP B 168 3.87 -28.17 -6.34
C ASP B 168 4.31 -26.98 -7.19
N GLY B 169 3.82 -25.79 -6.83
CA GLY B 169 4.21 -24.57 -7.53
C GLY B 169 3.46 -24.29 -8.82
N ARG B 170 2.45 -25.08 -9.15
CA ARG B 170 1.65 -24.88 -10.35
C ARG B 170 0.27 -24.35 -9.94
N ALA B 171 -0.07 -23.16 -10.44
CA ALA B 171 -1.30 -22.51 -10.03
C ALA B 171 -2.52 -23.31 -10.49
N CYS B 172 -3.48 -23.46 -9.58
CA CYS B 172 -4.77 -24.03 -9.97
C CYS B 172 -5.38 -23.21 -11.11
N GLY B 173 -6.09 -23.90 -11.99
CA GLY B 173 -6.60 -23.30 -13.20
C GLY B 173 -5.71 -23.44 -14.41
N THR B 174 -4.45 -23.85 -14.23
CA THR B 174 -3.52 -24.03 -15.33
C THR B 174 -3.16 -25.48 -15.57
N LEU B 175 -3.69 -26.41 -14.76
CA LEU B 175 -3.37 -27.81 -14.93
C LEU B 175 -4.23 -28.46 -16.02
N GLY B 176 -5.48 -28.04 -16.15
CA GLY B 176 -6.35 -28.54 -17.19
C GLY B 176 -6.16 -27.81 -18.51
N ASP B 177 -7.25 -27.68 -19.26
CA ASP B 177 -7.21 -27.02 -20.56
C ASP B 177 -7.79 -25.61 -20.53
N VAL B 178 -8.76 -25.35 -19.67
CA VAL B 178 -9.34 -24.03 -19.48
C VAL B 178 -9.46 -23.76 -17.99
N GLY B 179 -9.11 -22.55 -17.58
CA GLY B 179 -9.30 -22.10 -16.21
C GLY B 179 -10.22 -20.90 -16.18
N VAL B 180 -11.07 -20.83 -15.15
CA VAL B 180 -12.02 -19.74 -14.99
C VAL B 180 -11.96 -19.25 -13.55
N TRP B 181 -11.89 -17.93 -13.38
CA TRP B 181 -11.83 -17.31 -12.06
C TRP B 181 -13.00 -16.34 -11.88
N SER B 182 -13.35 -16.11 -10.61
CA SER B 182 -14.38 -15.15 -10.24
C SER B 182 -13.79 -14.04 -9.39
N PHE B 183 -14.22 -12.82 -9.66
CA PHE B 183 -13.85 -11.65 -8.86
C PHE B 183 -15.08 -10.95 -8.29
N ASP B 184 -16.16 -11.71 -8.02
CA ASP B 184 -17.36 -11.08 -7.50
C ASP B 184 -17.19 -10.75 -6.02
N ALA B 185 -18.21 -10.11 -5.45
CA ALA B 185 -18.12 -9.55 -4.11
C ALA B 185 -17.94 -10.61 -3.02
N ILE B 188 -12.15 -13.65 -3.10
CA ILE B 188 -11.00 -13.11 -2.38
C ILE B 188 -10.42 -11.90 -3.10
N LEU B 189 -9.92 -12.12 -4.31
CA LEU B 189 -9.61 -11.04 -5.23
C LEU B 189 -10.93 -10.53 -5.79
N VAL B 190 -11.33 -9.32 -5.41
CA VAL B 190 -12.67 -8.80 -5.66
C VAL B 190 -12.59 -7.51 -6.45
N THR B 191 -13.33 -7.45 -7.57
CA THR B 191 -13.42 -6.23 -8.37
C THR B 191 -14.87 -5.78 -8.51
N GLY B 192 -15.73 -6.18 -7.57
CA GLY B 192 -17.15 -5.92 -7.70
C GLY B 192 -17.81 -7.01 -8.51
N ASP B 193 -17.53 -7.01 -9.82
CA ASP B 193 -17.79 -8.15 -10.69
C ASP B 193 -16.63 -8.27 -11.65
N GLY B 194 -16.35 -9.50 -12.07
CA GLY B 194 -15.24 -9.73 -12.97
C GLY B 194 -14.86 -11.19 -13.06
N GLY B 195 -14.37 -11.61 -14.22
CA GLY B 195 -13.92 -12.98 -14.40
C GLY B 195 -12.66 -13.03 -15.24
N LEU B 197 -10.48 -15.92 -17.89
CA LEU B 197 -10.26 -17.21 -18.53
C LEU B 197 -8.76 -17.42 -18.77
N CYS B 198 -8.35 -18.68 -18.73
CA CYS B 198 -6.99 -19.06 -19.07
C CYS B 198 -7.03 -20.30 -19.94
N PHE B 199 -6.52 -20.18 -21.16
CA PHE B 199 -6.54 -21.27 -22.13
C PHE B 199 -5.15 -21.83 -22.30
N ARG B 200 -5.03 -23.16 -22.20
CA ARG B 200 -3.78 -23.81 -22.56
C ARG B 200 -3.43 -23.56 -24.03
N ASP B 201 -4.44 -23.52 -24.89
CA ASP B 201 -4.24 -23.29 -26.31
C ASP B 201 -4.39 -21.80 -26.61
N PRO B 202 -3.33 -21.12 -27.06
CA PRO B 202 -3.45 -19.69 -27.36
C PRO B 202 -4.46 -19.38 -28.46
N GLU B 203 -4.61 -20.26 -29.44
CA GLU B 203 -5.58 -20.01 -30.50
C GLU B 203 -7.01 -20.10 -29.99
N LEU B 204 -7.27 -20.97 -29.01
CA LEU B 204 -8.58 -21.00 -28.39
C LEU B 204 -8.84 -19.74 -27.58
N ALA B 205 -7.78 -19.15 -27.00
CA ALA B 205 -7.92 -17.88 -26.33
C ALA B 205 -8.26 -16.76 -27.31
N GLU B 206 -7.72 -16.83 -28.53
CA GLU B 206 -8.03 -15.82 -29.54
C GLU B 206 -9.49 -15.90 -29.96
N ARG B 207 -10.04 -17.11 -30.07
CA ARG B 207 -11.47 -17.26 -30.35
C ARG B 207 -12.31 -16.72 -29.20
N ALA B 208 -11.83 -16.87 -27.96
CA ALA B 208 -12.58 -16.37 -26.82
C ALA B 208 -12.66 -14.85 -26.82
N ARG B 209 -11.57 -14.17 -27.18
CA ARG B 209 -11.59 -12.71 -27.25
C ARG B 209 -12.61 -12.22 -28.27
N LYS B 210 -12.69 -12.88 -29.42
CA LYS B 210 -13.68 -12.48 -30.43
C LYS B 210 -15.09 -12.79 -29.96
N LEU B 211 -15.29 -13.99 -29.39
CA LEU B 211 -16.63 -14.38 -28.93
C LEU B 211 -17.11 -13.49 -27.79
N ALA B 212 -16.20 -13.13 -26.87
CA ALA B 212 -16.59 -12.26 -25.78
C ALA B 212 -16.96 -10.86 -26.26
N SER B 213 -16.41 -10.44 -27.41
CA SER B 213 -16.68 -9.14 -27.99
C SER B 213 -17.72 -9.23 -29.10
N LEU B 214 -18.87 -9.85 -28.80
CA LEU B 214 -20.01 -9.94 -29.71
C LEU B 214 -19.69 -10.70 -30.98
N GLY B 215 -18.67 -11.55 -30.97
CA GLY B 215 -18.30 -12.27 -32.17
C GLY B 215 -17.74 -11.40 -33.28
N ALA B 217 -15.06 -9.17 -35.59
CA ALA B 217 -13.68 -9.20 -36.08
C ALA B 217 -13.56 -8.09 -37.11
N GLN B 218 -12.85 -7.03 -36.76
CA GLN B 218 -12.71 -5.86 -37.64
C GLN B 218 -11.88 -6.18 -38.87
N ARG B 232 -14.88 2.86 -43.11
CA ARG B 232 -13.46 2.79 -42.76
C ARG B 232 -13.23 1.91 -41.54
N TRP B 233 -12.79 2.52 -40.44
CA TRP B 233 -12.42 1.78 -39.23
C TRP B 233 -13.61 1.39 -38.37
N TRP B 234 -14.84 1.65 -38.83
CA TRP B 234 -16.03 1.31 -38.06
C TRP B 234 -16.73 0.05 -38.57
N GLU B 235 -16.37 -0.45 -39.74
CA GLU B 235 -16.98 -1.66 -40.25
C GLU B 235 -16.43 -2.89 -39.53
N PHE B 236 -17.17 -3.98 -39.60
CA PHE B 236 -16.80 -5.20 -38.89
C PHE B 236 -17.52 -6.38 -39.51
N GLU B 237 -17.03 -7.58 -39.19
CA GLU B 237 -17.69 -8.83 -39.56
C GLU B 237 -18.06 -9.58 -38.28
N VAL B 238 -19.01 -10.50 -38.43
CA VAL B 238 -19.52 -11.28 -37.30
C VAL B 238 -19.20 -12.74 -37.55
N THR B 239 -18.36 -13.32 -36.71
CA THR B 239 -17.99 -14.73 -36.81
C THR B 239 -18.78 -15.62 -35.86
N ALA B 240 -19.57 -15.04 -34.97
CA ALA B 240 -20.39 -15.78 -34.03
C ALA B 240 -21.38 -14.81 -33.41
N PHE B 241 -22.57 -15.33 -33.06
CA PHE B 241 -23.62 -14.51 -32.47
C PHE B 241 -23.38 -14.33 -30.97
N GLY B 242 -22.23 -13.74 -30.65
CA GLY B 242 -21.81 -13.64 -29.27
C GLY B 242 -22.52 -12.55 -28.50
N ARG B 243 -22.53 -12.71 -27.18
CA ARG B 243 -22.99 -11.68 -26.27
C ARG B 243 -21.85 -10.68 -26.04
N ARG B 244 -22.05 -9.75 -25.11
CA ARG B 244 -21.00 -8.83 -24.69
C ARG B 244 -20.50 -9.35 -23.35
N SER B 245 -19.36 -10.04 -23.37
CA SER B 245 -18.87 -10.80 -22.23
C SER B 245 -17.58 -10.22 -21.66
N ILE B 246 -17.32 -8.94 -21.86
CA ILE B 246 -16.05 -8.33 -21.48
C ILE B 246 -16.22 -7.59 -20.16
N SER B 247 -15.10 -7.36 -19.48
CA SER B 247 -15.08 -6.51 -18.31
C SER B 247 -14.73 -5.09 -18.75
N ASN B 248 -14.26 -4.24 -17.83
CA ASN B 248 -13.92 -2.87 -18.17
C ASN B 248 -12.69 -2.45 -17.38
N ASP B 249 -12.18 -1.25 -17.68
CA ASP B 249 -10.96 -0.77 -17.06
C ASP B 249 -11.15 -0.32 -15.63
N VAL B 250 -12.37 0.01 -15.22
CA VAL B 250 -12.60 0.33 -13.81
C VAL B 250 -12.41 -0.90 -12.95
N ALA B 251 -13.02 -2.02 -13.36
CA ALA B 251 -12.84 -3.27 -12.63
C ALA B 251 -11.40 -3.77 -12.72
N ALA B 252 -10.78 -3.63 -13.90
CA ALA B 252 -9.42 -4.15 -14.09
C ALA B 252 -8.41 -3.41 -13.25
N SER B 253 -8.54 -2.08 -13.14
CA SER B 253 -7.62 -1.31 -12.32
C SER B 253 -7.73 -1.71 -10.86
N ILE B 254 -8.95 -2.02 -10.40
CA ILE B 254 -9.14 -2.56 -9.06
C ILE B 254 -8.47 -3.92 -8.94
N GLY B 255 -8.58 -4.74 -9.99
CA GLY B 255 -8.02 -6.09 -9.94
C GLY B 255 -6.51 -6.09 -9.74
N SER B 256 -5.81 -5.18 -10.41
CA SER B 256 -4.36 -5.11 -10.24
C SER B 256 -3.99 -4.80 -8.80
N VAL B 257 -4.76 -3.92 -8.15
CA VAL B 257 -4.51 -3.61 -6.75
C VAL B 257 -4.81 -4.82 -5.87
N GLN B 258 -5.99 -5.42 -6.06
CA GLN B 258 -6.35 -6.60 -5.28
C GLN B 258 -5.36 -7.74 -5.49
N LEU B 259 -4.80 -7.87 -6.70
CA LEU B 259 -3.82 -8.92 -6.95
C LEU B 259 -2.55 -8.72 -6.14
N ARG B 260 -2.11 -7.46 -6.01
CA ARG B 260 -0.94 -7.18 -5.19
C ARG B 260 -1.20 -7.46 -3.71
N ARG B 261 -2.43 -7.25 -3.24
CA ARG B 261 -2.78 -7.49 -1.85
C ARG B 261 -3.14 -8.94 -1.56
N LEU B 262 -3.39 -9.74 -2.60
CA LEU B 262 -3.84 -11.13 -2.43
C LEU B 262 -2.97 -11.95 -1.49
N PRO B 263 -1.62 -11.91 -1.57
CA PRO B 263 -0.84 -12.69 -0.60
C PRO B 263 -1.12 -12.31 0.85
N GLU B 264 -1.32 -11.03 1.12
CA GLU B 264 -1.68 -10.60 2.48
C GLU B 264 -3.06 -11.13 2.87
N PHE B 265 -4.00 -11.13 1.91
CA PHE B 265 -5.33 -11.68 2.19
C PHE B 265 -5.24 -13.15 2.58
N VAL B 266 -4.49 -13.93 1.79
CA VAL B 266 -4.40 -15.37 2.03
C VAL B 266 -3.65 -15.67 3.33
N ARG B 267 -2.61 -14.87 3.63
CA ARG B 267 -1.90 -15.05 4.89
C ARG B 267 -2.82 -14.83 6.08
N ARG B 268 -3.67 -13.80 6.02
CA ARG B 268 -4.61 -13.55 7.11
C ARG B 268 -5.66 -14.65 7.19
N ARG B 269 -6.17 -15.11 6.06
CA ARG B 269 -7.13 -16.22 6.07
C ARG B 269 -6.49 -17.49 6.61
N ARG B 270 -5.20 -17.69 6.35
CA ARG B 270 -4.53 -18.90 6.81
C ARG B 270 -4.40 -18.90 8.34
N GLU B 271 -3.96 -17.78 8.92
CA GLU B 271 -3.79 -17.76 10.37
C GLU B 271 -5.13 -17.86 11.09
N ILE B 272 -6.20 -17.34 10.50
CA ILE B 272 -7.53 -17.53 11.07
C ILE B 272 -7.91 -19.01 11.05
N ALA B 273 -7.67 -19.67 9.92
CA ALA B 273 -7.98 -21.09 9.82
C ALA B 273 -7.18 -21.91 10.82
N GLU B 274 -5.90 -21.55 11.02
CA GLU B 274 -5.09 -22.25 12.01
C GLU B 274 -5.57 -21.99 13.43
N ARG B 275 -6.08 -20.79 13.71
CA ARG B 275 -6.68 -20.53 15.01
C ARG B 275 -7.97 -21.34 15.19
N TYR B 276 -8.78 -21.44 14.13
CA TYR B 276 -9.94 -22.33 14.16
C TYR B 276 -9.53 -23.76 14.48
N ASP B 277 -8.48 -24.25 13.81
CA ASP B 277 -7.99 -25.61 14.09
C ASP B 277 -7.61 -25.76 15.56
N GLN B 278 -6.86 -24.79 16.09
CA GLN B 278 -6.42 -24.87 17.48
C GLN B 278 -7.60 -24.89 18.44
N GLY B 279 -8.65 -24.11 18.16
CA GLY B 279 -9.77 -23.99 19.05
C GLY B 279 -10.87 -25.04 18.90
N LEU B 280 -10.90 -25.77 17.79
CA LEU B 280 -11.98 -26.71 17.53
C LEU B 280 -11.53 -28.15 17.30
N SER B 281 -10.23 -28.42 17.32
CA SER B 281 -9.77 -29.79 17.03
C SER B 281 -9.94 -30.74 18.21
N THR B 282 -10.29 -30.25 19.39
CA THR B 282 -10.51 -31.09 20.55
C THR B 282 -11.97 -31.42 20.78
N VAL B 283 -12.87 -30.89 19.95
CA VAL B 283 -14.30 -31.00 20.18
C VAL B 283 -14.81 -32.33 19.63
N ASP B 284 -15.50 -33.09 20.47
CA ASP B 284 -16.14 -34.32 20.03
C ASP B 284 -17.34 -34.02 19.15
N GLY B 285 -17.60 -34.90 18.19
CA GLY B 285 -18.70 -34.68 17.27
C GLY B 285 -18.49 -33.53 16.31
N LEU B 286 -17.25 -33.11 16.10
CA LEU B 286 -16.93 -32.04 15.16
C LEU B 286 -15.64 -32.39 14.45
N ARG B 287 -15.64 -32.29 13.12
CA ARG B 287 -14.45 -32.57 12.32
C ARG B 287 -14.03 -31.31 11.58
N CYS B 288 -12.82 -30.84 11.86
CA CYS B 288 -12.23 -29.71 11.15
C CYS B 288 -11.81 -30.16 9.76
N PRO B 289 -11.43 -29.24 8.87
CA PRO B 289 -10.97 -29.62 7.54
C PRO B 289 -9.74 -30.52 7.64
N PRO B 290 -9.63 -31.52 6.77
CA PRO B 290 -8.45 -32.39 6.77
C PRO B 290 -7.22 -31.61 6.37
N PRO B 291 -6.03 -32.07 6.75
CA PRO B 291 -4.82 -31.30 6.46
C PRO B 291 -4.55 -31.22 4.97
N LEU B 292 -3.88 -30.15 4.57
CA LEU B 292 -3.45 -30.02 3.18
C LEU B 292 -2.39 -31.07 2.85
N PRO B 293 -2.49 -31.73 1.70
CA PRO B 293 -1.45 -32.68 1.31
C PRO B 293 -0.14 -31.97 1.04
N ALA B 294 0.93 -32.76 1.00
CA ALA B 294 2.26 -32.20 0.76
C ALA B 294 2.31 -31.52 -0.59
N GLY B 295 2.90 -30.33 -0.62
CA GLY B 295 3.01 -29.57 -1.85
C GLY B 295 1.76 -28.82 -2.26
N HIS B 296 0.71 -28.84 -1.44
CA HIS B 296 -0.53 -28.13 -1.74
C HIS B 296 -0.60 -26.86 -0.91
N THR B 297 -0.98 -25.76 -1.56
CA THR B 297 -1.28 -24.50 -0.88
C THR B 297 -2.72 -24.13 -1.18
N SER B 298 -3.41 -23.62 -0.16
CA SER B 298 -4.81 -23.26 -0.30
C SER B 298 -4.97 -21.75 -0.31
N SER B 299 -6.05 -21.29 -0.93
CA SER B 299 -6.45 -19.90 -0.84
C SER B 299 -7.27 -19.61 0.40
N TYR B 300 -7.69 -20.65 1.13
CA TYR B 300 -8.49 -20.53 2.34
C TYR B 300 -9.78 -19.75 2.07
N TYR B 301 -10.55 -20.27 1.12
CA TYR B 301 -11.82 -19.66 0.77
C TYR B 301 -12.94 -20.11 1.70
N PHE B 302 -12.96 -21.40 2.06
CA PHE B 302 -13.92 -21.96 3.00
C PHE B 302 -13.20 -22.51 4.21
N TYR B 303 -13.87 -22.45 5.36
CA TYR B 303 -13.53 -23.27 6.52
C TYR B 303 -14.78 -24.07 6.86
N TRP B 304 -14.80 -25.34 6.46
CA TRP B 304 -15.96 -26.19 6.62
C TRP B 304 -15.74 -27.17 7.77
N VAL B 305 -16.74 -27.31 8.63
CA VAL B 305 -16.72 -28.28 9.71
C VAL B 305 -17.81 -29.31 9.46
N ARG B 306 -17.58 -30.52 9.94
CA ARG B 306 -18.49 -31.63 9.73
C ARG B 306 -19.02 -32.13 11.07
N ASP B 308 -22.83 -34.28 12.98
CA ASP B 308 -23.97 -35.15 12.72
C ASP B 308 -25.08 -34.38 12.01
N ALA B 309 -25.73 -35.05 11.06
CA ALA B 309 -26.74 -34.39 10.24
C ALA B 309 -27.90 -33.88 11.08
N SER B 310 -28.24 -34.57 12.18
CA SER B 310 -29.38 -34.18 13.00
C SER B 310 -29.13 -32.91 13.79
N VAL B 311 -27.91 -32.39 13.81
CA VAL B 311 -27.60 -31.15 14.52
C VAL B 311 -27.04 -30.06 13.61
N ARG B 312 -26.76 -30.36 12.34
CA ARG B 312 -26.15 -29.37 11.46
C ARG B 312 -27.09 -28.18 11.26
N ASP B 313 -28.36 -28.46 10.94
CA ASP B 313 -29.32 -27.36 10.72
C ASP B 313 -29.55 -26.58 12.01
N ALA B 314 -29.70 -27.29 13.14
CA ALA B 314 -29.89 -26.60 14.41
C ALA B 314 -28.68 -25.73 14.76
N ALA B 316 -26.70 -24.15 12.58
CA ALA B 316 -26.77 -22.96 11.76
C ALA B 316 -27.79 -21.97 12.31
N ARG B 317 -28.95 -22.46 12.76
CA ARG B 317 -29.96 -21.58 13.31
C ARG B 317 -29.51 -21.00 14.66
N ARG B 318 -28.88 -21.81 15.50
CA ARG B 318 -28.40 -21.30 16.78
C ARG B 318 -27.29 -20.27 16.58
N LEU B 319 -26.38 -20.53 15.64
CA LEU B 319 -25.32 -19.56 15.38
C LEU B 319 -25.87 -18.27 14.81
N TYR B 320 -26.90 -18.35 13.96
CA TYR B 320 -27.49 -17.15 13.40
C TYR B 320 -28.08 -16.26 14.50
N ASP B 321 -28.72 -16.87 15.50
CA ASP B 321 -29.29 -16.10 16.60
C ASP B 321 -28.21 -15.45 17.45
N ARG B 322 -27.01 -16.01 17.47
CA ARG B 322 -25.92 -15.49 18.28
C ARG B 322 -25.01 -14.54 17.49
N GLY B 323 -25.45 -14.09 16.32
CA GLY B 323 -24.69 -13.13 15.54
C GLY B 323 -23.61 -13.70 14.65
N VAL B 324 -23.59 -15.02 14.45
CA VAL B 324 -22.58 -15.68 13.61
C VAL B 324 -23.31 -16.29 12.43
N TYR B 325 -23.10 -15.72 11.24
CA TYR B 325 -23.73 -16.25 10.03
C TYR B 325 -22.93 -17.43 9.49
N THR B 326 -23.65 -18.47 9.08
CA THR B 326 -23.06 -19.64 8.43
C THR B 326 -23.94 -20.04 7.26
N THR B 327 -23.40 -20.90 6.40
CA THR B 327 -24.14 -21.41 5.25
C THR B 327 -23.46 -22.68 4.76
N PHE B 328 -23.94 -23.21 3.64
CA PHE B 328 -23.33 -24.37 3.01
C PHE B 328 -23.13 -24.11 1.54
N ARG B 329 -21.98 -24.56 1.03
CA ARG B 329 -21.67 -24.58 -0.39
C ARG B 329 -21.01 -25.93 -0.68
N TYR B 330 -21.31 -26.51 -1.83
CA TYR B 330 -22.32 -26.02 -2.77
C TYR B 330 -23.46 -27.02 -2.80
N ALA B 331 -24.70 -26.52 -2.91
CA ALA B 331 -25.86 -27.39 -2.86
C ALA B 331 -25.76 -28.48 -3.93
N PRO B 332 -25.96 -29.75 -3.57
CA PRO B 332 -25.74 -30.84 -4.54
C PRO B 332 -26.66 -30.75 -5.75
N LEU B 333 -26.07 -30.46 -6.92
CA LEU B 333 -26.86 -30.23 -8.11
C LEU B 333 -27.55 -31.48 -8.63
N HIS B 334 -27.06 -32.67 -8.27
CA HIS B 334 -27.73 -33.88 -8.71
C HIS B 334 -29.08 -34.09 -8.03
N LEU B 335 -29.38 -33.32 -6.99
CA LEU B 335 -30.70 -33.32 -6.37
C LEU B 335 -31.60 -32.23 -6.95
N VAL B 336 -31.13 -31.47 -7.93
CA VAL B 336 -31.91 -30.43 -8.58
C VAL B 336 -32.59 -31.06 -9.79
N SER B 337 -33.92 -31.15 -9.77
CA SER B 337 -34.65 -31.90 -10.77
C SER B 337 -34.52 -31.31 -12.17
N ALA B 338 -34.05 -30.06 -12.30
CA ALA B 338 -33.94 -29.44 -13.62
C ALA B 338 -32.97 -30.17 -14.52
N TYR B 339 -31.96 -30.82 -13.95
CA TYR B 339 -30.89 -31.41 -14.75
C TYR B 339 -31.16 -32.86 -15.14
N GLY B 340 -32.34 -33.39 -14.84
CA GLY B 340 -32.75 -34.68 -15.35
C GLY B 340 -32.57 -35.79 -14.34
N HIS B 341 -32.74 -37.01 -14.85
CA HIS B 341 -32.68 -38.21 -14.02
C HIS B 341 -31.24 -38.50 -13.63
N GLU B 342 -30.90 -38.28 -12.36
CA GLU B 342 -29.61 -38.63 -11.81
C GLU B 342 -29.76 -39.79 -10.83
N GLY B 343 -28.63 -40.41 -10.51
CA GLY B 343 -28.60 -41.52 -9.59
C GLY B 343 -28.29 -41.10 -8.17
N SER B 344 -27.79 -42.06 -7.39
CA SER B 344 -27.40 -41.81 -6.02
C SER B 344 -25.92 -41.45 -5.96
N LEU B 345 -25.60 -40.42 -5.17
CA LEU B 345 -24.22 -39.98 -4.96
C LEU B 345 -24.03 -39.86 -3.45
N PRO B 346 -23.69 -40.96 -2.77
CA PRO B 346 -23.66 -40.93 -1.29
C PRO B 346 -22.67 -39.94 -0.72
N GLY B 347 -21.52 -39.74 -1.37
CA GLY B 347 -20.56 -38.78 -0.84
C GLY B 347 -21.11 -37.37 -0.80
N ALA B 348 -21.67 -36.91 -1.92
CA ALA B 348 -22.25 -35.57 -1.97
C ALA B 348 -23.48 -35.45 -1.08
N GLU B 349 -24.30 -36.52 -1.03
CA GLU B 349 -25.51 -36.47 -0.21
C GLU B 349 -25.16 -36.36 1.27
N ARG B 350 -24.12 -37.07 1.71
CA ARG B 350 -23.70 -37.00 3.10
C ARG B 350 -23.12 -35.62 3.43
N ALA B 351 -22.26 -35.10 2.55
CA ALA B 351 -21.68 -33.79 2.78
C ALA B 351 -22.75 -32.71 2.85
N ALA B 352 -23.79 -32.82 2.01
CA ALA B 352 -24.85 -31.82 2.01
C ALA B 352 -25.63 -31.81 3.32
N GLU B 353 -25.57 -32.88 4.10
CA GLU B 353 -26.28 -32.95 5.37
C GLU B 353 -25.40 -32.68 6.57
N GLU B 354 -24.09 -32.88 6.47
CA GLU B 354 -23.20 -32.83 7.62
C GLU B 354 -22.26 -31.62 7.64
N THR B 355 -22.15 -30.88 6.54
CA THR B 355 -21.16 -29.84 6.41
C THR B 355 -21.76 -28.47 6.69
N LEU B 356 -21.01 -27.64 7.43
CA LEU B 356 -21.37 -26.25 7.67
C LEU B 356 -20.13 -25.40 7.44
N CYS B 357 -20.32 -24.26 6.77
CA CYS B 357 -19.22 -23.35 6.46
C CYS B 357 -19.22 -22.20 7.46
N LEU B 358 -18.10 -22.02 8.14
CA LEU B 358 -17.91 -20.96 9.12
C LEU B 358 -17.29 -19.74 8.46
N PRO B 359 -17.48 -18.55 9.04
CA PRO B 359 -16.90 -17.34 8.46
C PRO B 359 -15.39 -17.47 8.27
N LEU B 360 -14.92 -17.10 7.08
CA LEU B 360 -13.48 -17.12 6.79
C LEU B 360 -13.21 -16.07 5.73
N HIS B 361 -12.65 -14.94 6.16
CA HIS B 361 -12.22 -13.88 5.25
C HIS B 361 -11.29 -12.95 6.02
N GLN B 362 -10.55 -12.14 5.26
CA GLN B 362 -9.50 -11.32 5.86
C GLN B 362 -10.04 -10.10 6.60
N ALA B 363 -11.35 -9.84 6.55
CA ALA B 363 -11.93 -8.74 7.31
C ALA B 363 -12.31 -9.14 8.74
N LEU B 364 -12.19 -10.41 9.08
CA LEU B 364 -12.49 -10.86 10.45
C LEU B 364 -11.45 -10.32 11.42
N SER B 365 -11.91 -9.68 12.49
CA SER B 365 -11.02 -9.32 13.57
C SER B 365 -10.70 -10.55 14.42
N ASP B 366 -9.67 -10.44 15.25
CA ASP B 366 -9.39 -11.50 16.20
C ASP B 366 -10.55 -11.71 17.16
N SER B 367 -11.30 -10.63 17.44
CA SER B 367 -12.49 -10.76 18.27
C SER B 367 -13.54 -11.62 17.59
N ASP B 368 -13.77 -11.40 16.29
CA ASP B 368 -14.74 -12.21 15.55
C ASP B 368 -14.31 -13.68 15.54
N VAL B 369 -13.00 -13.94 15.40
CA VAL B 369 -12.52 -15.31 15.36
C VAL B 369 -12.82 -16.02 16.68
N GLU B 370 -12.54 -15.36 17.81
CA GLU B 370 -12.83 -15.96 19.10
C GLU B 370 -14.34 -16.10 19.33
N THR B 371 -15.14 -15.20 18.76
CA THR B 371 -16.58 -15.33 18.87
C THR B 371 -17.08 -16.56 18.14
N VAL B 372 -16.57 -16.80 16.92
CA VAL B 372 -16.97 -17.98 16.16
C VAL B 372 -16.58 -19.26 16.89
N ILE B 373 -15.33 -19.32 17.37
CA ILE B 373 -14.85 -20.51 18.04
C ILE B 373 -15.71 -20.82 19.27
N GLY B 374 -15.99 -19.80 20.08
CA GLY B 374 -16.76 -20.01 21.29
C GLY B 374 -18.21 -20.39 21.02
N GLU B 375 -18.84 -19.72 20.06
CA GLU B 375 -20.23 -20.03 19.74
C GLU B 375 -20.37 -21.42 19.15
N VAL B 376 -19.35 -21.91 18.44
CA VAL B 376 -19.41 -23.26 17.88
C VAL B 376 -19.23 -24.30 18.98
N ARG B 377 -18.28 -24.07 19.88
CA ARG B 377 -18.10 -24.98 21.01
C ARG B 377 -19.35 -25.02 21.89
N ALA B 378 -19.92 -23.86 22.20
CA ALA B 378 -21.10 -23.81 23.04
C ALA B 378 -22.31 -24.41 22.33
N GLY B 379 -22.40 -24.19 21.02
CA GLY B 379 -23.51 -24.76 20.26
C GLY B 379 -23.46 -26.28 20.23
N LEU B 380 -22.28 -26.85 20.03
CA LEU B 380 -22.16 -28.31 19.98
C LEU B 380 -22.45 -28.93 21.34
N ALA B 381 -21.96 -28.31 22.43
CA ALA B 381 -22.24 -28.84 23.76
C ALA B 381 -23.73 -28.82 24.06
N ALA B 382 -24.45 -27.81 23.58
CA ALA B 382 -25.89 -27.73 23.83
C ALA B 382 -26.66 -28.75 23.02
N LEU B 383 -26.18 -29.11 21.84
CA LEU B 383 -26.87 -30.05 20.96
C LEU B 383 -26.33 -31.48 21.10
N THR B 384 -25.49 -31.74 22.08
CA THR B 384 -24.94 -33.07 22.29
C THR B 384 -25.00 -33.46 23.77
N GLY C 5 39.91 35.13 5.70
CA GLY C 5 38.64 35.11 6.39
C GLY C 5 37.50 34.60 5.53
N ILE C 7 33.68 33.47 4.93
CA ILE C 7 32.30 33.64 5.38
C ILE C 7 31.51 32.39 5.03
N ASN C 8 30.94 31.74 6.05
CA ASN C 8 30.29 30.45 5.87
C ASN C 8 28.81 30.61 5.51
N VAL C 9 28.28 29.59 4.82
CA VAL C 9 26.87 29.60 4.42
C VAL C 9 25.98 29.32 5.62
N PHE C 10 26.36 28.34 6.44
CA PHE C 10 25.66 28.01 7.66
C PHE C 10 26.61 28.19 8.84
N GLN C 11 26.04 28.57 9.99
CA GLN C 11 26.84 28.71 11.19
C GLN C 11 25.95 28.81 12.42
N PRO C 12 26.23 28.05 13.47
CA PRO C 12 25.48 28.19 14.73
C PRO C 12 26.11 29.21 15.66
N THR C 13 25.31 29.66 16.62
CA THR C 13 25.75 30.60 17.65
C THR C 13 25.42 30.03 19.02
N LEU C 14 26.38 29.37 19.64
CA LEU C 14 26.25 28.87 21.00
C LEU C 14 27.38 29.45 21.84
N GLY C 15 27.04 29.96 23.02
CA GLY C 15 28.02 30.62 23.85
C GLY C 15 27.86 30.36 25.34
N GLU C 16 28.04 31.42 26.15
CA GLU C 16 28.06 31.26 27.60
C GLU C 16 26.73 30.77 28.13
N ALA C 17 25.62 31.22 27.54
CA ALA C 17 24.31 30.80 28.01
C ALA C 17 24.11 29.30 27.81
N GLU C 18 24.55 28.77 26.67
CA GLU C 18 24.47 27.33 26.44
C GLU C 18 25.47 26.58 27.31
N LEU C 19 26.68 27.14 27.48
CA LEU C 19 27.68 26.49 28.31
C LEU C 19 27.22 26.42 29.76
N ALA C 20 26.48 27.42 30.24
CA ALA C 20 25.98 27.38 31.61
C ALA C 20 24.93 26.30 31.81
N ALA C 21 24.12 26.04 30.79
CA ALA C 21 23.18 24.92 30.86
C ALA C 21 23.91 23.60 30.92
N VAL C 22 24.91 23.43 30.06
CA VAL C 22 25.73 22.22 30.08
C VAL C 22 26.42 22.06 31.42
N ARG C 23 26.97 23.16 31.95
CA ARG C 23 27.63 23.13 33.24
C ARG C 23 26.70 22.58 34.32
N GLU C 24 25.45 23.01 34.32
CA GLU C 24 24.51 22.57 35.34
C GLU C 24 24.17 21.09 35.18
N VAL C 25 24.06 20.62 33.93
CA VAL C 25 23.77 19.21 33.71
C VAL C 25 24.93 18.33 34.17
N PHE C 26 26.16 18.75 33.86
CA PHE C 26 27.33 18.02 34.35
C PHE C 26 27.32 17.93 35.87
N ALA C 27 27.04 19.06 36.54
CA ALA C 27 27.05 19.08 38.00
C ALA C 27 25.93 18.23 38.59
N SER C 28 24.81 18.10 37.88
CA SER C 28 23.69 17.32 38.40
C SER C 28 24.00 15.83 38.41
N GLY C 29 24.85 15.36 37.49
CA GLY C 29 25.17 13.95 37.38
C GLY C 29 24.23 13.14 36.53
N TRP C 30 23.12 13.71 36.09
CA TRP C 30 22.15 13.01 35.24
C TRP C 30 22.25 13.59 33.84
N LEU C 31 22.92 12.85 32.94
CA LEU C 31 23.16 13.34 31.60
C LEU C 31 22.24 12.71 30.55
N GLY C 32 21.63 11.56 30.85
CA GLY C 32 20.76 10.90 29.91
C GLY C 32 19.41 11.58 29.81
N ARG C 33 18.49 10.92 29.11
CA ARG C 33 17.13 11.42 29.00
C ARG C 33 16.51 11.55 30.38
N GLY C 34 16.10 12.77 30.74
CA GLY C 34 15.56 13.02 32.05
C GLY C 34 14.67 14.24 32.09
N PRO C 35 14.71 14.97 33.20
CA PRO C 35 13.80 16.13 33.35
C PRO C 35 14.08 17.25 32.37
N ARG C 36 15.32 17.41 31.89
CA ARG C 36 15.62 18.45 30.92
C ARG C 36 14.97 18.13 29.57
N THR C 37 14.92 16.85 29.20
CA THR C 37 14.24 16.48 27.96
C THR C 37 12.74 16.74 28.05
N LYS C 38 12.13 16.44 29.20
CA LYS C 38 10.71 16.72 29.38
C LYS C 38 10.44 18.21 29.29
N VAL C 39 11.33 19.04 29.86
CA VAL C 39 11.13 20.48 29.81
C VAL C 39 11.30 21.00 28.38
N PHE C 40 12.31 20.51 27.67
CA PHE C 40 12.53 20.97 26.29
C PHE C 40 11.37 20.54 25.39
N GLU C 41 10.88 19.31 25.57
CA GLU C 41 9.69 18.87 24.82
C GLU C 41 8.51 19.78 25.08
N ALA C 42 8.27 20.11 26.36
CA ALA C 42 7.15 20.97 26.71
C ALA C 42 7.33 22.37 26.16
N ASP C 43 8.55 22.92 26.22
CA ASP C 43 8.79 24.25 25.68
C ASP C 43 8.62 24.27 24.16
N PHE C 44 9.10 23.22 23.48
CA PHE C 44 8.98 23.18 22.03
C PHE C 44 7.52 22.99 21.61
N ALA C 45 6.76 22.20 22.38
CA ALA C 45 5.34 22.04 22.10
C ALA C 45 4.61 23.39 22.20
N GLU C 46 4.95 24.19 23.21
CA GLU C 46 4.37 25.53 23.31
C GLU C 46 4.79 26.40 22.13
N HIS C 47 6.03 26.23 21.67
CA HIS C 47 6.50 26.97 20.49
C HIS C 47 5.71 26.58 19.25
N LEU C 48 5.32 25.31 19.15
CA LEU C 48 4.52 24.85 18.02
C LEU C 48 3.02 25.07 18.22
N GLY C 49 2.60 25.44 19.43
CA GLY C 49 1.18 25.57 19.71
C GLY C 49 0.43 24.26 19.71
N VAL C 50 1.09 23.17 20.08
CA VAL C 50 0.45 21.86 20.18
C VAL C 50 0.58 21.34 21.60
N GLY C 51 0.02 20.16 21.87
CA GLY C 51 0.12 19.58 23.19
C GLY C 51 1.45 18.90 23.41
N ALA C 52 1.86 18.84 24.69
CA ALA C 52 3.15 18.23 25.02
C ALA C 52 3.14 16.73 24.75
N GLU C 53 1.98 16.07 24.88
CA GLU C 53 1.91 14.64 24.63
C GLU C 53 2.07 14.30 23.15
N GLN C 54 1.90 15.27 22.25
CA GLN C 54 2.09 15.06 20.83
C GLN C 54 3.56 15.09 20.42
N VAL C 55 4.45 15.49 21.32
CA VAL C 55 5.83 15.83 20.99
C VAL C 55 6.75 14.76 21.55
N VAL C 56 7.70 14.30 20.73
CA VAL C 56 8.64 13.26 21.13
C VAL C 56 10.04 13.66 20.67
N SER C 57 10.97 13.76 21.61
CA SER C 57 12.36 14.09 21.30
C SER C 57 13.08 12.86 20.76
N VAL C 58 13.93 13.07 19.74
CA VAL C 58 14.70 12.01 19.12
C VAL C 58 16.14 12.48 18.90
N SER C 59 16.98 11.55 18.46
CA SER C 59 18.42 11.82 18.35
C SER C 59 18.74 12.77 17.21
N CYS C 60 18.00 12.72 16.12
CA CYS C 60 18.22 13.61 14.99
C CYS C 60 17.00 13.56 14.07
N CYS C 61 16.99 14.46 13.09
CA CYS C 61 15.85 14.52 12.17
C CYS C 61 15.80 13.29 11.27
N THR C 62 16.96 12.82 10.80
CA THR C 62 16.99 11.63 9.95
C THR C 62 16.38 10.43 10.67
N GLU C 63 16.70 10.27 11.95
CA GLU C 63 16.13 9.18 12.72
C GLU C 63 14.62 9.33 12.85
N GLY C 64 14.14 10.57 13.01
CA GLY C 64 12.71 10.80 13.07
C GLY C 64 12.01 10.46 11.78
N LEU C 65 12.66 10.73 10.64
CA LEU C 65 12.08 10.35 9.36
C LEU C 65 12.07 8.83 9.18
N PHE C 66 13.12 8.15 9.64
CA PHE C 66 13.13 6.69 9.59
C PHE C 66 12.05 6.10 10.50
N LEU C 67 11.87 6.68 11.69
CA LEU C 67 10.82 6.22 12.58
C LEU C 67 9.44 6.48 11.99
N SER C 68 9.29 7.60 11.28
CA SER C 68 8.00 7.94 10.68
C SER C 68 7.56 6.87 9.68
N GLU C 70 8.62 3.79 9.56
CA GLU C 70 8.37 2.56 10.30
C GLU C 70 7.01 2.59 10.97
N LEU C 71 6.68 3.70 11.63
CA LEU C 71 5.40 3.80 12.33
C LEU C 71 4.22 3.73 11.36
N LEU C 72 4.37 4.35 10.18
CA LEU C 72 3.31 4.32 9.19
C LEU C 72 3.22 2.99 8.46
N GLY C 73 4.22 2.12 8.61
CA GLY C 73 4.13 0.78 8.06
C GLY C 73 4.38 0.68 6.57
N VAL C 74 5.20 1.57 6.01
CA VAL C 74 5.52 1.46 4.58
C VAL C 74 6.47 0.29 4.37
N GLY C 75 6.39 -0.32 3.19
CA GLY C 75 7.21 -1.46 2.87
C GLY C 75 7.20 -1.80 1.40
N PRO C 76 7.63 -3.02 1.06
CA PRO C 76 7.67 -3.44 -0.35
C PRO C 76 6.30 -3.30 -1.02
N GLY C 77 6.33 -2.80 -2.26
CA GLY C 77 5.12 -2.54 -3.01
C GLY C 77 4.54 -1.14 -2.81
N ASP C 78 4.91 -0.47 -1.72
CA ASP C 78 4.39 0.85 -1.41
C ASP C 78 5.24 1.94 -2.08
N GLU C 79 4.64 3.12 -2.19
CA GLU C 79 5.33 4.30 -2.71
C GLU C 79 5.13 5.45 -1.72
N VAL C 80 6.14 6.31 -1.64
CA VAL C 80 6.06 7.54 -0.86
C VAL C 80 6.48 8.69 -1.78
N VAL C 81 5.64 9.72 -1.84
CA VAL C 81 5.88 10.86 -2.72
C VAL C 81 6.62 11.94 -1.93
N LEU C 82 7.64 12.52 -2.54
CA LEU C 82 8.40 13.61 -1.95
C LEU C 82 9.07 14.38 -3.07
N PRO C 83 9.26 15.69 -2.93
CA PRO C 83 9.90 16.44 -4.01
C PRO C 83 11.33 15.99 -4.23
N SER C 84 11.76 16.04 -5.49
CA SER C 84 13.16 15.73 -5.81
C SER C 84 14.10 16.60 -4.99
N ILE C 85 13.71 17.85 -4.72
CA ILE C 85 14.44 18.72 -3.82
C ILE C 85 14.09 18.32 -2.39
N SER C 86 14.71 17.24 -1.90
CA SER C 86 14.51 16.77 -0.54
C SER C 86 15.85 16.34 0.04
N PHE C 87 15.90 16.27 1.37
CA PHE C 87 17.08 15.75 2.04
C PHE C 87 17.21 14.26 1.79
N VAL C 88 18.45 13.81 1.57
CA VAL C 88 18.72 12.41 1.22
C VAL C 88 18.20 11.46 2.29
N GLY C 89 18.19 11.89 3.54
CA GLY C 89 17.72 11.04 4.63
C GLY C 89 16.25 10.67 4.50
N ALA C 90 15.44 11.58 3.91
CA ALA C 90 14.02 11.27 3.73
C ALA C 90 13.82 10.16 2.71
N ALA C 91 14.55 10.22 1.59
CA ALA C 91 14.47 9.16 0.60
C ALA C 91 15.02 7.85 1.14
N ASN C 92 16.13 7.91 1.90
CA ASN C 92 16.68 6.70 2.49
C ASN C 92 15.70 6.08 3.49
N ALA C 93 14.98 6.91 4.24
CA ALA C 93 14.00 6.39 5.18
C ALA C 93 12.90 5.61 4.47
N ILE C 94 12.55 6.02 3.26
CA ILE C 94 11.57 5.28 2.48
C ILE C 94 12.17 4.01 1.91
N ALA C 95 13.31 4.14 1.22
CA ALA C 95 13.88 3.01 0.49
C ALA C 95 14.42 1.94 1.42
N ALA C 96 14.82 2.31 2.66
CA ALA C 96 15.34 1.31 3.58
C ALA C 96 14.25 0.34 4.06
N ARG C 97 12.99 0.74 3.95
CA ARG C 97 11.87 -0.12 4.32
C ARG C 97 11.41 -1.02 3.18
N GLY C 98 12.03 -0.91 2.01
CA GLY C 98 11.60 -1.64 0.84
C GLY C 98 10.59 -0.91 -0.03
N ALA C 99 10.16 0.27 0.36
CA ALA C 99 9.23 1.07 -0.42
C ALA C 99 9.98 1.92 -1.44
N ARG C 100 9.24 2.41 -2.44
CA ARG C 100 9.84 3.17 -3.52
C ARG C 100 9.58 4.65 -3.32
N PRO C 101 10.61 5.50 -3.25
CA PRO C 101 10.38 6.94 -3.20
C PRO C 101 10.10 7.47 -4.60
N VAL C 102 8.94 8.10 -4.76
CA VAL C 102 8.52 8.68 -6.03
C VAL C 102 8.69 10.19 -5.95
N PHE C 103 9.59 10.73 -6.76
CA PHE C 103 9.94 12.15 -6.67
C PHE C 103 9.00 12.98 -7.54
N CYS C 104 8.43 14.02 -6.95
CA CYS C 104 7.63 14.98 -7.68
C CYS C 104 8.46 16.23 -8.00
N ASP C 105 7.92 17.07 -8.87
CA ASP C 105 8.63 18.25 -9.31
C ASP C 105 8.44 19.39 -8.31
N VAL C 106 9.14 20.50 -8.57
CA VAL C 106 9.04 21.69 -7.74
C VAL C 106 8.90 22.92 -8.64
N ASP C 107 8.43 23.99 -8.04
CA ASP C 107 8.54 25.31 -8.65
C ASP C 107 9.99 25.75 -8.60
N PRO C 108 10.66 25.99 -9.73
CA PRO C 108 12.08 26.34 -9.68
C PRO C 108 12.36 27.69 -9.04
N ALA C 109 11.35 28.56 -8.92
CA ALA C 109 11.55 29.85 -8.26
C ALA C 109 11.60 29.71 -6.74
N THR C 110 10.87 28.74 -6.19
CA THR C 110 10.81 28.53 -4.75
C THR C 110 11.44 27.23 -4.29
N LEU C 111 11.69 26.29 -5.20
CA LEU C 111 12.19 24.96 -4.88
C LEU C 111 11.28 24.22 -3.91
N ASN C 112 9.99 24.60 -3.91
CA ASN C 112 8.93 23.93 -3.18
C ASN C 112 7.92 23.34 -4.15
N PRO C 113 7.36 22.18 -3.85
CA PRO C 113 6.36 21.58 -4.74
C PRO C 113 4.98 22.22 -4.54
N THR C 114 4.25 22.36 -5.64
CA THR C 114 2.85 22.72 -5.56
C THR C 114 2.03 21.48 -5.21
N ALA C 115 0.75 21.71 -4.89
CA ALA C 115 -0.15 20.58 -4.68
C ALA C 115 -0.35 19.78 -5.96
N ASP C 116 -0.31 20.45 -7.12
CA ASP C 116 -0.44 19.75 -8.38
C ASP C 116 0.77 18.84 -8.64
N HIS C 117 1.97 19.30 -8.27
CA HIS C 117 3.15 18.47 -8.41
C HIS C 117 3.00 17.18 -7.60
N VAL C 118 2.50 17.28 -6.37
CA VAL C 118 2.29 16.09 -5.55
C VAL C 118 1.22 15.20 -6.15
N ALA C 119 0.08 15.80 -6.54
CA ALA C 119 -1.04 15.02 -7.06
C ALA C 119 -0.64 14.20 -8.28
N GLU C 120 0.27 14.74 -9.11
CA GLU C 120 0.68 14.04 -10.31
C GLU C 120 1.39 12.72 -10.03
N LYS C 121 1.92 12.54 -8.81
CA LYS C 121 2.63 11.33 -8.45
C LYS C 121 1.83 10.41 -7.53
N LEU C 122 0.65 10.82 -7.10
CA LEU C 122 -0.19 9.97 -6.27
C LEU C 122 -0.76 8.81 -7.10
N GLY C 123 -1.02 7.70 -6.42
CA GLY C 123 -1.56 6.53 -7.06
C GLY C 123 -1.96 5.47 -6.05
N PRO C 124 -2.32 4.28 -6.54
CA PRO C 124 -2.77 3.22 -5.62
C PRO C 124 -1.71 2.75 -4.65
N ARG C 125 -0.42 2.91 -4.96
CA ARG C 125 0.64 2.47 -4.07
C ARG C 125 1.03 3.52 -3.04
N THR C 126 0.51 4.73 -3.13
CA THR C 126 0.97 5.82 -2.27
C THR C 126 0.56 5.56 -0.83
N LYS C 127 1.55 5.54 0.07
CA LYS C 127 1.30 5.36 1.50
C LYS C 127 1.70 6.55 2.35
N ALA C 128 2.42 7.51 1.80
CA ALA C 128 2.78 8.71 2.54
C ALA C 128 3.25 9.77 1.57
N VAL C 129 3.20 11.02 2.02
CA VAL C 129 3.81 12.15 1.33
C VAL C 129 4.75 12.84 2.31
N VAL C 130 5.94 13.20 1.83
CA VAL C 130 6.90 13.97 2.61
C VAL C 130 7.19 15.25 1.85
N VAL C 131 7.10 16.39 2.54
CA VAL C 131 7.51 17.67 1.99
C VAL C 131 8.37 18.40 3.01
N LEU C 132 9.12 19.37 2.52
CA LEU C 132 9.83 20.32 3.37
C LEU C 132 9.34 21.73 3.04
N HIS C 133 9.93 22.71 3.70
CA HIS C 133 9.58 24.12 3.53
C HIS C 133 10.87 24.84 3.12
N TYR C 134 11.13 24.89 1.82
CA TYR C 134 12.45 25.26 1.33
C TYR C 134 12.86 26.63 1.86
N GLY C 135 14.05 26.67 2.48
CA GLY C 135 14.59 27.90 3.00
C GLY C 135 13.83 28.51 4.14
N GLY C 136 12.77 27.86 4.60
CA GLY C 136 11.89 28.40 5.61
C GLY C 136 10.56 28.86 5.07
N TYR C 137 10.39 28.92 3.75
CA TYR C 137 9.11 29.27 3.14
C TYR C 137 8.14 28.10 3.25
N PRO C 138 6.98 28.27 3.88
CA PRO C 138 6.02 27.15 3.96
C PRO C 138 5.56 26.67 2.60
N GLY C 139 5.57 27.51 1.58
CA GLY C 139 5.18 27.07 0.25
C GLY C 139 3.69 26.79 0.16
N ASP C 140 3.34 25.78 -0.63
CA ASP C 140 1.95 25.36 -0.85
C ASP C 140 1.49 24.36 0.19
N LEU C 141 1.92 24.53 1.44
CA LEU C 141 1.71 23.50 2.46
C LEU C 141 0.24 23.25 2.73
N VAL C 142 -0.57 24.30 2.80
CA VAL C 142 -1.98 24.14 3.15
C VAL C 142 -2.71 23.32 2.09
N ALA C 143 -2.49 23.64 0.81
CA ALA C 143 -3.14 22.89 -0.26
C ALA C 143 -2.66 21.45 -0.30
N ILE C 144 -1.37 21.23 -0.02
CA ILE C 144 -0.83 19.88 0.00
C ILE C 144 -1.47 19.07 1.13
N ALA C 145 -1.54 19.67 2.32
CA ALA C 145 -2.17 18.99 3.45
C ALA C 145 -3.62 18.64 3.14
N GLU C 146 -4.34 19.56 2.48
CA GLU C 146 -5.73 19.29 2.13
C GLU C 146 -5.83 18.18 1.09
N LEU C 147 -4.93 18.15 0.12
CA LEU C 147 -4.93 17.09 -0.88
C LEU C 147 -4.70 15.73 -0.25
N CYS C 148 -3.68 15.62 0.61
CA CYS C 148 -3.42 14.37 1.29
C CYS C 148 -4.59 13.96 2.17
N ARG C 149 -5.24 14.93 2.82
CA ARG C 149 -6.42 14.66 3.62
C ARG C 149 -7.54 14.05 2.77
N GLU C 150 -7.73 14.58 1.56
CA GLU C 150 -8.80 14.07 0.69
C GLU C 150 -8.50 12.66 0.19
N ARG C 151 -7.23 12.36 -0.05
CA ARG C 151 -6.82 11.06 -0.58
C ARG C 151 -6.53 10.04 0.51
N GLY C 152 -6.64 10.41 1.78
CA GLY C 152 -6.34 9.49 2.86
C GLY C 152 -4.89 9.10 2.96
N VAL C 153 -3.98 9.97 2.54
CA VAL C 153 -2.55 9.69 2.54
C VAL C 153 -1.92 10.47 3.69
N PRO C 154 -1.18 9.83 4.59
CA PRO C 154 -0.51 10.56 5.67
C PRO C 154 0.51 11.53 5.11
N LEU C 155 0.59 12.72 5.72
CA LEU C 155 1.52 13.77 5.31
C LEU C 155 2.59 13.93 6.39
N VAL C 156 3.85 13.78 5.99
CA VAL C 156 5.00 13.96 6.87
C VAL C 156 5.68 15.26 6.49
N GLU C 157 5.88 16.14 7.47
CA GLU C 157 6.51 17.43 7.26
C GLU C 157 7.95 17.36 7.78
N ASP C 158 8.91 17.36 6.86
CA ASP C 158 10.31 17.56 7.23
C ASP C 158 10.49 19.06 7.44
N SER C 159 10.41 19.48 8.70
CA SER C 159 10.41 20.89 9.06
C SER C 159 11.78 21.40 9.47
N ALA C 160 12.85 20.78 8.95
CA ALA C 160 14.19 21.17 9.37
C ALA C 160 14.56 22.59 8.91
N CYS C 161 13.96 23.06 7.80
CA CYS C 161 14.20 24.41 7.33
C CYS C 161 13.32 25.45 8.02
N ALA C 162 12.31 25.03 8.76
CA ALA C 162 11.21 25.91 9.15
C ALA C 162 10.91 25.77 10.64
N VAL C 163 11.96 25.85 11.47
CA VAL C 163 11.78 25.68 12.91
C VAL C 163 10.94 26.80 13.51
N ALA C 164 10.83 27.95 12.83
CA ALA C 164 10.04 29.07 13.33
C ALA C 164 9.03 29.58 12.31
N SER C 165 8.77 28.83 11.24
CA SER C 165 7.87 29.28 10.20
C SER C 165 6.41 28.97 10.55
N GLN C 166 5.51 29.82 10.05
CA GLN C 166 4.09 29.69 10.33
C GLN C 166 3.27 30.00 9.09
N VAL C 167 2.09 29.39 9.01
CA VAL C 167 1.09 29.69 7.98
C VAL C 167 -0.17 30.10 8.73
N ASP C 168 -0.50 31.40 8.66
CA ASP C 168 -1.70 31.94 9.32
C ASP C 168 -1.72 31.57 10.80
N GLY C 169 -0.58 31.76 11.46
CA GLY C 169 -0.47 31.49 12.88
C GLY C 169 -0.24 30.05 13.27
N ARG C 170 -0.25 29.12 12.32
CA ARG C 170 -0.02 27.70 12.62
C ARG C 170 1.41 27.31 12.23
N ALA C 171 2.11 26.68 13.16
CA ALA C 171 3.50 26.33 12.95
C ALA C 171 3.66 25.27 11.87
N CYS C 172 4.68 25.44 11.04
CA CYS C 172 5.03 24.39 10.08
C CYS C 172 5.43 23.13 10.83
N GLY C 173 5.02 21.98 10.29
CA GLY C 173 5.18 20.72 10.98
C GLY C 173 3.98 20.29 11.79
N THR C 174 2.94 21.12 11.87
CA THR C 174 1.73 20.78 12.60
C THR C 174 0.49 20.75 11.71
N LEU C 175 0.63 20.97 10.41
CA LEU C 175 -0.50 20.92 9.51
C LEU C 175 -0.77 19.53 8.95
N GLY C 176 0.26 18.70 8.86
CA GLY C 176 0.11 17.33 8.43
C GLY C 176 -0.11 16.38 9.60
N ASP C 177 0.28 15.14 9.40
CA ASP C 177 0.13 14.10 10.41
C ASP C 177 1.38 13.92 11.27
N VAL C 178 2.57 14.09 10.70
CA VAL C 178 3.82 13.96 11.43
C VAL C 178 4.73 15.12 11.04
N GLY C 179 5.36 15.72 12.03
CA GLY C 179 6.39 16.73 11.81
C GLY C 179 7.71 16.28 12.40
N VAL C 180 8.79 16.60 11.71
CA VAL C 180 10.14 16.25 12.15
C VAL C 180 11.02 17.50 12.06
N TRP C 181 11.81 17.74 13.10
CA TRP C 181 12.71 18.88 13.15
C TRP C 181 14.14 18.41 13.36
N SER C 182 15.09 19.25 12.96
CA SER C 182 16.52 18.99 13.13
C SER C 182 17.16 20.08 13.97
N PHE C 183 18.08 19.68 14.84
CA PHE C 183 18.86 20.61 15.66
C PHE C 183 20.35 20.39 15.45
N ASP C 184 20.75 19.92 14.27
CA ASP C 184 22.16 19.59 14.08
C ASP C 184 22.98 20.86 13.91
N ALA C 185 24.27 20.66 13.65
CA ALA C 185 25.26 21.73 13.70
C ALA C 185 25.00 22.86 12.71
N ILE C 188 19.21 26.10 12.73
CA ILE C 188 19.05 27.39 13.42
C ILE C 188 19.06 27.21 14.94
N LEU C 189 18.06 26.49 15.46
CA LEU C 189 18.10 25.99 16.83
C LEU C 189 19.05 24.79 16.85
N VAL C 190 20.24 24.96 17.40
CA VAL C 190 21.32 23.98 17.30
C VAL C 190 21.64 23.42 18.68
N THR C 191 21.64 22.09 18.78
CA THR C 191 22.03 21.41 20.00
C THR C 191 23.21 20.45 19.76
N GLY C 192 23.96 20.67 18.69
CA GLY C 192 25.00 19.74 18.29
C GLY C 192 24.42 18.66 17.42
N ASP C 193 23.70 17.72 18.06
CA ASP C 193 22.78 16.84 17.36
C ASP C 193 21.49 16.78 18.17
N GLY C 194 20.38 16.62 17.47
CA GLY C 194 19.08 16.59 18.12
C GLY C 194 17.93 16.64 17.13
N GLY C 195 16.82 16.00 17.49
CA GLY C 195 15.66 15.99 16.63
C GLY C 195 14.38 16.04 17.45
N LEU C 197 9.92 15.04 17.07
CA LEU C 197 8.74 14.55 16.36
C LEU C 197 7.49 15.20 16.94
N CYS C 198 6.54 15.48 16.07
CA CYS C 198 5.22 15.96 16.47
C CYS C 198 4.17 15.15 15.73
N PHE C 199 3.22 14.59 16.48
CA PHE C 199 2.17 13.76 15.90
C PHE C 199 0.82 14.42 16.09
N ARG C 200 0.00 14.39 15.04
CA ARG C 200 -1.39 14.79 15.18
C ARG C 200 -2.15 13.81 16.05
N ASP C 201 -1.82 12.54 15.95
CA ASP C 201 -2.46 11.50 16.76
C ASP C 201 -1.65 11.25 18.02
N PRO C 202 -2.17 11.54 19.21
CA PRO C 202 -1.38 11.31 20.42
C PRO C 202 -1.10 9.84 20.67
N GLU C 203 -1.98 8.94 20.24
CA GLU C 203 -1.69 7.51 20.35
C GLU C 203 -0.48 7.14 19.53
N LEU C 204 -0.32 7.76 18.36
CA LEU C 204 0.86 7.48 17.54
C LEU C 204 2.13 8.01 18.18
N ALA C 205 2.03 9.13 18.91
CA ALA C 205 3.19 9.64 19.64
C ALA C 205 3.61 8.67 20.74
N GLU C 206 2.64 8.02 21.39
CA GLU C 206 2.96 7.05 22.43
C GLU C 206 3.68 5.84 21.84
N ARG C 207 3.28 5.40 20.65
CA ARG C 207 4.00 4.34 19.96
C ARG C 207 5.43 4.78 19.63
N ALA C 208 5.61 6.06 19.29
CA ALA C 208 6.93 6.55 18.90
C ALA C 208 7.89 6.55 20.08
N ARG C 209 7.39 6.92 21.27
CA ARG C 209 8.24 6.94 22.45
C ARG C 209 8.78 5.54 22.76
N LYS C 210 7.90 4.53 22.69
CA LYS C 210 8.35 3.15 22.91
C LYS C 210 9.34 2.74 21.84
N LEU C 211 9.03 3.01 20.58
CA LEU C 211 9.90 2.58 19.49
C LEU C 211 11.28 3.23 19.59
N ALA C 212 11.33 4.52 19.91
CA ALA C 212 12.61 5.21 20.04
C ALA C 212 13.41 4.71 21.24
N SER C 213 12.76 4.08 22.21
CA SER C 213 13.42 3.52 23.39
C SER C 213 13.54 2.01 23.29
N LEU C 214 14.09 1.52 22.17
CA LEU C 214 14.40 0.10 21.97
C LEU C 214 13.13 -0.76 21.98
N GLY C 215 11.97 -0.17 21.77
CA GLY C 215 10.73 -0.91 21.81
C GLY C 215 10.38 -1.46 23.17
N ALA C 217 8.82 -1.56 27.15
CA ALA C 217 7.64 -1.14 27.88
C ALA C 217 7.67 -1.80 29.26
N GLN C 218 7.04 -1.15 30.22
CA GLN C 218 7.00 -1.66 31.60
C GLN C 218 6.16 -2.93 31.69
N ARG C 232 11.69 -5.49 41.36
CA ARG C 232 12.04 -5.91 40.01
C ARG C 232 11.80 -4.80 39.00
N TRP C 233 12.25 -3.59 39.32
CA TRP C 233 12.11 -2.45 38.41
C TRP C 233 13.01 -2.55 37.19
N TRP C 234 13.84 -3.59 37.09
CA TRP C 234 14.71 -3.77 35.94
C TRP C 234 14.08 -4.64 34.84
N GLU C 235 12.99 -5.32 35.13
CA GLU C 235 12.33 -6.15 34.13
C GLU C 235 11.61 -5.29 33.09
N PHE C 236 11.50 -5.83 31.88
CA PHE C 236 10.86 -5.12 30.78
C PHE C 236 10.37 -6.11 29.75
N GLU C 237 9.46 -5.66 28.89
CA GLU C 237 9.03 -6.39 27.72
C GLU C 237 9.41 -5.60 26.47
N VAL C 238 9.39 -6.28 25.33
CA VAL C 238 9.78 -5.71 24.05
C VAL C 238 8.60 -5.82 23.10
N THR C 239 8.12 -4.67 22.61
CA THR C 239 7.01 -4.62 21.67
C THR C 239 7.45 -4.36 20.24
N ALA C 240 8.72 -4.03 20.02
CA ALA C 240 9.25 -3.78 18.69
C ALA C 240 10.76 -3.81 18.78
N PHE C 241 11.40 -4.26 17.70
CA PHE C 241 12.86 -4.39 17.65
C PHE C 241 13.51 -3.05 17.33
N GLY C 242 13.21 -2.06 18.18
CA GLY C 242 13.63 -0.71 17.92
C GLY C 242 15.09 -0.45 18.25
N ARG C 243 15.64 0.57 17.60
CA ARG C 243 16.97 1.07 17.91
C ARG C 243 16.89 1.96 19.16
N ARG C 244 18.00 2.57 19.51
CA ARG C 244 18.04 3.60 20.55
C ARG C 244 18.05 4.95 19.84
N SER C 245 16.90 5.61 19.82
CA SER C 245 16.68 6.80 18.99
C SER C 245 16.43 8.06 19.82
N ILE C 246 16.81 8.06 21.10
CA ILE C 246 16.49 9.18 21.99
C ILE C 246 17.64 10.17 22.04
N SER C 247 17.38 11.35 22.57
CA SER C 247 18.39 12.35 22.84
C SER C 247 18.78 12.28 24.32
N ASN C 248 19.38 13.34 24.85
CA ASN C 248 19.82 13.33 26.24
C ASN C 248 19.64 14.73 26.83
N ASP C 249 19.81 14.80 28.16
CA ASP C 249 19.56 16.05 28.87
C ASP C 249 20.59 17.12 28.58
N VAL C 250 21.80 16.73 28.17
CA VAL C 250 22.80 17.73 27.79
C VAL C 250 22.32 18.50 26.57
N ALA C 251 21.99 17.78 25.49
CA ALA C 251 21.44 18.42 24.30
C ALA C 251 20.11 19.11 24.61
N ALA C 252 19.28 18.49 25.45
CA ALA C 252 17.99 19.08 25.77
C ALA C 252 18.16 20.41 26.50
N SER C 253 19.09 20.48 27.45
CA SER C 253 19.32 21.73 28.16
C SER C 253 19.86 22.82 27.24
N ILE C 254 20.64 22.43 26.23
CA ILE C 254 21.06 23.39 25.21
C ILE C 254 19.86 23.84 24.38
N GLY C 255 18.97 22.90 24.06
CA GLY C 255 17.82 23.25 23.24
C GLY C 255 16.92 24.29 23.88
N SER C 256 16.75 24.20 25.20
CA SER C 256 15.90 25.18 25.89
C SER C 256 16.51 26.58 25.81
N VAL C 257 17.83 26.69 25.92
CA VAL C 257 18.48 27.99 25.77
C VAL C 257 18.36 28.48 24.33
N GLN C 258 18.57 27.57 23.36
CA GLN C 258 18.50 27.96 21.96
C GLN C 258 17.08 28.35 21.57
N LEU C 259 16.08 27.65 22.10
CA LEU C 259 14.69 27.99 21.79
C LEU C 259 14.34 29.38 22.31
N ARG C 260 14.91 29.79 23.46
CA ARG C 260 14.68 31.14 23.95
C ARG C 260 15.33 32.19 23.06
N ARG C 261 16.49 31.87 22.47
CA ARG C 261 17.16 32.80 21.58
C ARG C 261 16.63 32.74 20.15
N LEU C 262 15.78 31.76 19.83
CA LEU C 262 15.33 31.56 18.46
C LEU C 262 14.65 32.79 17.86
N PRO C 263 13.74 33.49 18.54
CA PRO C 263 13.16 34.70 17.90
C PRO C 263 14.21 35.74 17.55
N GLU C 264 15.25 35.87 18.38
CA GLU C 264 16.33 36.80 18.07
C GLU C 264 17.12 36.33 16.85
N PHE C 265 17.37 35.02 16.74
CA PHE C 265 18.09 34.50 15.60
C PHE C 265 17.34 34.76 14.30
N VAL C 266 16.03 34.50 14.29
CA VAL C 266 15.24 34.69 13.08
C VAL C 266 15.12 36.17 12.74
N ARG C 267 14.97 37.01 13.76
CA ARG C 267 14.92 38.46 13.52
C ARG C 267 16.20 38.95 12.86
N ARG C 268 17.35 38.47 13.31
CA ARG C 268 18.62 38.85 12.69
C ARG C 268 18.72 38.30 11.27
N ARG C 269 18.32 37.04 11.08
CA ARG C 269 18.33 36.47 9.72
C ARG C 269 17.40 37.23 8.79
N ARG C 270 16.26 37.69 9.31
CA ARG C 270 15.31 38.42 8.46
C ARG C 270 15.90 39.73 7.98
N GLU C 271 16.51 40.51 8.89
CA GLU C 271 17.04 41.81 8.48
C GLU C 271 18.22 41.65 7.54
N ILE C 272 18.95 40.54 7.63
CA ILE C 272 20.00 40.27 6.65
C ILE C 272 19.39 39.99 5.28
N ALA C 273 18.36 39.15 5.24
CA ALA C 273 17.71 38.83 3.98
C ALA C 273 17.11 40.08 3.33
N GLU C 274 16.57 40.99 4.14
CA GLU C 274 16.00 42.21 3.59
C GLU C 274 17.09 43.17 3.10
N ARG C 275 18.26 43.15 3.75
CA ARG C 275 19.39 43.91 3.21
C ARG C 275 19.88 43.31 1.90
N TYR C 276 19.91 41.98 1.81
CA TYR C 276 20.21 41.32 0.54
C TYR C 276 19.23 41.74 -0.54
N ASP C 277 17.93 41.77 -0.22
CA ASP C 277 16.93 42.21 -1.18
C ASP C 277 17.20 43.62 -1.66
N GLN C 278 17.52 44.52 -0.73
CA GLN C 278 17.77 45.91 -1.09
C GLN C 278 19.00 46.03 -2.00
N GLY C 279 20.08 45.31 -1.67
CA GLY C 279 21.32 45.45 -2.41
C GLY C 279 21.42 44.65 -3.69
N LEU C 280 20.48 43.72 -3.94
CA LEU C 280 20.59 42.83 -5.09
C LEU C 280 19.35 42.83 -5.98
N SER C 281 18.38 43.71 -5.72
CA SER C 281 17.14 43.69 -6.50
C SER C 281 17.36 44.23 -7.91
N THR C 282 18.08 45.34 -8.04
CA THR C 282 18.26 45.96 -9.35
C THR C 282 19.24 45.20 -10.23
N VAL C 283 19.93 44.20 -9.71
CA VAL C 283 21.01 43.54 -10.44
C VAL C 283 20.41 42.66 -11.53
N ASP C 284 20.75 42.97 -12.78
CA ASP C 284 20.33 42.14 -13.90
C ASP C 284 21.17 40.86 -13.96
N GLY C 285 20.55 39.80 -14.46
CA GLY C 285 21.19 38.49 -14.45
C GLY C 285 21.07 37.73 -13.15
N LEU C 286 20.29 38.25 -12.20
CA LEU C 286 20.12 37.61 -10.91
C LEU C 286 18.69 37.86 -10.43
N ARG C 287 18.12 36.86 -9.76
CA ARG C 287 16.77 36.96 -9.21
C ARG C 287 16.80 36.56 -7.74
N CYS C 288 16.41 37.48 -6.87
CA CYS C 288 16.34 37.24 -5.44
C CYS C 288 15.15 36.32 -5.14
N PRO C 289 15.04 35.83 -3.90
CA PRO C 289 13.88 34.99 -3.55
C PRO C 289 12.57 35.71 -3.76
N PRO C 290 11.54 35.02 -4.23
CA PRO C 290 10.24 35.66 -4.44
C PRO C 290 9.64 36.12 -3.13
N PRO C 291 8.71 37.06 -3.16
CA PRO C 291 8.14 37.56 -1.90
C PRO C 291 7.42 36.47 -1.13
N LEU C 292 7.48 36.58 0.18
CA LEU C 292 6.76 35.66 1.05
C LEU C 292 5.26 35.88 0.89
N PRO C 293 4.46 34.83 0.70
CA PRO C 293 3.01 35.02 0.59
C PRO C 293 2.44 35.65 1.85
N ALA C 294 1.35 36.39 1.68
CA ALA C 294 0.69 37.02 2.82
C ALA C 294 0.24 35.97 3.82
N GLY C 295 0.46 36.24 5.09
CA GLY C 295 0.15 35.31 6.15
C GLY C 295 1.24 34.28 6.44
N HIS C 296 2.27 34.20 5.59
CA HIS C 296 3.37 33.27 5.79
C HIS C 296 4.52 33.98 6.51
N THR C 297 5.13 33.27 7.46
CA THR C 297 6.36 33.71 8.10
C THR C 297 7.44 32.67 7.85
N SER C 298 8.67 33.15 7.66
CA SER C 298 9.80 32.28 7.34
C SER C 298 10.75 32.18 8.51
N SER C 299 11.51 31.08 8.53
CA SER C 299 12.65 30.94 9.44
C SER C 299 13.93 31.54 8.86
N TYR C 300 13.92 31.91 7.58
CA TYR C 300 15.06 32.50 6.89
C TYR C 300 16.30 31.62 7.03
N TYR C 301 16.14 30.37 6.55
CA TYR C 301 17.22 29.38 6.61
C TYR C 301 18.12 29.45 5.38
N PHE C 302 17.54 29.66 4.20
CA PHE C 302 18.29 29.86 2.97
C PHE C 302 18.02 31.26 2.42
N TYR C 303 19.02 31.82 1.77
CA TYR C 303 18.82 32.94 0.85
C TYR C 303 19.36 32.48 -0.50
N TRP C 304 18.46 32.06 -1.38
CA TRP C 304 18.83 31.49 -2.67
C TRP C 304 18.62 32.51 -3.78
N VAL C 305 19.63 32.69 -4.61
CA VAL C 305 19.55 33.56 -5.78
C VAL C 305 19.58 32.69 -7.02
N ARG C 306 18.95 33.17 -8.09
CA ARG C 306 18.83 32.45 -9.35
C ARG C 306 19.54 33.21 -10.46
N ASP C 308 21.68 32.49 -14.65
CA ASP C 308 21.83 31.59 -15.77
C ASP C 308 22.76 30.44 -15.41
N ALA C 309 22.43 29.25 -15.92
CA ALA C 309 23.20 28.05 -15.57
C ALA C 309 24.66 28.17 -15.97
N SER C 310 24.96 28.94 -17.01
CA SER C 310 26.34 29.06 -17.47
C SER C 310 27.20 29.89 -16.54
N VAL C 311 26.60 30.65 -15.62
CA VAL C 311 27.36 31.48 -14.68
C VAL C 311 27.17 31.07 -13.24
N ARG C 312 26.27 30.13 -12.94
CA ARG C 312 26.06 29.73 -11.54
C ARG C 312 27.32 29.11 -10.97
N ASP C 313 27.89 28.12 -11.66
CA ASP C 313 29.09 27.46 -11.15
C ASP C 313 30.30 28.39 -11.16
N ALA C 314 30.39 29.28 -12.15
CA ALA C 314 31.48 30.24 -12.16
C ALA C 314 31.36 31.23 -11.00
N ALA C 316 29.98 30.61 -7.98
CA ALA C 316 30.38 29.90 -6.77
C ALA C 316 31.90 29.80 -6.67
N ARG C 317 32.58 29.57 -7.79
CA ARG C 317 34.03 29.47 -7.76
C ARG C 317 34.67 30.84 -7.52
N ARG C 318 34.14 31.88 -8.15
CA ARG C 318 34.68 33.22 -7.94
C ARG C 318 34.46 33.70 -6.51
N LEU C 319 33.28 33.45 -5.95
CA LEU C 319 33.00 33.86 -4.58
C LEU C 319 33.90 33.11 -3.60
N TYR C 320 34.11 31.80 -3.82
CA TYR C 320 35.00 31.04 -2.96
C TYR C 320 36.40 31.65 -2.95
N ASP C 321 36.91 32.02 -4.12
CA ASP C 321 38.24 32.64 -4.19
C ASP C 321 38.29 33.97 -3.45
N ARG C 322 37.14 34.64 -3.31
CA ARG C 322 37.06 35.92 -2.63
C ARG C 322 36.64 35.78 -1.17
N GLY C 323 36.70 34.57 -0.61
CA GLY C 323 36.40 34.37 0.79
C GLY C 323 34.92 34.27 1.15
N VAL C 324 34.07 33.91 0.20
CA VAL C 324 32.63 33.81 0.44
C VAL C 324 32.17 32.42 0.05
N TYR C 325 31.74 31.63 1.03
CA TYR C 325 31.23 30.30 0.76
C TYR C 325 29.83 30.37 0.17
N THR C 326 29.56 29.50 -0.79
CA THR C 326 28.22 29.26 -1.30
C THR C 326 28.05 27.77 -1.48
N THR C 327 26.80 27.34 -1.65
CA THR C 327 26.50 25.95 -1.95
C THR C 327 25.09 25.88 -2.51
N PHE C 328 24.63 24.66 -2.80
CA PHE C 328 23.28 24.42 -3.24
C PHE C 328 22.64 23.30 -2.42
N ARG C 329 21.44 23.55 -1.94
CA ARG C 329 20.57 22.53 -1.36
C ARG C 329 19.22 22.61 -2.07
N TYR C 330 18.58 21.48 -2.30
CA TYR C 330 19.14 20.15 -2.05
C TYR C 330 19.33 19.46 -3.39
N ALA C 331 20.44 18.72 -3.52
CA ALA C 331 20.73 18.04 -4.78
C ALA C 331 19.52 17.20 -5.21
N PRO C 332 19.12 17.28 -6.49
CA PRO C 332 17.90 16.57 -6.92
C PRO C 332 18.06 15.05 -6.81
N LEU C 333 17.31 14.45 -5.88
CA LEU C 333 17.43 13.01 -5.63
C LEU C 333 16.92 12.17 -6.80
N HIS C 334 16.05 12.72 -7.66
CA HIS C 334 15.60 11.96 -8.81
C HIS C 334 16.71 11.72 -9.82
N LEU C 335 17.83 12.42 -9.70
CA LEU C 335 19.03 12.15 -10.50
C LEU C 335 19.99 11.21 -9.79
N VAL C 336 19.66 10.75 -8.59
CA VAL C 336 20.48 9.77 -7.87
C VAL C 336 20.02 8.38 -8.27
N SER C 337 20.90 7.63 -8.95
CA SER C 337 20.52 6.35 -9.53
C SER C 337 20.16 5.30 -8.50
N ALA C 338 20.49 5.51 -7.23
CA ALA C 338 20.22 4.48 -6.22
C ALA C 338 18.73 4.23 -6.05
N TYR C 339 17.88 5.22 -6.28
CA TYR C 339 16.45 5.10 -6.04
C TYR C 339 15.69 4.56 -7.23
N GLY C 340 16.37 4.09 -8.26
CA GLY C 340 15.72 3.52 -9.41
C GLY C 340 15.46 4.55 -10.51
N HIS C 341 14.64 4.14 -11.46
CA HIS C 341 14.34 4.99 -12.61
C HIS C 341 13.38 6.10 -12.20
N GLU C 342 13.75 7.33 -12.54
CA GLU C 342 12.90 8.50 -12.36
C GLU C 342 12.86 9.27 -13.67
N GLY C 343 11.68 9.73 -14.05
CA GLY C 343 11.51 10.44 -15.31
C GLY C 343 12.09 11.84 -15.30
N SER C 344 11.49 12.72 -16.08
CA SER C 344 11.94 14.11 -16.17
C SER C 344 11.18 14.96 -15.16
N LEU C 345 11.93 15.72 -14.36
CA LEU C 345 11.36 16.73 -13.46
C LEU C 345 12.02 18.05 -13.81
N PRO C 346 11.51 18.74 -14.85
CA PRO C 346 12.22 19.93 -15.34
C PRO C 346 12.30 21.06 -14.33
N GLY C 347 11.35 21.16 -13.40
CA GLY C 347 11.44 22.19 -12.39
C GLY C 347 12.62 22.00 -11.46
N ALA C 348 12.80 20.78 -10.96
CA ALA C 348 13.93 20.52 -10.08
C ALA C 348 15.25 20.51 -10.83
N GLU C 349 15.25 20.07 -12.09
CA GLU C 349 16.46 20.08 -12.89
C GLU C 349 16.93 21.51 -13.17
N ARG C 350 15.99 22.40 -13.52
CA ARG C 350 16.35 23.80 -13.73
C ARG C 350 16.84 24.43 -12.43
N ALA C 351 16.19 24.11 -11.31
CA ALA C 351 16.61 24.70 -10.02
C ALA C 351 18.01 24.25 -9.64
N ALA C 352 18.34 22.99 -9.89
CA ALA C 352 19.67 22.48 -9.55
C ALA C 352 20.77 23.15 -10.37
N GLU C 353 20.45 23.69 -11.54
CA GLU C 353 21.45 24.32 -12.38
C GLU C 353 21.55 25.82 -12.18
N GLU C 354 20.49 26.46 -11.68
CA GLU C 354 20.40 27.92 -11.68
C GLU C 354 20.43 28.55 -10.30
N THR C 355 20.41 27.75 -9.24
CA THR C 355 20.26 28.27 -7.87
C THR C 355 21.58 28.24 -7.13
N LEU C 356 21.84 29.29 -6.35
CA LEU C 356 23.00 29.36 -5.47
C LEU C 356 22.54 29.94 -4.14
N CYS C 357 22.96 29.31 -3.05
CA CYS C 357 22.59 29.72 -1.70
C CYS C 357 23.70 30.57 -1.11
N LEU C 358 23.38 31.82 -0.78
CA LEU C 358 24.33 32.76 -0.19
C LEU C 358 24.35 32.61 1.33
N PRO C 359 25.42 33.07 1.98
CA PRO C 359 25.49 32.95 3.45
C PRO C 359 24.31 33.65 4.12
N LEU C 360 23.68 32.94 5.05
CA LEU C 360 22.56 33.51 5.81
C LEU C 360 22.52 32.81 7.16
N HIS C 361 22.99 33.50 8.20
CA HIS C 361 22.89 33.01 9.56
C HIS C 361 23.11 34.18 10.50
N GLN C 362 22.66 34.02 11.74
CA GLN C 362 22.68 35.13 12.70
C GLN C 362 24.08 35.50 13.17
N ALA C 363 25.12 34.77 12.76
CA ALA C 363 26.48 35.13 13.11
C ALA C 363 27.11 36.09 12.10
N LEU C 364 26.40 36.42 11.03
CA LEU C 364 26.93 37.34 10.03
C LEU C 364 26.92 38.77 10.55
N SER C 365 28.08 39.41 10.52
CA SER C 365 28.16 40.83 10.85
C SER C 365 27.67 41.67 9.67
N ASP C 366 27.37 42.93 9.95
CA ASP C 366 27.02 43.86 8.87
C ASP C 366 28.15 43.98 7.86
N SER C 367 29.40 43.87 8.31
CA SER C 367 30.53 43.87 7.39
C SER C 367 30.50 42.65 6.48
N ASP C 368 30.18 41.47 7.02
CA ASP C 368 30.06 40.27 6.20
C ASP C 368 28.94 40.44 5.17
N VAL C 369 27.82 41.02 5.58
CA VAL C 369 26.68 41.17 4.67
C VAL C 369 27.05 42.08 3.50
N GLU C 370 27.69 43.22 3.80
CA GLU C 370 28.12 44.11 2.73
C GLU C 370 29.17 43.46 1.85
N THR C 371 30.02 42.60 2.42
CA THR C 371 31.00 41.87 1.62
C THR C 371 30.30 40.94 0.62
N VAL C 372 29.31 40.19 1.09
CA VAL C 372 28.59 39.27 0.21
C VAL C 372 27.93 40.03 -0.93
N ILE C 373 27.24 41.14 -0.60
CA ILE C 373 26.55 41.91 -1.63
C ILE C 373 27.55 42.46 -2.65
N GLY C 374 28.67 43.00 -2.17
CA GLY C 374 29.66 43.55 -3.09
C GLY C 374 30.27 42.50 -4.00
N GLU C 375 30.62 41.33 -3.45
CA GLU C 375 31.23 40.29 -4.27
C GLU C 375 30.23 39.72 -5.28
N VAL C 376 28.97 39.55 -4.88
CA VAL C 376 27.96 39.06 -5.81
C VAL C 376 27.74 40.06 -6.93
N ARG C 377 27.62 41.34 -6.58
CA ARG C 377 27.49 42.39 -7.59
C ARG C 377 28.71 42.42 -8.51
N ALA C 378 29.90 42.40 -7.92
CA ALA C 378 31.12 42.38 -8.73
C ALA C 378 31.21 41.11 -9.56
N GLY C 379 30.76 39.98 -9.02
CA GLY C 379 30.82 38.73 -9.76
C GLY C 379 29.94 38.75 -11.00
N LEU C 380 28.71 39.24 -10.86
CA LEU C 380 27.82 39.31 -12.00
C LEU C 380 28.32 40.30 -13.05
N ALA C 381 28.92 41.41 -12.61
CA ALA C 381 29.46 42.37 -13.55
C ALA C 381 30.62 41.77 -14.34
N ALA C 382 31.42 40.93 -13.70
CA ALA C 382 32.56 40.32 -14.38
C ALA C 382 32.12 39.23 -15.35
N LEU C 383 31.09 38.46 -14.98
CA LEU C 383 30.63 37.34 -15.78
C LEU C 383 29.50 37.70 -16.72
N THR C 384 29.25 39.00 -16.95
CA THR C 384 28.22 39.42 -17.90
C THR C 384 28.70 40.62 -18.71
N ILE D 7 22.15 7.23 46.88
CA ILE D 7 23.40 6.79 46.26
C ILE D 7 23.06 6.00 45.00
N ASN D 8 23.53 6.49 43.86
CA ASN D 8 23.19 5.90 42.57
C ASN D 8 24.11 4.75 42.22
N VAL D 9 23.62 3.85 41.36
CA VAL D 9 24.42 2.73 40.89
C VAL D 9 25.43 3.18 39.85
N PHE D 10 24.99 3.98 38.89
CA PHE D 10 25.85 4.53 37.85
C PHE D 10 25.89 6.04 37.99
N GLN D 11 27.04 6.63 37.63
CA GLN D 11 27.16 8.08 37.67
C GLN D 11 28.40 8.53 36.90
N PRO D 12 28.25 9.46 35.95
CA PRO D 12 29.42 10.02 35.27
C PRO D 12 30.02 11.18 36.05
N THR D 13 31.25 11.51 35.69
CA THR D 13 32.00 12.63 36.29
C THR D 13 32.57 13.49 35.17
N LEU D 14 31.84 14.53 34.79
CA LEU D 14 32.30 15.52 33.83
C LEU D 14 32.29 16.89 34.49
N GLY D 15 33.35 17.66 34.27
CA GLY D 15 33.49 18.94 34.93
C GLY D 15 34.04 20.05 34.05
N GLU D 16 34.93 20.87 34.61
CA GLU D 16 35.43 22.04 33.90
C GLU D 16 36.31 21.65 32.71
N ALA D 17 37.02 20.52 32.80
CA ALA D 17 37.85 20.09 31.69
C ALA D 17 36.99 19.75 30.47
N GLU D 18 35.95 18.93 30.68
CA GLU D 18 35.03 18.61 29.59
C GLU D 18 34.30 19.86 29.12
N LEU D 19 33.96 20.76 30.04
CA LEU D 19 33.27 21.99 29.65
C LEU D 19 34.18 22.88 28.81
N ALA D 20 35.48 22.91 29.12
CA ALA D 20 36.40 23.69 28.31
C ALA D 20 36.53 23.12 26.89
N ALA D 21 36.44 21.79 26.75
CA ALA D 21 36.43 21.19 25.42
C ALA D 21 35.19 21.61 24.64
N VAL D 22 34.02 21.58 25.28
CA VAL D 22 32.80 22.06 24.65
C VAL D 22 32.94 23.51 24.22
N ARG D 23 33.52 24.34 25.09
CA ARG D 23 33.67 25.76 24.79
C ARG D 23 34.45 25.97 23.50
N GLU D 24 35.56 25.25 23.33
CA GLU D 24 36.37 25.40 22.12
C GLU D 24 35.58 25.00 20.87
N VAL D 25 34.78 23.95 20.97
CA VAL D 25 33.97 23.54 19.83
C VAL D 25 32.91 24.60 19.52
N PHE D 26 32.28 25.15 20.56
CA PHE D 26 31.31 26.23 20.34
C PHE D 26 31.97 27.42 19.67
N ALA D 27 33.16 27.81 20.15
CA ALA D 27 33.85 28.96 19.58
C ALA D 27 34.26 28.72 18.13
N SER D 28 34.54 27.47 17.76
CA SER D 28 34.96 27.19 16.39
C SER D 28 33.82 27.31 15.39
N GLY D 29 32.57 27.16 15.84
CA GLY D 29 31.43 27.19 14.95
C GLY D 29 31.19 25.91 14.17
N TRP D 30 32.01 24.88 14.38
CA TRP D 30 31.84 23.59 13.72
C TRP D 30 31.50 22.56 14.79
N LEU D 31 30.21 22.38 15.04
CA LEU D 31 29.75 21.46 16.08
C LEU D 31 29.60 20.03 15.56
N GLY D 32 29.49 19.83 14.25
CA GLY D 32 29.25 18.53 13.69
C GLY D 32 30.51 17.69 13.60
N ARG D 33 30.36 16.54 12.95
CA ARG D 33 31.48 15.63 12.76
C ARG D 33 32.61 16.33 12.00
N GLY D 34 33.78 16.42 12.63
CA GLY D 34 34.90 17.12 12.04
C GLY D 34 36.23 16.73 12.66
N PRO D 35 37.14 17.71 12.80
CA PRO D 35 38.49 17.38 13.28
C PRO D 35 38.52 16.80 14.69
N ARG D 36 37.61 17.22 15.58
CA ARG D 36 37.58 16.63 16.91
C ARG D 36 37.23 15.15 16.86
N THR D 37 36.34 14.77 15.93
CA THR D 37 35.99 13.37 15.77
C THR D 37 37.18 12.54 15.30
N LYS D 38 37.94 13.07 14.34
CA LYS D 38 39.14 12.35 13.89
C LYS D 38 40.16 12.23 15.01
N VAL D 39 40.30 13.26 15.83
CA VAL D 39 41.23 13.20 16.95
C VAL D 39 40.79 12.15 17.96
N PHE D 40 39.50 12.15 18.32
CA PHE D 40 39.01 11.19 19.30
C PHE D 40 39.12 9.76 18.78
N GLU D 41 38.85 9.57 17.48
CA GLU D 41 39.03 8.25 16.87
C GLU D 41 40.48 7.80 16.97
N ALA D 42 41.41 8.70 16.65
CA ALA D 42 42.83 8.37 16.73
C ALA D 42 43.25 8.10 18.17
N ASP D 43 42.76 8.90 19.12
CA ASP D 43 43.06 8.66 20.54
C ASP D 43 42.55 7.29 20.98
N PHE D 44 41.30 6.98 20.65
CA PHE D 44 40.71 5.71 21.08
C PHE D 44 41.40 4.53 20.41
N ALA D 45 41.80 4.68 19.15
CA ALA D 45 42.52 3.61 18.46
C ALA D 45 43.83 3.28 19.17
N GLU D 46 44.58 4.31 19.58
CA GLU D 46 45.80 4.06 20.33
C GLU D 46 45.50 3.47 21.70
N HIS D 47 44.37 3.83 22.31
CA HIS D 47 43.95 3.17 23.54
C HIS D 47 43.73 1.68 23.31
N LEU D 48 43.18 1.31 22.15
CA LEU D 48 42.91 -0.09 21.84
C LEU D 48 44.13 -0.82 21.31
N GLY D 49 45.09 -0.11 20.73
CA GLY D 49 46.20 -0.78 20.05
C GLY D 49 45.90 -1.18 18.63
N VAL D 50 45.10 -0.39 17.92
CA VAL D 50 44.74 -0.66 16.53
C VAL D 50 45.02 0.59 15.70
N GLY D 51 44.90 0.43 14.38
CA GLY D 51 45.05 1.56 13.49
C GLY D 51 43.82 2.46 13.51
N ALA D 52 44.05 3.74 13.26
CA ALA D 52 42.95 4.70 13.22
C ALA D 52 41.97 4.36 12.10
N GLU D 53 42.45 3.74 11.02
CA GLU D 53 41.57 3.35 9.92
C GLU D 53 40.52 2.33 10.34
N GLN D 54 40.78 1.57 11.41
CA GLN D 54 39.86 0.52 11.84
C GLN D 54 38.75 1.04 12.75
N VAL D 55 38.80 2.30 13.14
CA VAL D 55 37.96 2.84 14.20
C VAL D 55 36.97 3.84 13.60
N VAL D 56 35.69 3.67 13.95
CA VAL D 56 34.60 4.49 13.42
C VAL D 56 33.70 4.92 14.57
N SER D 57 33.61 6.23 14.79
CA SER D 57 32.73 6.75 15.83
C SER D 57 31.29 6.81 15.32
N VAL D 58 30.35 6.44 16.18
CA VAL D 58 28.94 6.41 15.84
C VAL D 58 28.15 7.14 16.93
N SER D 59 26.84 7.19 16.75
CA SER D 59 25.99 7.96 17.65
C SER D 59 25.81 7.27 19.01
N CYS D 60 25.81 5.93 19.03
CA CYS D 60 25.68 5.18 20.27
C CYS D 60 26.06 3.75 19.98
N CYS D 61 26.19 2.96 21.06
CA CYS D 61 26.58 1.56 20.91
C CYS D 61 25.48 0.74 20.25
N THR D 62 24.22 1.00 20.61
CA THR D 62 23.10 0.33 19.95
C THR D 62 23.16 0.54 18.44
N GLU D 63 23.42 1.77 18.00
CA GLU D 63 23.54 2.03 16.58
C GLU D 63 24.72 1.27 15.97
N GLY D 64 25.82 1.17 16.71
CA GLY D 64 26.94 0.34 16.27
C GLY D 64 26.59 -1.14 16.17
N LEU D 65 25.75 -1.62 17.09
CA LEU D 65 25.32 -3.01 17.03
C LEU D 65 24.42 -3.23 15.81
N PHE D 66 23.50 -2.30 15.54
CA PHE D 66 22.65 -2.43 14.36
C PHE D 66 23.47 -2.38 13.08
N LEU D 67 24.43 -1.47 13.00
CA LEU D 67 25.28 -1.40 11.81
C LEU D 67 26.11 -2.66 11.65
N SER D 68 26.53 -3.28 12.76
CA SER D 68 27.33 -4.49 12.68
C SER D 68 26.54 -5.63 12.02
N GLU D 70 23.98 -5.28 9.99
CA GLU D 70 23.77 -4.91 8.60
C GLU D 70 25.02 -5.19 7.76
N LEU D 71 26.20 -4.86 8.30
CA LEU D 71 27.44 -5.05 7.56
C LEU D 71 27.78 -6.53 7.39
N LEU D 72 27.42 -7.36 8.37
CA LEU D 72 27.63 -8.80 8.25
C LEU D 72 26.62 -9.48 7.36
N GLY D 73 25.58 -8.76 6.92
CA GLY D 73 24.61 -9.34 6.00
C GLY D 73 23.67 -10.33 6.62
N VAL D 74 23.44 -10.28 7.93
CA VAL D 74 22.51 -11.21 8.56
C VAL D 74 21.08 -10.85 8.16
N GLY D 75 20.23 -11.87 8.04
CA GLY D 75 18.88 -11.67 7.61
C GLY D 75 17.98 -12.86 7.85
N PRO D 76 16.86 -12.93 7.15
CA PRO D 76 15.95 -14.07 7.31
C PRO D 76 16.65 -15.39 7.04
N GLY D 77 16.39 -16.36 7.92
CA GLY D 77 17.04 -17.64 7.87
C GLY D 77 18.32 -17.74 8.66
N ASP D 78 18.96 -16.62 8.98
CA ASP D 78 20.21 -16.61 9.72
C ASP D 78 19.95 -16.62 11.23
N GLU D 79 20.95 -17.09 11.97
CA GLU D 79 20.92 -17.09 13.42
C GLU D 79 22.18 -16.42 13.95
N VAL D 80 22.04 -15.74 15.10
CA VAL D 80 23.15 -15.11 15.78
C VAL D 80 23.12 -15.53 17.24
N VAL D 81 24.25 -16.03 17.74
CA VAL D 81 24.34 -16.52 19.11
C VAL D 81 24.82 -15.39 20.01
N LEU D 82 24.15 -15.22 21.14
CA LEU D 82 24.52 -14.23 22.15
C LEU D 82 23.98 -14.71 23.49
N PRO D 83 24.68 -14.43 24.59
CA PRO D 83 24.17 -14.87 25.89
C PRO D 83 22.85 -14.20 26.24
N SER D 84 22.03 -14.92 27.00
CA SER D 84 20.78 -14.33 27.48
C SER D 84 21.04 -13.06 28.26
N ILE D 85 22.14 -13.03 29.02
CA ILE D 85 22.57 -11.81 29.69
C ILE D 85 23.27 -10.92 28.66
N SER D 86 22.48 -10.26 27.82
CA SER D 86 23.00 -9.32 26.84
C SER D 86 22.14 -8.07 26.86
N PHE D 87 22.65 -7.01 26.26
CA PHE D 87 21.88 -5.77 26.14
C PHE D 87 20.75 -5.96 25.15
N VAL D 88 19.58 -5.40 25.47
CA VAL D 88 18.39 -5.59 24.65
C VAL D 88 18.63 -5.11 23.23
N GLY D 89 19.40 -4.04 23.06
CA GLY D 89 19.69 -3.54 21.72
C GLY D 89 20.46 -4.51 20.87
N ALA D 90 21.24 -5.40 21.49
CA ALA D 90 21.97 -6.41 20.72
C ALA D 90 21.01 -7.43 20.10
N ALA D 91 20.00 -7.84 20.86
CA ALA D 91 19.01 -8.77 20.32
C ALA D 91 18.12 -8.08 19.29
N ASN D 92 17.78 -6.81 19.52
CA ASN D 92 16.97 -6.06 18.56
C ASN D 92 17.72 -5.87 17.25
N ALA D 93 19.04 -5.62 17.32
CA ALA D 93 19.82 -5.47 16.10
C ALA D 93 19.80 -6.74 15.26
N ILE D 94 19.67 -7.90 15.90
CA ILE D 94 19.56 -9.16 15.18
C ILE D 94 18.16 -9.33 14.61
N ALA D 95 17.15 -9.23 15.46
CA ALA D 95 15.78 -9.51 15.04
C ALA D 95 15.27 -8.50 14.03
N ALA D 96 15.75 -7.25 14.08
CA ALA D 96 15.30 -6.25 13.12
C ALA D 96 15.72 -6.58 11.70
N ARG D 97 16.80 -7.35 11.55
CA ARG D 97 17.23 -7.81 10.24
C ARG D 97 16.48 -9.04 9.75
N GLY D 98 15.52 -9.53 10.54
CA GLY D 98 14.84 -10.77 10.20
C GLY D 98 15.57 -12.01 10.64
N ALA D 99 16.72 -11.88 11.30
CA ALA D 99 17.50 -13.01 11.78
C ALA D 99 17.03 -13.41 13.17
N ARG D 100 17.37 -14.65 13.56
CA ARG D 100 16.93 -15.20 14.83
C ARG D 100 18.04 -15.09 15.85
N PRO D 101 17.82 -14.38 16.97
CA PRO D 101 18.81 -14.40 18.06
C PRO D 101 18.66 -15.67 18.87
N VAL D 102 19.74 -16.44 18.95
CA VAL D 102 19.77 -17.69 19.71
C VAL D 102 20.55 -17.44 20.98
N PHE D 103 19.89 -17.58 22.13
CA PHE D 103 20.49 -17.23 23.40
C PHE D 103 21.19 -18.45 24.00
N CYS D 104 22.44 -18.25 24.42
CA CYS D 104 23.20 -19.27 25.13
C CYS D 104 23.20 -18.96 26.62
N ASP D 105 23.65 -19.94 27.40
CA ASP D 105 23.64 -19.82 28.85
C ASP D 105 24.88 -19.06 29.32
N VAL D 106 24.95 -18.82 30.63
CA VAL D 106 26.09 -18.14 31.24
C VAL D 106 26.49 -18.88 32.50
N ASP D 107 27.70 -18.58 32.96
CA ASP D 107 28.19 -18.99 34.27
C ASP D 107 27.54 -18.08 35.31
N PRO D 108 26.70 -18.62 36.20
CA PRO D 108 25.97 -17.76 37.13
C PRO D 108 26.86 -16.99 38.09
N ALA D 109 28.10 -17.44 38.33
CA ALA D 109 28.98 -16.72 39.23
C ALA D 109 29.52 -15.45 38.59
N THR D 110 29.70 -15.45 37.26
CA THR D 110 30.23 -14.30 36.55
C THR D 110 29.23 -13.65 35.62
N LEU D 111 28.11 -14.31 35.32
CA LEU D 111 27.12 -13.85 34.35
C LEU D 111 27.73 -13.66 32.95
N ASN D 112 28.85 -14.34 32.67
CA ASN D 112 29.54 -14.39 31.39
C ASN D 112 29.45 -15.79 30.80
N PRO D 113 29.35 -15.90 29.48
CA PRO D 113 29.26 -17.23 28.86
C PRO D 113 30.63 -17.89 28.71
N THR D 114 30.66 -19.20 28.90
CA THR D 114 31.86 -19.95 28.55
C THR D 114 31.85 -20.27 27.06
N ALA D 115 33.00 -20.73 26.56
CA ALA D 115 33.07 -21.14 25.17
C ALA D 115 32.15 -22.33 24.91
N ASP D 116 32.02 -23.23 25.88
CA ASP D 116 31.10 -24.36 25.74
C ASP D 116 29.66 -23.89 25.59
N HIS D 117 29.27 -22.87 26.36
CA HIS D 117 27.91 -22.33 26.25
C HIS D 117 27.65 -21.81 24.84
N VAL D 118 28.62 -21.11 24.26
CA VAL D 118 28.47 -20.61 22.90
C VAL D 118 28.41 -21.75 21.90
N ALA D 119 29.29 -22.75 22.07
CA ALA D 119 29.33 -23.87 21.14
C ALA D 119 28.03 -24.66 21.13
N GLU D 120 27.36 -24.74 22.28
CA GLU D 120 26.12 -25.51 22.37
C GLU D 120 25.00 -24.93 21.51
N LYS D 121 25.08 -23.65 21.15
CA LYS D 121 24.06 -23.01 20.34
C LYS D 121 24.51 -22.73 18.91
N LEU D 122 25.74 -23.11 18.56
CA LEU D 122 26.20 -22.95 17.19
C LEU D 122 25.54 -23.98 16.28
N GLY D 123 25.10 -23.53 15.11
CA GLY D 123 24.48 -24.40 14.14
C GLY D 123 24.84 -23.99 12.71
N PRO D 124 24.25 -24.67 11.73
CA PRO D 124 24.56 -24.34 10.33
C PRO D 124 24.06 -22.96 9.92
N ARG D 125 23.01 -22.45 10.57
CA ARG D 125 22.49 -21.12 10.25
C ARG D 125 23.22 -20.00 10.95
N THR D 126 24.15 -20.31 11.85
CA THR D 126 24.81 -19.29 12.65
C THR D 126 25.70 -18.41 11.77
N LYS D 127 25.44 -17.10 11.79
CA LYS D 127 26.20 -16.15 11.00
C LYS D 127 27.00 -15.16 11.83
N ALA D 128 26.82 -15.13 13.16
CA ALA D 128 27.58 -14.21 14.00
C ALA D 128 27.40 -14.64 15.46
N VAL D 129 28.34 -14.20 16.29
CA VAL D 129 28.29 -14.39 17.73
C VAL D 129 28.54 -13.03 18.38
N VAL D 130 27.70 -12.66 19.33
CA VAL D 130 27.84 -11.41 20.07
C VAL D 130 28.00 -11.75 21.55
N VAL D 131 29.00 -11.17 22.19
CA VAL D 131 29.22 -11.34 23.63
C VAL D 131 29.56 -9.99 24.24
N LEU D 132 29.37 -9.88 25.54
CA LEU D 132 29.81 -8.74 26.33
C LEU D 132 30.82 -9.21 27.36
N HIS D 133 31.32 -8.25 28.15
CA HIS D 133 32.31 -8.51 29.19
C HIS D 133 31.71 -8.06 30.52
N TYR D 134 30.91 -8.96 31.13
CA TYR D 134 30.02 -8.56 32.22
C TYR D 134 30.80 -7.88 33.34
N GLY D 135 30.36 -6.67 33.69
CA GLY D 135 30.95 -5.89 34.75
C GLY D 135 32.36 -5.43 34.49
N GLY D 136 32.86 -5.65 33.29
CA GLY D 136 34.23 -5.34 32.94
C GLY D 136 35.14 -6.54 32.93
N TYR D 137 34.70 -7.68 33.46
CA TYR D 137 35.46 -8.92 33.39
C TYR D 137 35.50 -9.43 31.96
N PRO D 138 36.68 -9.67 31.38
CA PRO D 138 36.72 -10.24 30.03
C PRO D 138 36.08 -11.62 29.94
N GLY D 139 36.11 -12.41 31.03
CA GLY D 139 35.49 -13.72 31.00
C GLY D 139 36.30 -14.71 30.17
N ASP D 140 35.61 -15.53 29.40
CA ASP D 140 36.23 -16.55 28.54
C ASP D 140 36.41 -16.05 27.11
N LEU D 141 36.77 -14.78 26.96
CA LEU D 141 36.80 -14.15 25.63
C LEU D 141 37.80 -14.83 24.71
N VAL D 142 38.95 -15.23 25.24
CA VAL D 142 39.98 -15.82 24.39
C VAL D 142 39.52 -17.14 23.80
N ALA D 143 38.91 -18.00 24.62
CA ALA D 143 38.41 -19.28 24.12
C ALA D 143 37.24 -19.07 23.15
N ILE D 144 36.39 -18.08 23.42
CA ILE D 144 35.27 -17.81 22.53
C ILE D 144 35.76 -17.30 21.19
N ALA D 145 36.74 -16.39 21.19
CA ALA D 145 37.29 -15.90 19.93
C ALA D 145 37.95 -17.03 19.14
N GLU D 146 38.64 -17.93 19.83
CA GLU D 146 39.24 -19.07 19.15
C GLU D 146 38.17 -20.00 18.59
N LEU D 147 37.08 -20.21 19.34
CA LEU D 147 35.98 -21.04 18.86
C LEU D 147 35.34 -20.45 17.60
N CYS D 148 35.12 -19.14 17.60
CA CYS D 148 34.49 -18.51 16.43
C CYS D 148 35.40 -18.55 15.22
N ARG D 149 36.71 -18.37 15.42
CA ARG D 149 37.65 -18.46 14.31
C ARG D 149 37.70 -19.86 13.74
N GLU D 150 37.64 -20.88 14.61
CA GLU D 150 37.64 -22.26 14.12
C GLU D 150 36.38 -22.59 13.34
N ARG D 151 35.23 -22.14 13.84
CA ARG D 151 33.96 -22.38 13.15
C ARG D 151 33.72 -21.40 11.99
N GLY D 152 34.63 -20.45 11.77
CA GLY D 152 34.44 -19.48 10.70
C GLY D 152 33.29 -18.54 10.92
N VAL D 153 33.01 -18.18 12.17
CA VAL D 153 31.87 -17.33 12.52
C VAL D 153 32.40 -15.99 13.01
N PRO D 154 31.92 -14.88 12.47
CA PRO D 154 32.36 -13.56 12.97
C PRO D 154 31.97 -13.37 14.43
N LEU D 155 32.86 -12.73 15.19
CA LEU D 155 32.64 -12.46 16.60
C LEU D 155 32.52 -10.94 16.81
N VAL D 156 31.40 -10.52 17.39
CA VAL D 156 31.16 -9.12 17.73
C VAL D 156 31.27 -8.98 19.25
N GLU D 157 32.07 -8.01 19.68
CA GLU D 157 32.28 -7.75 21.10
C GLU D 157 31.52 -6.48 21.48
N ASP D 158 30.42 -6.64 22.22
CA ASP D 158 29.74 -5.51 22.86
C ASP D 158 30.59 -5.15 24.08
N SER D 159 31.51 -4.20 23.88
CA SER D 159 32.52 -3.86 24.87
C SER D 159 32.08 -2.72 25.78
N ALA D 160 30.77 -2.46 25.90
CA ALA D 160 30.30 -1.31 26.66
C ALA D 160 30.65 -1.43 28.13
N CYS D 161 30.73 -2.64 28.67
CA CYS D 161 31.12 -2.82 30.06
C CYS D 161 32.62 -2.74 30.29
N ALA D 162 33.42 -2.77 29.23
CA ALA D 162 34.85 -3.03 29.34
C ALA D 162 35.65 -2.04 28.51
N VAL D 163 35.41 -0.75 28.73
CA VAL D 163 36.09 0.28 27.95
C VAL D 163 37.59 0.31 28.23
N ALA D 164 38.04 -0.31 29.32
CA ALA D 164 39.46 -0.32 29.67
C ALA D 164 39.95 -1.69 30.10
N SER D 165 39.20 -2.75 29.79
CA SER D 165 39.56 -4.11 30.18
C SER D 165 40.52 -4.72 29.17
N GLN D 166 41.36 -5.63 29.66
CA GLN D 166 42.41 -6.24 28.85
C GLN D 166 42.61 -7.69 29.25
N VAL D 167 43.12 -8.47 28.29
CA VAL D 167 43.57 -9.84 28.53
C VAL D 167 45.01 -9.92 28.03
N ASP D 168 45.95 -10.03 28.96
CA ASP D 168 47.37 -10.13 28.63
C ASP D 168 47.82 -8.98 27.73
N GLY D 169 47.40 -7.77 28.09
CA GLY D 169 47.79 -6.58 27.37
C GLY D 169 47.01 -6.27 26.12
N ARG D 170 45.99 -7.06 25.79
CA ARG D 170 45.18 -6.84 24.60
C ARG D 170 43.79 -6.38 25.00
N ALA D 171 43.36 -5.25 24.45
CA ALA D 171 42.13 -4.60 24.89
C ALA D 171 40.90 -5.40 24.43
N CYS D 172 39.88 -5.43 25.28
CA CYS D 172 38.62 -6.04 24.88
C CYS D 172 38.01 -5.24 23.74
N GLY D 173 37.33 -5.96 22.84
CA GLY D 173 36.81 -5.37 21.62
C GLY D 173 37.73 -5.51 20.42
N THR D 174 38.96 -5.99 20.61
CA THR D 174 39.91 -6.17 19.52
C THR D 174 40.26 -7.63 19.29
N LEU D 175 39.71 -8.56 20.08
CA LEU D 175 40.00 -9.98 19.91
C LEU D 175 39.08 -10.63 18.88
N GLY D 176 37.85 -10.17 18.76
CA GLY D 176 36.94 -10.67 17.74
C GLY D 176 37.15 -9.98 16.42
N ASP D 177 36.07 -9.85 15.66
CA ASP D 177 36.11 -9.20 14.35
C ASP D 177 35.54 -7.79 14.36
N VAL D 178 34.56 -7.52 15.23
CA VAL D 178 34.00 -6.19 15.40
C VAL D 178 33.88 -5.92 16.89
N GLY D 179 34.26 -4.72 17.29
CA GLY D 179 34.06 -4.25 18.66
C GLY D 179 33.16 -3.03 18.67
N VAL D 180 32.33 -2.92 19.70
CA VAL D 180 31.41 -1.80 19.86
C VAL D 180 31.50 -1.28 21.29
N TRP D 181 31.55 0.03 21.45
CA TRP D 181 31.65 0.69 22.74
C TRP D 181 30.52 1.69 22.91
N SER D 182 30.17 1.95 24.17
CA SER D 182 29.15 2.94 24.51
C SER D 182 29.75 4.03 25.38
N PHE D 183 29.33 5.28 25.13
CA PHE D 183 29.73 6.42 25.94
C PHE D 183 28.51 7.14 26.50
N ASP D 184 27.40 6.43 26.71
CA ASP D 184 26.19 7.07 27.21
C ASP D 184 26.36 7.46 28.68
N ALA D 185 25.32 8.08 29.23
CA ALA D 185 25.39 8.71 30.55
C ALA D 185 25.62 7.74 31.70
N ILE D 188 31.40 4.53 31.70
CA ILE D 188 32.57 5.03 32.42
C ILE D 188 33.16 6.23 31.68
N LEU D 189 33.62 5.99 30.45
CA LEU D 189 33.95 7.07 29.53
C LEU D 189 32.64 7.58 28.94
N VAL D 190 32.28 8.81 29.28
CA VAL D 190 30.93 9.34 29.04
C VAL D 190 31.03 10.62 28.22
N THR D 191 30.29 10.68 27.12
CA THR D 191 30.18 11.88 26.30
C THR D 191 28.73 12.33 26.17
N GLY D 192 27.90 11.97 27.14
CA GLY D 192 26.47 12.19 27.03
C GLY D 192 25.83 11.06 26.25
N ASP D 193 26.03 11.08 24.94
CA ASP D 193 25.74 9.94 24.09
C ASP D 193 26.89 9.79 23.10
N GLY D 194 27.16 8.55 22.69
CA GLY D 194 28.25 8.29 21.79
C GLY D 194 28.59 6.81 21.69
N GLY D 195 29.19 6.42 20.56
CA GLY D 195 29.58 5.05 20.36
C GLY D 195 30.85 4.96 19.57
N LEU D 197 33.05 2.00 16.92
CA LEU D 197 33.21 0.72 16.25
C LEU D 197 34.68 0.49 15.92
N CYS D 198 35.13 -0.74 16.13
CA CYS D 198 36.47 -1.16 15.76
C CYS D 198 36.36 -2.43 14.92
N PHE D 199 36.91 -2.39 13.71
CA PHE D 199 36.84 -3.51 12.79
C PHE D 199 38.21 -4.13 12.62
N ARG D 200 38.26 -5.47 12.61
CA ARG D 200 39.48 -6.15 12.24
C ARG D 200 39.82 -5.91 10.77
N ASP D 201 38.80 -5.91 9.90
CA ASP D 201 39.00 -5.70 8.48
C ASP D 201 38.89 -4.21 8.18
N PRO D 202 39.97 -3.54 7.77
CA PRO D 202 39.88 -2.10 7.46
C PRO D 202 38.91 -1.79 6.34
N GLU D 203 38.67 -2.73 5.42
CA GLU D 203 37.70 -2.48 4.35
C GLU D 203 36.28 -2.47 4.90
N LEU D 204 35.99 -3.30 5.91
CA LEU D 204 34.68 -3.25 6.53
C LEU D 204 34.48 -1.95 7.30
N ALA D 205 35.55 -1.41 7.90
CA ALA D 205 35.45 -0.11 8.55
C ALA D 205 35.17 0.99 7.53
N GLU D 206 35.72 0.88 6.32
CA GLU D 206 35.42 1.86 5.29
C GLU D 206 33.97 1.77 4.85
N ARG D 207 33.40 0.56 4.81
CA ARG D 207 31.97 0.44 4.52
C ARG D 207 31.14 1.05 5.65
N ALA D 208 31.58 0.89 6.90
CA ALA D 208 30.85 1.42 8.02
C ALA D 208 30.80 2.95 8.00
N ARG D 209 31.90 3.58 7.57
CA ARG D 209 31.93 5.04 7.53
C ARG D 209 30.91 5.58 6.54
N LYS D 210 30.85 5.00 5.34
CA LYS D 210 29.87 5.43 4.35
C LYS D 210 28.45 5.13 4.81
N LEU D 211 28.23 3.94 5.38
CA LEU D 211 26.90 3.57 5.81
C LEU D 211 26.40 4.47 6.93
N ALA D 212 27.29 4.85 7.86
CA ALA D 212 26.91 5.73 8.95
C ALA D 212 26.60 7.13 8.46
N SER D 213 27.12 7.51 7.30
CA SER D 213 26.92 8.85 6.76
C SER D 213 25.93 8.83 5.60
N LEU D 214 24.74 8.27 5.88
CA LEU D 214 23.62 8.24 4.95
C LEU D 214 23.92 7.44 3.68
N GLY D 215 24.97 6.62 3.70
CA GLY D 215 25.35 5.90 2.50
C GLY D 215 25.90 6.74 1.38
N ALA D 217 28.60 9.00 -0.94
CA ALA D 217 29.99 8.84 -1.38
C ALA D 217 30.35 9.87 -2.45
N ARG D 232 29.15 22.07 -7.94
CA ARG D 232 29.96 20.90 -8.21
C ARG D 232 30.21 20.08 -6.95
N TRP D 233 30.63 20.77 -5.88
CA TRP D 233 31.02 20.11 -4.65
C TRP D 233 29.83 19.75 -3.76
N TRP D 234 28.60 19.85 -4.25
CA TRP D 234 27.42 19.50 -3.47
C TRP D 234 26.72 18.24 -3.96
N GLU D 235 27.05 17.74 -5.14
CA GLU D 235 26.45 16.51 -5.62
C GLU D 235 27.04 15.31 -4.87
N PHE D 236 26.37 14.17 -5.00
CA PHE D 236 26.77 12.96 -4.29
C PHE D 236 26.05 11.76 -4.89
N GLU D 237 26.52 10.57 -4.53
CA GLU D 237 25.86 9.32 -4.88
C GLU D 237 25.56 8.55 -3.60
N VAL D 238 24.57 7.68 -3.67
CA VAL D 238 24.11 6.90 -2.53
C VAL D 238 24.40 5.43 -2.80
N THR D 239 25.26 4.84 -1.97
CA THR D 239 25.63 3.44 -2.09
C THR D 239 24.81 2.52 -1.20
N ALA D 240 24.06 3.07 -0.25
CA ALA D 240 23.22 2.31 0.65
C ALA D 240 22.24 3.26 1.30
N PHE D 241 21.06 2.74 1.63
CA PHE D 241 19.99 3.54 2.24
C PHE D 241 20.26 3.69 3.75
N GLY D 242 21.42 4.27 4.06
CA GLY D 242 21.85 4.37 5.43
C GLY D 242 21.14 5.48 6.20
N ARG D 243 21.16 5.34 7.51
CA ARG D 243 20.67 6.39 8.41
C ARG D 243 21.77 7.40 8.63
N ARG D 244 21.52 8.35 9.53
CA ARG D 244 22.55 9.26 10.01
C ARG D 244 23.03 8.72 11.34
N SER D 245 24.13 7.96 11.32
CA SER D 245 24.60 7.21 12.46
C SER D 245 25.88 7.78 13.07
N ILE D 246 26.22 9.02 12.75
CA ILE D 246 27.47 9.61 13.17
C ILE D 246 27.28 10.33 14.49
N SER D 247 28.40 10.62 15.15
CA SER D 247 28.45 11.47 16.34
C SER D 247 28.78 12.89 15.90
N ASN D 248 29.23 13.74 16.82
CA ASN D 248 29.57 15.12 16.51
C ASN D 248 30.83 15.52 17.29
N ASP D 249 31.34 16.71 16.97
CA ASP D 249 32.59 17.16 17.57
C ASP D 249 32.42 17.58 19.02
N VAL D 250 31.22 17.99 19.42
CA VAL D 250 31.00 18.31 20.83
C VAL D 250 31.19 17.06 21.68
N ALA D 251 30.51 15.97 21.31
CA ALA D 251 30.72 14.71 22.00
C ALA D 251 32.15 14.21 21.84
N ALA D 252 32.74 14.44 20.67
CA ALA D 252 34.09 13.93 20.42
C ALA D 252 35.13 14.64 21.28
N SER D 253 35.04 15.97 21.39
CA SER D 253 35.99 16.68 22.23
C SER D 253 35.83 16.31 23.69
N ILE D 254 34.61 15.99 24.11
CA ILE D 254 34.41 15.46 25.46
C ILE D 254 35.09 14.12 25.62
N GLY D 255 34.95 13.24 24.63
CA GLY D 255 35.53 11.92 24.72
C GLY D 255 37.04 11.92 24.86
N SER D 256 37.72 12.87 24.21
CA SER D 256 39.16 12.96 24.35
C SER D 256 39.57 13.28 25.78
N VAL D 257 38.82 14.16 26.45
CA VAL D 257 39.11 14.48 27.84
C VAL D 257 38.82 13.29 28.73
N GLN D 258 37.67 12.63 28.51
CA GLN D 258 37.29 11.49 29.32
C GLN D 258 38.28 10.34 29.14
N LEU D 259 38.80 10.17 27.91
CA LEU D 259 39.76 9.11 27.67
C LEU D 259 41.03 9.31 28.48
N ARG D 260 41.47 10.57 28.62
CA ARG D 260 42.66 10.85 29.42
C ARG D 260 42.40 10.62 30.91
N ARG D 261 41.18 10.87 31.36
CA ARG D 261 40.82 10.66 32.76
C ARG D 261 40.47 9.21 33.07
N LEU D 262 40.26 8.39 32.05
CA LEU D 262 39.81 7.01 32.23
C LEU D 262 40.68 6.20 33.20
N PRO D 263 42.01 6.22 33.12
CA PRO D 263 42.80 5.46 34.12
C PRO D 263 42.49 5.87 35.55
N GLU D 264 42.33 7.17 35.79
CA GLU D 264 41.94 7.63 37.12
C GLU D 264 40.57 7.08 37.51
N PHE D 265 39.62 7.07 36.57
CA PHE D 265 38.28 6.55 36.85
C PHE D 265 38.35 5.08 37.27
N VAL D 266 39.09 4.27 36.53
CA VAL D 266 39.15 2.84 36.80
C VAL D 266 39.89 2.57 38.10
N ARG D 267 40.95 3.34 38.37
CA ARG D 267 41.68 3.16 39.62
C ARG D 267 40.79 3.44 40.83
N ARG D 268 39.97 4.49 40.77
CA ARG D 268 39.06 4.78 41.86
C ARG D 268 37.99 3.70 41.99
N ARG D 269 37.46 3.22 40.86
CA ARG D 269 36.47 2.15 40.89
C ARG D 269 37.07 0.88 41.47
N ARG D 270 38.31 0.55 41.09
CA ARG D 270 38.97 -0.62 41.65
C ARG D 270 39.18 -0.47 43.15
N GLU D 271 39.57 0.72 43.59
CA GLU D 271 39.76 0.96 45.02
C GLU D 271 38.45 0.76 45.78
N ILE D 272 37.33 1.15 45.19
CA ILE D 272 36.04 0.96 45.83
C ILE D 272 35.67 -0.52 45.86
N ALA D 273 35.87 -1.23 44.75
CA ALA D 273 35.55 -2.65 44.70
C ALA D 273 36.37 -3.44 45.72
N GLU D 274 37.63 -3.04 45.94
CA GLU D 274 38.46 -3.74 46.92
C GLU D 274 37.98 -3.48 48.33
N ARG D 275 37.51 -2.26 48.62
CA ARG D 275 36.92 -1.99 49.93
C ARG D 275 35.63 -2.76 50.12
N TYR D 276 34.84 -2.92 49.05
CA TYR D 276 33.66 -3.77 49.10
C TYR D 276 34.06 -5.20 49.46
N ASP D 277 35.10 -5.73 48.80
CA ASP D 277 35.57 -7.08 49.11
C ASP D 277 35.97 -7.20 50.57
N GLN D 278 36.70 -6.21 51.09
CA GLN D 278 37.18 -6.26 52.46
C GLN D 278 36.03 -6.34 53.46
N GLY D 279 34.97 -5.56 53.23
CA GLY D 279 33.87 -5.50 54.17
C GLY D 279 32.76 -6.50 53.97
N LEU D 280 32.71 -7.19 52.81
CA LEU D 280 31.62 -8.10 52.51
C LEU D 280 32.05 -9.55 52.32
N SER D 281 33.36 -9.84 52.29
CA SER D 281 33.78 -11.22 52.06
C SER D 281 33.46 -12.12 53.25
N THR D 282 33.53 -11.59 54.47
CA THR D 282 33.24 -12.37 55.67
C THR D 282 31.76 -12.51 55.94
N VAL D 283 30.90 -12.01 55.06
CA VAL D 283 29.46 -11.98 55.29
C VAL D 283 28.86 -13.29 54.79
N ASP D 284 28.15 -13.99 55.68
CA ASP D 284 27.48 -15.23 55.32
C ASP D 284 26.19 -14.92 54.54
N GLY D 285 25.90 -15.77 53.56
CA GLY D 285 24.74 -15.58 52.72
C GLY D 285 24.97 -14.63 51.56
N LEU D 286 26.20 -14.19 51.33
CA LEU D 286 26.53 -13.28 50.25
C LEU D 286 27.86 -13.70 49.64
N ARG D 287 27.92 -13.75 48.33
CA ARG D 287 29.15 -14.05 47.60
C ARG D 287 29.55 -12.83 46.79
N CYS D 288 30.77 -12.35 47.02
CA CYS D 288 31.32 -11.24 46.26
C CYS D 288 31.70 -11.72 44.86
N PRO D 289 32.01 -10.81 43.95
CA PRO D 289 32.47 -11.22 42.61
C PRO D 289 33.67 -12.13 42.70
N PRO D 290 33.74 -13.15 41.85
CA PRO D 290 34.91 -14.03 41.85
C PRO D 290 36.15 -13.27 41.41
N PRO D 291 37.35 -13.72 41.79
CA PRO D 291 38.56 -12.98 41.46
C PRO D 291 38.84 -12.98 39.96
N LEU D 292 39.50 -11.91 39.52
CA LEU D 292 39.91 -11.83 38.12
C LEU D 292 40.93 -12.91 37.81
N PRO D 293 40.80 -13.59 36.67
CA PRO D 293 41.83 -14.56 36.28
C PRO D 293 43.16 -13.87 36.01
N ALA D 294 44.23 -14.66 36.07
CA ALA D 294 45.56 -14.12 35.82
C ALA D 294 45.65 -13.51 34.44
N GLY D 295 46.22 -12.32 34.35
CA GLY D 295 46.35 -11.62 33.10
C GLY D 295 45.13 -10.84 32.67
N HIS D 296 44.05 -10.85 33.46
CA HIS D 296 42.84 -10.08 33.17
C HIS D 296 42.81 -8.81 34.00
N THR D 297 42.43 -7.72 33.36
CA THR D 297 42.17 -6.46 34.03
C THR D 297 40.72 -6.05 33.75
N SER D 298 40.07 -5.48 34.76
CA SER D 298 38.67 -5.10 34.65
C SER D 298 38.53 -3.59 34.54
N SER D 299 37.40 -3.16 33.99
CA SER D 299 37.02 -1.76 34.00
C SER D 299 36.20 -1.40 35.23
N TYR D 300 35.78 -2.40 36.00
CA TYR D 300 35.00 -2.21 37.23
C TYR D 300 33.73 -1.40 36.96
N TYR D 301 32.92 -1.92 36.06
CA TYR D 301 31.64 -1.33 35.71
C TYR D 301 30.51 -1.80 36.62
N PHE D 302 30.53 -3.08 37.01
CA PHE D 302 29.57 -3.64 37.96
C PHE D 302 30.30 -4.20 39.16
N TYR D 303 29.68 -4.06 40.33
CA TYR D 303 30.05 -4.86 41.51
C TYR D 303 28.80 -5.63 41.90
N TRP D 304 28.74 -6.90 41.50
CA TRP D 304 27.55 -7.72 41.69
C TRP D 304 27.75 -8.69 42.84
N VAL D 305 26.76 -8.80 43.69
CA VAL D 305 26.77 -9.74 44.81
C VAL D 305 25.65 -10.75 44.61
N ARG D 306 25.84 -11.95 45.14
CA ARG D 306 24.91 -13.05 44.96
C ARG D 306 24.38 -13.51 46.30
N ASP D 308 20.54 -15.66 48.22
CA ASP D 308 19.37 -16.50 47.98
C ASP D 308 18.28 -15.70 47.29
N ALA D 309 17.52 -16.38 46.43
CA ALA D 309 16.51 -15.71 45.63
C ALA D 309 15.44 -15.06 46.51
N SER D 310 15.11 -15.68 47.64
CA SER D 310 14.11 -15.12 48.55
C SER D 310 14.62 -13.87 49.28
N VAL D 311 15.92 -13.57 49.18
CA VAL D 311 16.49 -12.43 49.86
C VAL D 311 16.86 -11.30 48.90
N ARG D 312 17.15 -11.61 47.63
CA ARG D 312 17.60 -10.60 46.68
C ARG D 312 16.60 -9.47 46.55
N ASP D 313 15.33 -9.80 46.32
CA ASP D 313 14.32 -8.77 46.13
C ASP D 313 14.10 -7.96 47.39
N ALA D 314 14.09 -8.62 48.56
CA ALA D 314 13.91 -7.90 49.82
C ALA D 314 15.09 -6.99 50.09
N ALA D 316 17.05 -5.48 47.86
CA ALA D 316 16.96 -4.30 47.00
C ALA D 316 15.93 -3.30 47.53
N ARG D 317 14.81 -3.78 48.04
CA ARG D 317 13.81 -2.88 48.59
C ARG D 317 14.29 -2.23 49.88
N ARG D 318 14.96 -3.00 50.75
CA ARG D 318 15.45 -2.45 52.00
C ARG D 318 16.57 -1.44 51.77
N LEU D 319 17.48 -1.76 50.85
CA LEU D 319 18.55 -0.81 50.52
C LEU D 319 17.98 0.47 49.93
N TYR D 320 16.93 0.36 49.12
CA TYR D 320 16.32 1.54 48.52
C TYR D 320 15.71 2.44 49.59
N ASP D 321 14.99 1.87 50.55
CA ASP D 321 14.37 2.67 51.60
C ASP D 321 15.41 3.39 52.46
N ARG D 322 16.66 2.95 52.44
CA ARG D 322 17.72 3.57 53.24
C ARG D 322 18.70 4.35 52.38
N GLY D 323 18.29 4.80 51.21
CA GLY D 323 19.09 5.69 50.39
C GLY D 323 20.20 5.04 49.60
N VAL D 324 20.11 3.75 49.31
CA VAL D 324 21.12 3.04 48.52
C VAL D 324 20.41 2.39 47.34
N TYR D 325 20.60 2.94 46.15
N TYR D 325 20.58 2.96 46.15
CA TYR D 325 19.98 2.37 44.96
CA TYR D 325 20.05 2.38 44.93
C TYR D 325 20.75 1.13 44.50
C TYR D 325 20.77 1.08 44.61
N THR D 326 20.01 0.10 44.11
CA THR D 326 20.57 -1.11 43.53
C THR D 326 19.73 -1.49 42.33
N THR D 327 20.26 -2.39 41.50
CA THR D 327 19.54 -2.84 40.31
C THR D 327 20.17 -4.14 39.83
N PHE D 328 19.65 -4.65 38.72
CA PHE D 328 20.20 -5.84 38.07
C PHE D 328 20.38 -5.59 36.58
N ARG D 329 21.52 -6.03 36.06
CA ARG D 329 21.78 -6.12 34.64
C ARG D 329 22.41 -7.48 34.38
N TYR D 330 22.10 -8.10 33.24
CA TYR D 330 21.08 -7.62 32.31
C TYR D 330 19.93 -8.63 32.31
N ALA D 331 18.71 -8.13 32.17
CA ALA D 331 17.53 -8.98 32.19
C ALA D 331 17.66 -10.09 31.15
N PRO D 332 17.36 -11.35 31.51
CA PRO D 332 17.55 -12.45 30.57
C PRO D 332 16.66 -12.34 29.34
N LEU D 333 17.27 -12.10 28.18
CA LEU D 333 16.50 -11.88 26.97
C LEU D 333 15.80 -13.15 26.49
N HIS D 334 16.25 -14.33 26.93
CA HIS D 334 15.57 -15.56 26.55
C HIS D 334 14.22 -15.71 27.24
N LEU D 335 13.94 -14.87 28.24
CA LEU D 335 12.63 -14.82 28.87
C LEU D 335 11.73 -13.75 28.24
N VAL D 336 12.23 -13.00 27.28
CA VAL D 336 11.43 -11.98 26.58
C VAL D 336 10.73 -12.66 25.40
N SER D 337 9.39 -12.69 25.44
CA SER D 337 8.63 -13.44 24.46
C SER D 337 8.73 -12.87 23.05
N ALA D 338 9.23 -11.65 22.88
CA ALA D 338 9.30 -11.05 21.56
C ALA D 338 10.27 -11.80 20.65
N TYR D 339 11.27 -12.47 21.21
CA TYR D 339 12.32 -13.09 20.43
C TYR D 339 12.03 -14.54 20.06
N GLY D 340 10.82 -15.03 20.34
CA GLY D 340 10.41 -16.33 19.87
C GLY D 340 10.67 -17.45 20.85
N HIS D 341 10.68 -18.66 20.31
CA HIS D 341 10.83 -19.87 21.11
C HIS D 341 12.26 -20.00 21.61
N GLU D 342 12.45 -19.91 22.92
CA GLU D 342 13.73 -20.15 23.57
C GLU D 342 13.54 -21.23 24.63
N GLY D 343 14.58 -22.05 24.81
CA GLY D 343 14.55 -23.10 25.80
C GLY D 343 14.74 -22.58 27.20
N SER D 344 15.23 -23.44 28.09
CA SER D 344 15.55 -23.06 29.45
C SER D 344 17.06 -22.92 29.59
N LEU D 345 17.50 -21.80 30.15
CA LEU D 345 18.91 -21.52 30.38
C LEU D 345 19.13 -21.42 31.89
N PRO D 346 19.47 -22.53 32.55
CA PRO D 346 19.50 -22.53 34.01
C PRO D 346 20.52 -21.56 34.61
N GLY D 347 21.66 -21.35 33.94
CA GLY D 347 22.63 -20.41 34.46
C GLY D 347 22.13 -18.98 34.46
N ALA D 348 21.52 -18.55 33.35
CA ALA D 348 21.01 -17.19 33.28
C ALA D 348 19.79 -17.00 34.17
N GLU D 349 18.93 -18.02 34.28
CA GLU D 349 17.74 -17.89 35.11
C GLU D 349 18.10 -17.79 36.58
N ARG D 350 19.08 -18.59 37.03
CA ARG D 350 19.54 -18.50 38.41
C ARG D 350 20.20 -17.15 38.68
N ALA D 351 20.95 -16.63 37.72
CA ALA D 351 21.63 -15.35 37.91
C ALA D 351 20.63 -14.21 38.07
N ALA D 352 19.56 -14.22 37.28
CA ALA D 352 18.56 -13.14 37.37
C ALA D 352 17.81 -13.16 38.69
N GLU D 353 17.78 -14.29 39.38
CA GLU D 353 17.06 -14.39 40.64
C GLU D 353 17.95 -14.13 41.85
N GLU D 354 19.27 -14.20 41.70
CA GLU D 354 20.18 -14.17 42.83
C GLU D 354 21.17 -13.02 42.81
N THR D 355 21.28 -12.28 41.72
CA THR D 355 22.31 -11.26 41.57
C THR D 355 21.76 -9.87 41.86
N LEU D 356 22.55 -9.06 42.55
CA LEU D 356 22.21 -7.67 42.81
C LEU D 356 23.46 -6.83 42.57
N CYS D 357 23.31 -5.74 41.83
CA CYS D 357 24.42 -4.85 41.51
C CYS D 357 24.43 -3.68 42.48
N LEU D 358 25.58 -3.49 43.12
CA LEU D 358 25.76 -2.41 44.09
C LEU D 358 26.33 -1.18 43.40
N PRO D 359 26.19 0.00 44.02
CA PRO D 359 26.76 1.21 43.42
C PRO D 359 28.26 1.09 43.23
N LEU D 360 28.72 1.48 42.03
CA LEU D 360 30.15 1.42 41.72
C LEU D 360 30.44 2.46 40.63
N HIS D 361 31.04 3.57 41.02
CA HIS D 361 31.45 4.61 40.09
C HIS D 361 32.41 5.54 40.82
N GLN D 362 33.20 6.28 40.04
CA GLN D 362 34.26 7.12 40.61
C GLN D 362 33.73 8.35 41.32
N ALA D 363 32.41 8.59 41.30
CA ALA D 363 31.83 9.70 42.04
C ALA D 363 31.48 9.34 43.47
N LEU D 364 31.49 8.06 43.82
CA LEU D 364 31.19 7.64 45.19
C LEU D 364 32.24 8.20 46.15
N SER D 365 31.76 8.83 47.22
CA SER D 365 32.65 9.28 48.27
C SER D 365 32.99 8.11 49.20
N ASP D 366 33.97 8.32 50.07
CA ASP D 366 34.27 7.32 51.09
C ASP D 366 33.09 7.12 52.02
N SER D 367 32.34 8.18 52.31
CA SER D 367 31.15 8.06 53.13
C SER D 367 30.09 7.21 52.43
N ASP D 368 29.95 7.38 51.10
CA ASP D 368 29.01 6.55 50.34
C ASP D 368 29.41 5.08 50.39
N VAL D 369 30.72 4.80 50.27
CA VAL D 369 31.18 3.41 50.26
C VAL D 369 30.89 2.75 51.61
N GLU D 370 31.15 3.45 52.71
CA GLU D 370 30.85 2.89 54.01
C GLU D 370 29.35 2.73 54.24
N THR D 371 28.54 3.59 53.62
CA THR D 371 27.09 3.45 53.73
C THR D 371 26.61 2.17 53.06
N VAL D 372 27.10 1.90 51.85
CA VAL D 372 26.70 0.69 51.13
C VAL D 372 27.11 -0.55 51.91
N ILE D 373 28.35 -0.56 52.42
CA ILE D 373 28.85 -1.74 53.14
C ILE D 373 28.04 -1.97 54.41
N GLY D 374 27.78 -0.89 55.16
CA GLY D 374 27.04 -1.04 56.40
C GLY D 374 25.61 -1.50 56.18
N GLU D 375 24.96 -0.96 55.15
CA GLU D 375 23.58 -1.35 54.88
C GLU D 375 23.47 -2.78 54.37
N VAL D 376 24.46 -3.24 53.61
CA VAL D 376 24.43 -4.62 53.14
C VAL D 376 24.67 -5.59 54.29
N ARG D 377 25.62 -5.27 55.16
CA ARG D 377 25.89 -6.12 56.32
C ARG D 377 24.69 -6.14 57.27
N ALA D 378 24.06 -4.99 57.49
CA ALA D 378 22.90 -4.95 58.36
C ALA D 378 21.69 -5.59 57.70
N GLY D 379 21.49 -5.33 56.41
CA GLY D 379 20.35 -5.90 55.71
C GLY D 379 20.40 -7.41 55.65
N LEU D 380 21.59 -7.97 55.43
CA LEU D 380 21.69 -9.42 55.33
C LEU D 380 21.58 -10.09 56.70
N ALA D 381 22.04 -9.41 57.76
CA ALA D 381 21.86 -9.97 59.10
C ALA D 381 20.38 -10.00 59.48
N ALA D 382 19.59 -9.04 59.02
CA ALA D 382 18.18 -9.01 59.36
C ALA D 382 17.36 -9.99 58.53
N LEU D 383 17.75 -10.23 57.28
CA LEU D 383 17.02 -11.11 56.38
C LEU D 383 17.48 -12.55 56.42
N THR D 384 18.47 -12.88 57.27
CA THR D 384 18.94 -14.25 57.42
C THR D 384 18.94 -14.67 58.88
N ALA D 385 18.01 -14.13 59.67
CA ALA D 385 17.92 -14.46 61.08
C ALA D 385 16.55 -15.02 61.42
#